data_3VE1
#
_entry.id   3VE1
#
_cell.length_a   128.023
_cell.length_b   153.509
_cell.length_c   169.511
_cell.angle_alpha   90.000
_cell.angle_beta   90.000
_cell.angle_gamma   90.000
#
_symmetry.space_group_name_H-M   'P 21 21 21'
#
loop_
_entity.id
_entity.type
_entity.pdbx_description
1 polymer 'Transferrin-binding protein 2'
2 polymer Serotransferrin
3 non-polymer GLYCEROL
4 non-polymer 'CARBONATE ION'
5 non-polymer 'FE (III) ION'
6 water water
#
loop_
_entity_poly.entity_id
_entity_poly.type
_entity_poly.pdbx_seq_one_letter_code
_entity_poly.pdbx_strand_id
1 'polypeptide(L)'
;GSKDQGGYGFAMRLKRRNWYPGAEESEVKLNESDWEATGLPTKPKELPKRQKSVIEKVETDGDSDIYSSPYLTPSNHQNG
SAGNGVNQPKNQATGHENFQYVYSGWFYKHAASEKDFSNKKIKSGDDGYIFYHGEKPSRQLPASGKVIYKGVWHFVTDTK
KGQDFREIIQPSKKQGDRYSGFSGDGSEEYSNKNESTLKDDHEGYGFTSNLEVDFGNKKLTGKLIRNNASLNNNTNNDKH
TTQYYSLDAQITGNRFNGTATATDKKENETKLHPFVSDSSSLSGGFFGPQGEELGFRFLSDDQKVAVVGSAKTKDKLENG
AAASGSTGAAASGGAAGTSSENSKLTTVLDAVELTLNDKKIKNLDNFSNAAQLVVDGIMIPLLPKDSESGNTQADKGKNG
GTEFTRKFEHTPESDKKDAQAGTQTNGAQTASNTAGDTNGKTKTYEVEVCCSNLNYLKYGMLTRKNSKSAMQAGGNSSQA
DAKTEQVEQSMFLQGERTDEKEIPTDQNVVYRGSWYGHIANGTSWSGNASDKEGGNRAEFTVNFADKKITGKLTAENRQA
QTFTIEGMIQGNGFEGTAKTAESGFDLDQKNTTRTPKAYITDAKVKGGFYGPKAEELGGWFAYPGDKQTEKATATSSDGN
SASSATVVFGAKRQQPVQ
;
A,C
2 'polypeptide(L)'
;VPDKTVRWCAVSEHEATKCQSFRDHMKSVIPSDGPSVACVKKASYLDCIRAIAANEADAVTLDAGLVYDAYLAPNNLKPV
VAEFYGSKEDPQTFYYAVAVVKKDSGFQMNQLRGKKSCHTGLGRSAGWNIPIGLLYCDLPEPRKPLEKAVANFFSGSCAP
CADGTDFPQLCQLCPGCGCSTLNQYFGYSGAFKCLKDGAGDVAFVKHSTIFENLANKADRDQYELLCLDNTRKPVDEYKD
CHLAQVPSHTVVARSMGGKEDLIWELLNQAQEHFGKDKSKEFQLFSSPHGKDLLFKDSAHGFLKVPPRMDAKMYLGYEYV
TAIRNLREGTCPEAPTDECKPVKWCALSHHERLKCDEWSVNSVGKIECVSAETTEDCIAKIMNGEADAMSLDGGFVYIAG
KCGLVPVLAENYDKSDNCEDTPEAGYFAVAVVKKSASDLTWDNLKGKKSCHTAVGRTAGWNIPMGLLYNKINHCRFDEFF
SEGCAPGSKKDSSLCKLCMGSGLNLCEPNNKEGYYGYTGAFRCLVEKGDVAFVKHQTVPQNTGGKNPDPWAKNLNEKDYE
LLCLDGTRKPVEEYANCHLARAPNHAVVTRKDKEACVHKILRQQQHLFGSDVTDCSGNFCLFRSETKDLLFRDDTVCLAK
LHDRNTYEKYLGEEYVKAVGNLRKCSTSSLLEACTFRRP
;
B,D
#
# COMPACT_ATOMS: atom_id res chain seq x y z
N GLN A 5 11.61 44.13 17.04
CA GLN A 5 10.20 43.87 17.31
C GLN A 5 9.66 42.90 16.25
N GLY A 6 10.50 42.66 15.24
CA GLY A 6 10.39 41.54 14.30
C GLY A 6 11.07 40.30 14.83
N GLY A 7 10.97 39.18 14.11
CA GLY A 7 11.49 37.90 14.58
C GLY A 7 11.21 36.78 13.59
N TYR A 8 11.77 35.60 13.82
CA TYR A 8 11.55 34.49 12.91
C TYR A 8 10.13 33.91 13.09
N GLY A 9 9.58 34.07 14.28
CA GLY A 9 8.26 33.55 14.57
C GLY A 9 7.84 33.73 16.02
N PHE A 10 6.56 33.51 16.28
CA PHE A 10 5.99 33.68 17.60
C PHE A 10 4.99 32.58 17.93
N ALA A 11 4.85 32.26 19.21
CA ALA A 11 3.84 31.32 19.64
C ALA A 11 3.09 31.83 20.85
N MET A 12 1.87 31.35 21.03
CA MET A 12 1.03 31.68 22.18
C MET A 12 0.50 30.38 22.78
N ARG A 13 0.66 30.22 24.08
CA ARG A 13 0.27 28.98 24.76
C ARG A 13 -1.17 28.99 25.26
N LEU A 14 -1.87 27.86 25.13
CA LEU A 14 -3.24 27.80 25.66
C LEU A 14 -3.25 28.15 27.16
N LYS A 15 -4.31 28.82 27.61
CA LYS A 15 -4.47 29.11 29.04
C LYS A 15 -5.32 28.05 29.73
N ARG A 16 -4.95 27.69 30.95
CA ARG A 16 -5.80 26.84 31.76
C ARG A 16 -6.19 27.56 33.03
N ARG A 17 -7.47 27.81 33.20
CA ARG A 17 -7.96 28.58 34.36
C ARG A 17 -7.96 27.74 35.64
N ASN A 18 -7.72 28.38 36.77
CA ASN A 18 -7.72 27.62 38.02
C ASN A 18 -9.14 27.59 38.61
N TRP A 19 -9.73 26.39 38.64
CA TRP A 19 -11.09 26.16 39.12
C TRP A 19 -11.21 25.69 40.57
N TYR A 20 -10.09 25.64 41.29
CA TYR A 20 -10.05 24.98 42.60
C TYR A 20 -11.18 25.49 43.46
N PRO A 21 -12.07 24.59 43.93
CA PRO A 21 -13.31 25.17 44.48
C PRO A 21 -13.04 26.14 45.63
N GLY A 22 -13.58 27.36 45.51
CA GLY A 22 -13.40 28.43 46.47
C GLY A 22 -12.18 29.33 46.25
N ALA A 23 -11.15 28.81 45.61
CA ALA A 23 -9.95 29.57 45.19
C ALA A 23 -10.01 29.99 43.72
N GLU A 24 -11.15 29.73 43.08
CA GLU A 24 -11.32 29.84 41.63
C GLU A 24 -10.92 31.20 41.01
N GLU A 25 -10.06 31.15 40.00
CA GLU A 25 -9.75 32.33 39.17
C GLU A 25 -10.94 32.62 38.26
N SER A 26 -11.46 33.83 38.30
CA SER A 26 -12.63 34.13 37.48
C SER A 26 -12.27 34.10 35.99
N GLU A 27 -11.14 34.69 35.63
CA GLU A 27 -10.70 34.67 34.27
C GLU A 27 -9.18 34.69 34.16
N VAL A 28 -8.68 34.17 33.04
CA VAL A 28 -7.29 34.39 32.66
C VAL A 28 -7.30 35.05 31.30
N LYS A 29 -6.82 36.30 31.23
CA LYS A 29 -6.76 36.97 29.94
C LYS A 29 -5.42 36.73 29.23
N LEU A 30 -5.30 37.25 28.01
CA LEU A 30 -4.07 37.09 27.22
C LEU A 30 -3.31 38.39 27.25
N ASN A 31 -1.98 38.33 27.22
CA ASN A 31 -1.24 39.56 27.12
C ASN A 31 -0.25 39.60 26.00
N GLU A 32 0.38 40.75 25.78
CA GLU A 32 1.40 40.85 24.74
C GLU A 32 2.66 40.24 25.32
N SER A 33 2.66 40.08 26.64
CA SER A 33 3.78 39.46 27.36
C SER A 33 3.83 37.96 27.08
N ASP A 34 2.73 37.42 26.59
CA ASP A 34 2.54 35.98 26.40
C ASP A 34 3.08 35.44 25.06
N TRP A 35 3.38 36.33 24.14
CA TRP A 35 4.05 35.88 22.94
C TRP A 35 5.45 35.33 23.30
N GLU A 36 5.78 34.16 22.77
CA GLU A 36 7.13 33.57 22.92
C GLU A 36 7.81 33.53 21.56
N ALA A 37 9.09 33.88 21.50
CA ALA A 37 9.82 33.78 20.24
C ALA A 37 10.04 32.33 19.83
N THR A 38 9.75 31.98 18.60
CA THR A 38 10.03 30.62 18.20
C THR A 38 11.51 30.40 17.85
N GLY A 39 12.19 31.46 17.43
CA GLY A 39 13.56 31.27 16.98
C GLY A 39 13.52 30.65 15.60
N LEU A 40 14.64 30.69 14.91
CA LEU A 40 14.70 30.25 13.52
C LEU A 40 14.47 28.74 13.39
N PRO A 41 13.44 28.33 12.62
CA PRO A 41 13.26 26.91 12.37
C PRO A 41 14.36 26.34 11.46
N THR A 42 14.79 25.11 11.70
CA THR A 42 15.70 24.42 10.79
C THR A 42 14.90 23.94 9.60
N LYS A 43 13.78 23.29 9.91
CA LYS A 43 12.72 22.92 8.96
C LYS A 43 11.40 23.59 9.33
N PRO A 44 10.93 24.52 8.50
CA PRO A 44 9.72 25.29 8.79
C PRO A 44 8.49 24.41 9.04
N LYS A 45 8.37 23.27 8.38
CA LYS A 45 7.19 22.42 8.47
C LYS A 45 7.13 21.69 9.83
N GLU A 46 8.27 21.62 10.51
CA GLU A 46 8.34 21.04 11.86
C GLU A 46 7.91 22.01 12.95
N LEU A 47 7.48 21.47 14.09
CA LEU A 47 7.12 22.29 15.24
C LEU A 47 8.30 23.13 15.76
N PRO A 48 8.02 24.33 16.33
CA PRO A 48 9.13 25.11 16.93
C PRO A 48 9.78 24.38 18.10
N LYS A 49 11.11 24.26 18.12
CA LYS A 49 11.80 23.42 19.11
C LYS A 49 11.43 23.77 20.53
N ARG A 50 11.61 25.03 20.89
CA ARG A 50 11.49 25.40 22.29
C ARG A 50 10.15 24.95 22.82
N GLN A 51 9.08 25.36 22.17
CA GLN A 51 7.73 25.04 22.63
C GLN A 51 7.38 23.54 22.52
N LYS A 52 7.82 22.87 21.47
CA LYS A 52 7.61 21.43 21.36
C LYS A 52 8.23 20.72 22.56
N SER A 53 9.46 21.11 22.87
CA SER A 53 10.17 20.58 24.00
C SER A 53 9.39 20.80 25.31
N VAL A 54 8.65 21.90 25.39
CA VAL A 54 7.77 22.13 26.55
C VAL A 54 6.58 21.16 26.59
N ILE A 55 5.91 20.98 25.46
CA ILE A 55 4.73 20.13 25.42
C ILE A 55 5.11 18.66 25.61
N GLU A 56 6.26 18.28 25.08
CA GLU A 56 6.74 16.92 25.29
C GLU A 56 6.79 16.58 26.78
N LYS A 57 7.24 17.52 27.60
CA LYS A 57 7.45 17.21 28.99
C LYS A 57 6.15 17.25 29.81
N VAL A 58 5.05 17.59 29.13
CA VAL A 58 3.74 17.66 29.79
C VAL A 58 3.11 16.30 30.06
N GLU A 59 2.63 16.11 31.29
CA GLU A 59 2.02 14.85 31.69
C GLU A 59 0.62 14.67 31.11
N THR A 60 0.27 13.42 30.78
CA THR A 60 -1.06 13.07 30.22
C THR A 60 -1.64 11.85 30.93
N ASP A 61 -2.96 11.59 30.84
CA ASP A 61 -3.39 10.27 31.32
C ASP A 61 -3.64 9.38 30.12
N GLY A 62 -2.62 8.65 29.70
CA GLY A 62 -2.74 7.64 28.67
C GLY A 62 -2.86 8.04 27.22
N ASP A 63 -3.13 9.32 26.93
CA ASP A 63 -2.97 9.79 25.55
C ASP A 63 -1.76 10.70 25.56
N SER A 64 -0.66 10.18 25.04
CA SER A 64 0.63 10.84 25.16
C SER A 64 0.95 11.57 23.88
N ASP A 65 0.06 11.47 22.92
CA ASP A 65 0.33 11.94 21.58
C ASP A 65 0.24 13.43 21.49
N ILE A 66 1.14 14.03 20.71
CA ILE A 66 1.01 15.43 20.35
C ILE A 66 0.27 15.55 19.03
N TYR A 67 -0.92 16.11 19.10
CA TYR A 67 -1.70 16.39 17.91
C TYR A 67 -1.31 17.74 17.32
N SER A 68 -1.25 17.83 15.99
CA SER A 68 -0.96 19.11 15.35
C SER A 68 -1.73 19.40 14.06
N SER A 69 -1.52 20.58 13.50
CA SER A 69 -2.18 20.94 12.25
C SER A 69 -1.79 19.93 11.18
N PRO A 70 -2.75 19.59 10.30
CA PRO A 70 -2.64 18.44 9.38
C PRO A 70 -1.49 18.51 8.41
N TYR A 71 -1.02 19.71 8.07
CA TYR A 71 0.06 19.86 7.12
C TYR A 71 1.43 19.97 7.80
N LEU A 72 1.44 20.03 9.13
CA LEU A 72 2.70 20.02 9.89
C LEU A 72 3.30 18.60 9.93
N THR A 73 4.63 18.51 10.04
CA THR A 73 5.26 17.20 10.25
C THR A 73 4.95 16.72 11.67
N PRO A 74 4.23 15.58 11.77
CA PRO A 74 3.65 15.16 13.05
C PRO A 74 4.70 14.56 13.97
N SER A 75 4.58 14.66 15.30
CA SER A 75 5.21 13.63 16.12
C SER A 75 4.38 13.11 17.31
N ASN A 76 3.87 11.89 17.25
CA ASN A 76 3.43 11.27 16.00
C ASN A 76 1.95 10.94 16.19
N HIS A 77 1.22 10.70 15.11
CA HIS A 77 -0.12 10.15 15.25
C HIS A 77 -0.54 9.32 14.02
N VAL A 86 -8.48 10.42 -0.09
CA VAL A 86 -8.84 9.54 1.04
C VAL A 86 -9.77 10.23 2.08
N ASN A 87 -9.20 10.66 3.22
CA ASN A 87 -9.98 11.09 4.41
C ASN A 87 -9.30 12.24 5.18
N GLN A 88 -9.76 12.53 6.40
CA GLN A 88 -8.91 13.30 7.31
C GLN A 88 -8.93 14.81 7.08
N PRO A 89 -8.65 15.56 8.15
CA PRO A 89 -8.84 17.01 8.18
C PRO A 89 -7.84 17.78 7.30
N LYS A 90 -8.36 18.72 6.52
CA LYS A 90 -7.55 19.62 5.72
C LYS A 90 -7.71 21.03 6.24
N ASN A 91 -6.61 21.77 6.27
CA ASN A 91 -6.68 23.22 6.37
C ASN A 91 -5.78 23.85 5.29
N GLN A 92 -6.40 24.45 4.28
CA GLN A 92 -5.65 25.14 3.24
C GLN A 92 -6.52 26.12 2.45
N ALA A 93 -5.87 27.10 1.83
CA ALA A 93 -6.54 27.97 0.86
C ALA A 93 -6.27 27.40 -0.53
N THR A 94 -7.33 27.17 -1.29
CA THR A 94 -7.21 26.47 -2.57
C THR A 94 -6.24 27.22 -3.44
N GLY A 95 -5.32 26.50 -4.05
CA GLY A 95 -4.40 27.07 -5.00
C GLY A 95 -3.22 27.75 -4.34
N HIS A 96 -3.32 28.10 -3.05
CA HIS A 96 -2.07 28.33 -2.36
C HIS A 96 -1.87 27.33 -1.22
N GLU A 97 -1.44 26.12 -1.55
CA GLU A 97 -1.20 25.14 -0.52
C GLU A 97 0.25 24.92 -0.17
N ASN A 98 1.17 25.36 -1.03
CA ASN A 98 2.51 24.78 -0.90
C ASN A 98 3.52 25.74 -0.34
N PHE A 99 3.82 25.54 0.92
CA PHE A 99 4.57 26.52 1.67
C PHE A 99 5.98 25.99 1.79
N GLN A 100 6.93 26.89 1.69
CA GLN A 100 8.35 26.57 1.71
C GLN A 100 8.96 27.21 2.93
N TYR A 101 8.82 28.54 2.96
CA TYR A 101 9.39 29.41 3.98
C TYR A 101 8.65 29.59 5.30
N VAL A 102 7.32 29.62 5.27
CA VAL A 102 6.59 29.94 6.48
C VAL A 102 5.50 28.94 6.83
N TYR A 103 5.37 28.63 8.11
CA TYR A 103 4.23 27.83 8.56
C TYR A 103 3.58 28.44 9.79
N SER A 104 2.26 28.35 9.85
CA SER A 104 1.55 28.65 11.08
C SER A 104 0.73 27.40 11.45
N GLY A 105 0.32 27.30 12.71
CA GLY A 105 -0.55 26.22 13.09
C GLY A 105 -0.58 26.03 14.57
N TRP A 106 -1.06 24.87 14.98
CA TRP A 106 -1.14 24.57 16.39
C TRP A 106 -0.65 23.17 16.68
N PHE A 107 -0.25 22.93 17.93
CA PHE A 107 -0.03 21.59 18.45
C PHE A 107 -0.38 21.55 19.93
N TYR A 108 -0.90 20.41 20.36
CA TYR A 108 -1.31 20.26 21.75
C TYR A 108 -1.30 18.81 22.15
N LYS A 109 -1.38 18.54 23.46
CA LYS A 109 -1.81 17.21 23.90
C LYS A 109 -2.91 17.31 24.94
N HIS A 110 -3.58 16.21 25.27
CA HIS A 110 -4.65 16.32 26.26
C HIS A 110 -3.94 16.08 27.58
N ALA A 111 -3.70 17.15 28.30
CA ALA A 111 -2.81 17.07 29.43
C ALA A 111 -3.58 16.56 30.62
N ALA A 112 -2.88 15.93 31.55
CA ALA A 112 -3.52 15.61 32.80
C ALA A 112 -3.81 16.92 33.55
N SER A 113 -4.74 16.87 34.49
CA SER A 113 -5.01 18.01 35.38
C SER A 113 -3.73 18.29 36.12
N GLU A 114 -3.43 19.56 36.38
CA GLU A 114 -2.30 19.89 37.22
C GLU A 114 -2.84 20.27 38.60
N LYS A 115 -2.54 19.47 39.61
CA LYS A 115 -2.99 19.76 40.98
C LYS A 115 -1.87 20.11 41.97
N ASP A 116 -1.86 21.34 42.49
CA ASP A 116 -1.16 21.65 43.72
C ASP A 116 -2.21 22.06 44.75
N PHE A 117 -2.47 21.20 45.73
CA PHE A 117 -3.56 21.45 46.67
C PHE A 117 -3.05 22.23 47.88
N SER A 118 -1.74 22.37 47.97
CA SER A 118 -1.11 23.16 49.02
C SER A 118 -1.35 24.63 48.72
N ASN A 119 -1.37 24.95 47.44
CA ASN A 119 -1.70 26.29 46.97
C ASN A 119 -3.14 26.49 46.46
N LYS A 120 -3.97 25.45 46.59
CA LYS A 120 -5.35 25.48 46.08
C LYS A 120 -5.42 25.79 44.57
N LYS A 121 -4.88 24.89 43.77
CA LYS A 121 -4.83 25.08 42.33
C LYS A 121 -5.10 23.77 41.58
N ILE A 122 -5.99 23.83 40.59
CA ILE A 122 -6.10 22.80 39.56
C ILE A 122 -6.35 23.46 38.25
N LYS A 123 -5.55 23.10 37.26
CA LYS A 123 -5.83 23.51 35.92
C LYS A 123 -6.15 22.22 35.14
N SER A 124 -7.16 22.26 34.27
CA SER A 124 -7.61 21.06 33.56
C SER A 124 -7.70 21.37 32.09
N GLY A 125 -7.69 20.37 31.23
CA GLY A 125 -7.86 20.64 29.81
C GLY A 125 -6.61 20.57 28.96
N ASP A 126 -6.79 20.77 27.66
CA ASP A 126 -5.70 20.55 26.71
C ASP A 126 -4.55 21.54 26.96
N ASP A 127 -3.36 21.19 26.50
CA ASP A 127 -2.24 22.09 26.62
C ASP A 127 -1.49 22.12 25.28
N GLY A 128 -1.14 23.31 24.83
CA GLY A 128 -0.44 23.45 23.56
C GLY A 128 -0.26 24.90 23.18
N TYR A 129 0.10 25.11 21.90
CA TYR A 129 0.44 26.43 21.38
C TYR A 129 -0.16 26.63 20.01
N ILE A 130 -0.45 27.90 19.67
CA ILE A 130 -0.55 28.33 18.27
C ILE A 130 0.70 29.11 17.97
N PHE A 131 1.18 29.01 16.73
CA PHE A 131 2.44 29.66 16.36
C PHE A 131 2.53 29.88 14.84
N TYR A 132 3.46 30.78 14.47
CA TYR A 132 3.97 30.81 13.11
C TYR A 132 5.47 31.09 13.15
N HIS A 133 6.18 30.51 12.21
CA HIS A 133 7.60 30.80 12.02
C HIS A 133 7.99 30.64 10.55
N GLY A 134 9.07 31.30 10.17
CA GLY A 134 9.55 31.22 8.80
C GLY A 134 11.04 31.37 8.76
N GLU A 135 11.64 30.99 7.65
CA GLU A 135 13.08 31.15 7.46
C GLU A 135 13.29 32.09 6.27
N LYS A 136 14.48 32.70 6.20
CA LYS A 136 14.84 33.62 5.12
C LYS A 136 13.89 34.81 4.98
N PRO A 137 13.83 35.68 6.01
CA PRO A 137 13.07 36.92 5.88
C PRO A 137 13.56 37.70 4.65
N SER A 138 12.63 38.17 3.82
CA SER A 138 12.99 38.72 2.52
C SER A 138 13.86 39.98 2.55
N ARG A 139 14.92 40.01 1.74
CA ARG A 139 15.64 41.25 1.50
C ARG A 139 15.22 41.97 0.19
N GLN A 140 14.30 41.35 -0.56
CA GLN A 140 13.78 41.93 -1.79
C GLN A 140 12.29 41.73 -1.92
N LEU A 141 11.64 42.68 -2.59
CA LEU A 141 10.20 42.65 -2.78
C LEU A 141 9.86 43.16 -4.17
N PRO A 142 8.68 42.79 -4.66
CA PRO A 142 8.21 43.39 -5.90
C PRO A 142 8.19 44.91 -5.75
N ALA A 143 8.65 45.64 -6.77
CA ALA A 143 8.78 47.08 -6.68
C ALA A 143 7.43 47.80 -6.84
N SER A 144 6.43 47.08 -7.33
CA SER A 144 5.05 47.57 -7.37
C SER A 144 4.06 46.46 -7.66
N GLY A 145 2.79 46.82 -7.78
CA GLY A 145 1.77 45.87 -8.16
C GLY A 145 0.96 45.39 -6.98
N LYS A 146 -0.24 44.87 -7.24
CA LYS A 146 -1.02 44.26 -6.19
C LYS A 146 -0.91 42.77 -6.36
N VAL A 147 -0.84 42.04 -5.24
CA VAL A 147 -0.59 40.61 -5.30
C VAL A 147 -1.47 39.92 -4.29
N ILE A 148 -2.09 38.82 -4.70
CA ILE A 148 -2.92 37.99 -3.81
C ILE A 148 -2.09 36.98 -3.00
N TYR A 149 -2.27 37.04 -1.69
CA TYR A 149 -1.73 36.04 -0.79
C TYR A 149 -2.88 35.31 -0.14
N LYS A 150 -2.90 34.00 -0.23
CA LYS A 150 -3.89 33.24 0.53
C LYS A 150 -3.20 32.27 1.46
N GLY A 151 -3.91 31.81 2.47
CA GLY A 151 -3.27 31.05 3.52
C GLY A 151 -4.26 30.61 4.57
N VAL A 152 -3.75 30.37 5.77
CA VAL A 152 -4.58 29.87 6.85
C VAL A 152 -4.45 30.77 8.09
N TRP A 153 -5.37 30.63 9.03
CA TRP A 153 -5.16 31.25 10.34
C TRP A 153 -5.62 30.39 11.51
N HIS A 154 -5.20 30.76 12.72
CA HIS A 154 -5.51 29.97 13.92
C HIS A 154 -5.63 30.91 15.08
N PHE A 155 -6.34 30.47 16.12
CA PHE A 155 -6.60 31.37 17.25
C PHE A 155 -6.50 30.64 18.58
N VAL A 156 -6.37 31.41 19.64
CA VAL A 156 -6.47 30.87 20.99
C VAL A 156 -7.17 31.93 21.86
N THR A 157 -8.14 31.53 22.67
CA THR A 157 -8.91 32.55 23.39
C THR A 157 -8.46 32.65 24.83
N ASP A 158 -9.03 33.61 25.54
CA ASP A 158 -8.81 33.68 26.99
C ASP A 158 -9.69 32.64 27.66
N THR A 159 -9.65 32.57 28.97
CA THR A 159 -10.60 31.73 29.69
C THR A 159 -11.29 32.57 30.73
N LYS A 160 -12.60 32.40 30.81
CA LYS A 160 -13.42 33.10 31.77
C LYS A 160 -14.46 32.13 32.28
N LYS A 161 -14.69 32.17 33.59
CA LYS A 161 -15.68 31.29 34.20
C LYS A 161 -17.04 31.54 33.56
N GLY A 162 -17.67 30.46 33.07
CA GLY A 162 -18.96 30.54 32.41
C GLY A 162 -18.94 30.82 30.92
N GLN A 163 -17.74 31.00 30.37
CA GLN A 163 -17.61 31.44 28.99
C GLN A 163 -17.68 30.26 28.04
N ASP A 164 -18.38 30.44 26.92
CA ASP A 164 -18.36 29.41 25.89
C ASP A 164 -18.54 30.01 24.51
N PHE A 165 -17.90 29.46 23.49
CA PHE A 165 -18.26 29.92 22.17
C PHE A 165 -18.89 28.80 21.36
N ARG A 166 -20.23 28.83 21.29
CA ARG A 166 -20.99 27.67 20.81
C ARG A 166 -20.97 27.56 19.30
N GLU A 167 -20.71 28.69 18.63
CA GLU A 167 -20.73 28.75 17.18
C GLU A 167 -19.45 28.24 16.56
N ILE A 168 -18.39 28.15 17.36
CA ILE A 168 -17.09 27.66 16.89
C ILE A 168 -16.69 26.33 17.55
N ILE A 169 -16.56 26.32 18.87
CA ILE A 169 -16.26 25.10 19.63
C ILE A 169 -17.42 24.62 20.52
N GLN A 170 -17.82 23.35 20.35
CA GLN A 170 -18.89 22.79 21.17
C GLN A 170 -18.39 22.53 22.58
N PRO A 171 -18.97 23.21 23.56
CA PRO A 171 -18.30 23.27 24.86
C PRO A 171 -18.51 22.05 25.77
N SER A 172 -18.30 20.83 25.27
CA SER A 172 -18.38 19.66 26.15
C SER A 172 -17.19 19.55 27.14
N LYS A 173 -16.04 20.13 26.77
CA LYS A 173 -14.86 20.19 27.65
C LYS A 173 -14.71 21.51 28.41
N LYS A 174 -15.72 22.37 28.32
CA LYS A 174 -15.68 23.71 28.90
C LYS A 174 -14.62 24.60 28.25
N GLN A 175 -14.54 24.53 26.93
CA GLN A 175 -13.58 25.33 26.17
C GLN A 175 -13.99 26.80 26.23
N GLY A 176 -13.05 27.63 26.66
CA GLY A 176 -13.31 29.03 26.89
C GLY A 176 -13.55 29.32 28.36
N ASP A 177 -13.69 28.25 29.13
CA ASP A 177 -13.96 28.34 30.56
C ASP A 177 -12.78 27.76 31.36
N ARG A 178 -12.59 26.45 31.24
CA ARG A 178 -11.49 25.76 31.93
C ARG A 178 -10.14 25.90 31.24
N TYR A 179 -10.16 25.84 29.91
CA TYR A 179 -8.97 26.09 29.13
C TYR A 179 -9.32 26.83 27.84
N SER A 180 -8.32 27.42 27.19
CA SER A 180 -8.57 28.27 26.04
C SER A 180 -9.37 27.55 24.96
N GLY A 181 -10.27 28.29 24.31
CA GLY A 181 -10.79 27.86 23.03
C GLY A 181 -9.67 28.05 22.03
N PHE A 182 -9.49 27.08 21.12
CA PHE A 182 -8.47 27.24 20.09
C PHE A 182 -8.88 26.48 18.84
N SER A 183 -8.33 26.88 17.69
CA SER A 183 -8.84 26.36 16.42
C SER A 183 -8.46 24.90 16.21
N GLY A 184 -7.62 24.37 17.08
CA GLY A 184 -7.22 22.98 16.99
C GLY A 184 -8.15 22.04 17.75
N ASP A 185 -9.00 22.58 18.62
CA ASP A 185 -9.80 21.76 19.50
C ASP A 185 -10.55 20.72 18.71
N GLY A 186 -10.60 19.51 19.26
CA GLY A 186 -11.30 18.41 18.63
C GLY A 186 -12.79 18.68 18.56
N SER A 187 -13.27 19.54 19.44
CA SER A 187 -14.70 19.80 19.55
C SER A 187 -15.15 20.93 18.62
N GLU A 188 -14.25 21.39 17.73
CA GLU A 188 -14.61 22.52 16.89
C GLU A 188 -15.27 21.91 15.66
N GLU A 189 -16.61 22.01 15.63
CA GLU A 189 -17.42 21.31 14.61
C GLU A 189 -17.96 21.97 13.33
N TYR A 190 -17.87 23.29 13.21
CA TYR A 190 -18.58 23.90 12.10
C TYR A 190 -17.77 24.23 10.84
N SER A 191 -16.47 23.95 10.82
CA SER A 191 -15.74 24.16 9.56
C SER A 191 -15.95 23.00 8.59
N ASN A 192 -15.45 23.16 7.36
CA ASN A 192 -15.56 22.14 6.31
C ASN A 192 -14.34 21.26 6.25
N LYS A 193 -13.46 21.40 7.25
CA LYS A 193 -12.16 20.71 7.28
C LYS A 193 -12.25 19.23 7.00
N ASN A 194 -13.35 18.61 7.37
CA ASN A 194 -13.51 17.18 7.13
C ASN A 194 -14.20 16.76 5.86
N GLU A 195 -14.56 17.70 4.98
CA GLU A 195 -15.29 17.27 3.79
C GLU A 195 -14.39 16.93 2.61
N SER A 196 -15.01 16.31 1.61
CA SER A 196 -14.28 15.80 0.45
C SER A 196 -14.39 16.67 -0.79
N THR A 197 -15.19 17.72 -0.71
CA THR A 197 -15.37 18.61 -1.86
C THR A 197 -15.71 20.04 -1.41
N LEU A 198 -15.42 20.99 -2.28
CA LEU A 198 -15.65 22.39 -1.97
C LEU A 198 -16.86 22.93 -2.76
N LYS A 199 -17.66 23.78 -2.11
CA LYS A 199 -18.65 24.58 -2.81
C LYS A 199 -17.90 25.65 -3.61
N ASP A 200 -18.55 26.23 -4.61
CA ASP A 200 -17.89 27.21 -5.48
C ASP A 200 -17.37 28.46 -4.76
N ASP A 201 -18.10 28.92 -3.75
CA ASP A 201 -17.70 30.13 -3.04
C ASP A 201 -16.77 29.87 -1.85
N HIS A 202 -16.57 28.60 -1.50
CA HIS A 202 -15.53 28.24 -0.53
C HIS A 202 -14.17 28.73 -1.01
N GLU A 203 -13.36 29.23 -0.10
CA GLU A 203 -11.99 29.58 -0.39
C GLU A 203 -11.02 28.42 -0.21
N GLY A 204 -11.50 27.35 0.40
CA GLY A 204 -10.66 26.24 0.79
C GLY A 204 -11.25 25.48 1.98
N TYR A 205 -10.38 24.80 2.73
CA TYR A 205 -10.78 24.01 3.89
C TYR A 205 -10.43 24.68 5.22
N GLY A 206 -11.40 24.76 6.11
CA GLY A 206 -11.16 25.29 7.44
C GLY A 206 -11.07 26.80 7.54
N PHE A 207 -10.18 27.31 8.40
CA PHE A 207 -9.97 28.75 8.54
C PHE A 207 -8.90 29.19 7.56
N THR A 208 -9.29 30.01 6.60
CA THR A 208 -8.38 30.45 5.55
C THR A 208 -8.27 31.96 5.53
N SER A 209 -7.11 32.46 5.09
CA SER A 209 -6.88 33.90 5.02
C SER A 209 -6.80 34.32 3.58
N ASN A 210 -7.17 35.57 3.32
CA ASN A 210 -7.04 36.16 2.00
C ASN A 210 -6.51 37.61 2.09
N LEU A 211 -5.35 37.87 1.50
CA LEU A 211 -4.83 39.23 1.53
C LEU A 211 -4.47 39.79 0.14
N GLU A 212 -4.58 41.11 -0.01
CA GLU A 212 -4.11 41.78 -1.20
C GLU A 212 -2.99 42.70 -0.76
N VAL A 213 -1.79 42.42 -1.25
CA VAL A 213 -0.66 43.26 -0.90
C VAL A 213 -0.32 44.16 -2.06
N ASP A 214 -0.34 45.47 -1.80
CA ASP A 214 -0.04 46.46 -2.81
C ASP A 214 1.37 46.93 -2.50
N PHE A 215 2.31 46.50 -3.31
CA PHE A 215 3.72 46.81 -3.10
C PHE A 215 4.06 48.19 -3.63
N GLY A 216 3.22 48.72 -4.52
CA GLY A 216 3.39 50.07 -5.00
C GLY A 216 3.07 51.09 -3.92
N ASN A 217 1.97 50.86 -3.21
CA ASN A 217 1.60 51.78 -2.17
C ASN A 217 2.06 51.36 -0.78
N LYS A 218 2.78 50.24 -0.66
CA LYS A 218 3.26 49.81 0.65
C LYS A 218 2.10 49.49 1.61
N LYS A 219 1.02 48.91 1.09
CA LYS A 219 -0.19 48.74 1.88
C LYS A 219 -0.76 47.34 1.69
N LEU A 220 -1.36 46.79 2.74
CA LEU A 220 -2.02 45.50 2.58
C LEU A 220 -3.39 45.46 3.25
N THR A 221 -4.36 44.88 2.56
CA THR A 221 -5.67 44.59 3.18
C THR A 221 -6.02 43.10 3.04
N GLY A 222 -6.97 42.61 3.83
CA GLY A 222 -7.36 41.21 3.73
C GLY A 222 -8.53 40.81 4.60
N LYS A 223 -9.02 39.59 4.39
CA LYS A 223 -10.13 39.05 5.20
C LYS A 223 -9.78 37.65 5.74
N LEU A 224 -10.12 37.40 7.00
CA LEU A 224 -9.99 36.05 7.59
C LEU A 224 -11.38 35.45 7.75
N ILE A 225 -11.59 34.26 7.20
CA ILE A 225 -12.91 33.64 7.18
C ILE A 225 -12.88 32.22 7.72
N ARG A 226 -14.03 31.66 8.03
CA ARG A 226 -14.11 30.21 8.13
C ARG A 226 -14.89 29.69 6.94
N ASN A 227 -14.44 28.55 6.42
CA ASN A 227 -15.25 27.84 5.45
C ASN A 227 -16.18 26.89 6.21
N ASN A 228 -17.49 27.13 6.08
CA ASN A 228 -18.52 26.36 6.78
C ASN A 228 -18.84 25.04 6.08
N ALA A 229 -19.33 24.06 6.85
CA ALA A 229 -19.73 22.77 6.31
C ALA A 229 -21.06 22.83 5.56
N SER A 230 -21.30 21.91 4.63
CA SER A 230 -22.64 21.74 4.05
C SER A 230 -23.14 20.28 4.00
N LEU A 231 -24.14 19.97 4.82
CA LEU A 231 -24.93 18.75 4.67
C LEU A 231 -26.40 18.87 5.08
N ASN A 232 -27.29 18.32 4.26
CA ASN A 232 -28.70 18.16 4.59
C ASN A 232 -29.30 19.40 5.25
N ASN A 233 -29.93 19.23 6.40
CA ASN A 233 -30.44 20.37 7.14
C ASN A 233 -29.27 21.30 7.46
N ASN A 234 -29.50 22.62 7.32
CA ASN A 234 -28.42 23.62 7.22
C ASN A 234 -27.90 23.94 5.82
N THR A 235 -28.36 23.24 4.79
CA THR A 235 -27.99 23.62 3.43
C THR A 235 -28.91 24.76 2.96
N ASN A 236 -29.83 25.14 3.84
CA ASN A 236 -30.70 26.30 3.61
C ASN A 236 -29.94 27.61 3.74
N ASN A 237 -28.72 27.54 4.30
CA ASN A 237 -28.04 28.75 4.78
C ASN A 237 -27.42 29.67 3.71
N ASP A 238 -27.09 29.12 2.54
CA ASP A 238 -26.76 29.95 1.40
C ASP A 238 -25.39 30.56 1.54
N LYS A 239 -24.89 30.62 2.76
CA LYS A 239 -23.58 31.20 3.02
C LYS A 239 -22.64 30.08 3.40
N HIS A 240 -21.70 29.80 2.51
CA HIS A 240 -20.74 28.73 2.73
C HIS A 240 -19.47 29.22 3.41
N THR A 241 -19.34 30.54 3.54
CA THR A 241 -18.22 31.11 4.30
C THR A 241 -18.73 32.14 5.26
N THR A 242 -17.97 32.32 6.33
CA THR A 242 -18.25 33.34 7.33
C THR A 242 -16.96 34.11 7.60
N GLN A 243 -17.05 35.43 7.55
CA GLN A 243 -15.89 36.29 7.72
C GLN A 243 -15.78 36.87 9.14
N TYR A 244 -14.76 36.50 9.89
CA TYR A 244 -14.56 37.05 11.22
C TYR A 244 -13.72 38.33 11.35
N TYR A 245 -12.96 38.67 10.33
CA TYR A 245 -12.07 39.83 10.44
C TYR A 245 -11.74 40.38 9.09
N SER A 246 -11.33 41.64 9.09
CA SER A 246 -10.62 42.22 7.97
C SER A 246 -9.33 42.80 8.54
N LEU A 247 -8.35 42.99 7.65
CA LEU A 247 -7.01 43.38 8.03
C LEU A 247 -6.57 44.59 7.25
N ASP A 248 -5.83 45.48 7.91
CA ASP A 248 -5.14 46.57 7.23
C ASP A 248 -3.77 46.75 7.86
N ALA A 249 -2.77 46.96 7.01
CA ALA A 249 -1.40 47.10 7.46
C ALA A 249 -0.55 47.99 6.58
N GLN A 250 0.34 48.74 7.22
CA GLN A 250 1.38 49.49 6.52
C GLN A 250 2.63 48.62 6.40
N ILE A 251 3.08 48.45 5.16
CA ILE A 251 4.35 47.78 4.89
C ILE A 251 5.51 48.77 5.04
N THR A 252 6.55 48.37 5.78
CA THR A 252 7.81 49.10 5.78
C THR A 252 8.94 48.06 5.71
N GLY A 253 9.74 48.09 4.64
CA GLY A 253 10.74 47.07 4.44
C GLY A 253 10.13 45.68 4.21
N ASN A 254 10.61 44.68 4.94
CA ASN A 254 10.03 43.34 4.86
C ASN A 254 8.94 43.06 5.91
N ARG A 255 8.59 44.10 6.68
CA ARG A 255 7.64 43.97 7.79
C ARG A 255 6.40 44.81 7.55
N PHE A 256 5.31 44.41 8.18
CA PHE A 256 4.10 45.23 8.11
C PHE A 256 3.38 45.36 9.45
N ASN A 257 2.68 46.48 9.61
CA ASN A 257 1.98 46.75 10.85
C ASN A 257 0.63 47.41 10.64
N GLY A 258 -0.32 47.03 11.47
CA GLY A 258 -1.70 47.42 11.23
C GLY A 258 -2.68 46.99 12.29
N THR A 259 -3.93 46.93 11.87
CA THR A 259 -5.07 46.66 12.72
C THR A 259 -5.87 45.50 12.15
N ALA A 260 -6.65 44.87 13.02
CA ALA A 260 -7.64 43.88 12.59
C ALA A 260 -9.02 44.35 13.07
N THR A 261 -10.03 44.12 12.25
CA THR A 261 -11.36 44.60 12.58
C THR A 261 -12.31 43.43 12.67
N ALA A 262 -13.00 43.33 13.80
CA ALA A 262 -13.96 42.25 14.00
C ALA A 262 -15.12 42.50 13.07
N THR A 263 -15.36 41.53 12.21
CA THR A 263 -16.34 41.64 11.14
C THR A 263 -17.76 41.34 11.59
N ASP A 264 -17.92 40.33 12.45
CA ASP A 264 -19.27 39.91 12.74
C ASP A 264 -19.65 40.47 14.12
N LYS A 265 -20.33 41.63 14.10
CA LYS A 265 -20.89 42.26 15.31
C LYS A 265 -22.27 42.85 15.01
N LYS A 266 -23.31 42.31 15.62
CA LYS A 266 -24.63 42.87 15.47
C LYS A 266 -24.91 43.80 16.65
N GLU A 267 -23.91 43.99 17.49
CA GLU A 267 -24.14 44.44 18.87
C GLU A 267 -25.11 45.62 18.85
N ASN A 268 -26.08 45.63 19.77
CA ASN A 268 -26.01 45.04 21.12
C ASN A 268 -25.97 43.53 21.36
N GLU A 269 -26.05 42.71 20.32
CA GLU A 269 -25.93 41.26 20.52
C GLU A 269 -24.63 40.83 21.21
N THR A 270 -24.81 40.05 22.29
CA THR A 270 -23.81 39.19 22.92
C THR A 270 -23.48 38.05 21.96
N LYS A 271 -22.24 37.61 21.97
CA LYS A 271 -21.78 36.71 20.92
C LYS A 271 -21.46 35.26 21.30
N LEU A 272 -21.77 34.39 20.36
CA LEU A 272 -21.55 32.97 20.50
C LEU A 272 -20.16 32.58 20.01
N HIS A 273 -19.35 33.59 19.67
CA HIS A 273 -17.95 33.36 19.33
C HIS A 273 -17.01 34.43 19.93
N PRO A 274 -15.71 34.13 19.97
CA PRO A 274 -14.66 34.98 20.55
C PRO A 274 -14.29 36.27 19.78
N PHE A 275 -14.69 36.44 18.52
CA PHE A 275 -14.09 37.52 17.75
C PHE A 275 -15.01 38.71 17.72
N VAL A 276 -14.63 39.66 18.57
CA VAL A 276 -15.50 40.72 19.03
C VAL A 276 -14.79 42.08 18.98
N SER A 277 -13.73 42.19 19.76
CA SER A 277 -12.78 43.29 19.69
C SER A 277 -11.98 43.32 18.37
N ASP A 278 -11.66 44.54 17.93
CA ASP A 278 -10.66 44.79 16.90
C ASP A 278 -9.27 44.68 17.53
N SER A 279 -8.24 44.91 16.73
CA SER A 279 -6.89 44.78 17.22
C SER A 279 -5.99 45.87 16.68
N SER A 280 -5.22 46.51 17.55
CA SER A 280 -4.18 47.42 17.10
C SER A 280 -2.78 46.81 17.05
N SER A 281 -2.67 45.54 17.39
CA SER A 281 -1.38 44.84 17.40
C SER A 281 -0.96 43.99 16.18
N LEU A 282 -1.69 44.06 15.07
CA LEU A 282 -1.35 43.25 13.88
C LEU A 282 0.09 43.45 13.39
N SER A 283 0.83 42.36 13.29
CA SER A 283 2.24 42.44 12.97
C SER A 283 2.69 41.22 12.17
N GLY A 284 3.58 41.42 11.20
CA GLY A 284 4.04 40.33 10.37
C GLY A 284 5.20 40.73 9.48
N GLY A 285 5.66 39.76 8.67
CA GLY A 285 6.74 39.99 7.73
C GLY A 285 6.71 39.09 6.50
N PHE A 286 7.47 39.48 5.48
CA PHE A 286 7.60 38.68 4.27
C PHE A 286 8.83 37.77 4.33
N PHE A 287 8.65 36.54 3.88
CA PHE A 287 9.75 35.58 3.85
C PHE A 287 9.89 35.02 2.45
N GLY A 288 11.08 34.50 2.16
CA GLY A 288 11.40 33.98 0.86
C GLY A 288 12.15 35.02 0.06
N PRO A 289 12.76 34.58 -1.05
CA PRO A 289 13.57 35.41 -1.94
C PRO A 289 12.86 36.66 -2.47
N GLN A 290 11.60 36.52 -2.90
CA GLN A 290 10.77 37.66 -3.32
C GLN A 290 9.77 38.16 -2.30
N GLY A 291 9.76 37.57 -1.13
CA GLY A 291 8.72 37.84 -0.15
C GLY A 291 7.41 37.22 -0.58
N GLU A 292 7.48 36.00 -1.10
CA GLU A 292 6.30 35.36 -1.68
C GLU A 292 5.46 34.66 -0.63
N GLU A 293 5.97 34.60 0.59
CA GLU A 293 5.22 34.08 1.72
C GLU A 293 5.26 35.09 2.88
N LEU A 294 4.30 34.99 3.79
CA LEU A 294 4.25 35.86 4.96
C LEU A 294 3.56 35.18 6.13
N GLY A 295 3.82 35.70 7.31
CA GLY A 295 3.18 35.20 8.50
C GLY A 295 2.99 36.39 9.44
N PHE A 296 2.03 36.26 10.34
CA PHE A 296 1.53 37.42 11.09
C PHE A 296 0.83 36.96 12.34
N ARG A 297 0.66 37.89 13.27
CA ARG A 297 -0.11 37.65 14.46
C ARG A 297 -0.85 38.93 14.79
N PHE A 298 -1.84 38.81 15.67
CA PHE A 298 -2.42 39.97 16.32
C PHE A 298 -3.06 39.52 17.60
N LEU A 299 -3.27 40.46 18.53
CA LEU A 299 -3.93 40.14 19.79
C LEU A 299 -5.09 41.13 19.95
N SER A 300 -6.30 40.64 20.14
CA SER A 300 -7.43 41.56 20.19
C SER A 300 -7.23 42.48 21.39
N ASP A 301 -7.83 43.67 21.33
CA ASP A 301 -7.58 44.70 22.33
C ASP A 301 -8.25 44.45 23.67
N ASP A 302 -9.33 43.66 23.68
CA ASP A 302 -9.95 43.22 24.93
C ASP A 302 -9.23 42.02 25.51
N GLN A 303 -8.21 41.57 24.77
CA GLN A 303 -7.33 40.47 25.19
C GLN A 303 -8.07 39.14 25.31
N LYS A 304 -9.17 39.03 24.56
CA LYS A 304 -9.94 37.81 24.53
C LYS A 304 -9.48 36.83 23.44
N VAL A 305 -8.70 37.31 22.48
CA VAL A 305 -8.34 36.48 21.32
C VAL A 305 -6.95 36.78 20.79
N ALA A 306 -6.23 35.73 20.37
CA ALA A 306 -4.91 35.86 19.76
C ALA A 306 -4.83 35.02 18.50
N VAL A 307 -4.30 35.61 17.44
CA VAL A 307 -4.32 34.95 16.13
C VAL A 307 -2.92 34.86 15.50
N VAL A 308 -2.64 33.75 14.84
CA VAL A 308 -1.45 33.67 13.99
C VAL A 308 -1.89 33.16 12.63
N GLY A 309 -1.15 33.54 11.60
CA GLY A 309 -1.48 33.08 10.27
C GLY A 309 -0.31 33.11 9.31
N SER A 310 -0.50 32.51 8.15
CA SER A 310 0.50 32.53 7.12
C SER A 310 -0.26 32.64 5.82
N ALA A 311 0.39 33.19 4.80
CA ALA A 311 -0.20 33.26 3.48
C ALA A 311 0.90 33.33 2.43
N LYS A 312 0.58 32.93 1.20
CA LYS A 312 1.56 32.85 0.14
C LYS A 312 0.91 33.14 -1.22
N THR A 313 1.73 33.56 -2.17
CA THR A 313 1.25 33.84 -3.52
C THR A 313 0.82 32.52 -4.19
N LYS A 314 0.05 32.59 -5.27
CA LYS A 314 -0.49 31.38 -5.89
C LYS A 314 0.60 30.34 -6.18
N ASP A 315 0.32 29.07 -5.86
CA ASP A 315 1.25 27.97 -6.20
C ASP A 315 1.50 27.89 -7.71
N LYS A 316 2.71 27.49 -8.10
CA LYS A 316 3.04 27.32 -9.51
C LYS A 316 2.44 26.03 -10.06
N LEU A 317 2.14 26.00 -11.36
CA LEU A 317 1.45 24.87 -12.01
C LEU A 317 0.31 24.29 -11.13
N SER A 343 6.87 41.97 -12.96
CA SER A 343 7.39 43.07 -12.14
C SER A 343 8.88 42.87 -11.72
N LYS A 344 9.65 43.96 -11.75
CA LYS A 344 11.02 43.98 -11.27
C LYS A 344 11.03 44.05 -9.75
N LEU A 345 12.11 43.57 -9.13
CA LEU A 345 12.21 43.62 -7.67
C LEU A 345 12.90 44.89 -7.20
N THR A 346 12.96 45.06 -5.89
CA THR A 346 13.64 46.20 -5.28
C THR A 346 14.31 45.73 -4.02
N THR A 347 15.46 46.31 -3.71
CA THR A 347 16.18 45.87 -2.53
C THR A 347 15.83 46.68 -1.30
N VAL A 348 15.25 45.99 -0.34
CA VAL A 348 14.72 46.54 0.90
C VAL A 348 15.75 46.79 2.02
N LEU A 349 16.79 45.97 2.08
CA LEU A 349 17.79 46.10 3.12
C LEU A 349 19.14 45.53 2.70
N ASP A 350 20.18 45.90 3.43
CA ASP A 350 21.49 45.24 3.35
C ASP A 350 21.85 44.75 4.73
N ALA A 351 22.25 43.50 4.85
CA ALA A 351 22.88 43.01 6.07
C ALA A 351 24.02 42.05 5.71
N VAL A 352 25.23 42.40 6.10
CA VAL A 352 26.39 41.59 5.75
C VAL A 352 27.30 41.35 6.95
N GLU A 353 27.87 40.14 7.02
CA GLU A 353 28.99 39.86 7.93
C GLU A 353 30.24 39.60 7.09
N LEU A 354 31.37 40.19 7.46
CA LEU A 354 32.61 39.95 6.75
C LEU A 354 33.60 39.35 7.70
N THR A 355 33.95 38.09 7.45
CA THR A 355 34.86 37.36 8.32
C THR A 355 36.32 37.81 8.13
N LEU A 356 36.95 38.24 9.22
CA LEU A 356 38.28 38.80 9.14
C LEU A 356 39.37 37.80 8.73
N ASN A 357 39.19 36.54 9.05
CA ASN A 357 40.26 35.58 8.77
C ASN A 357 40.31 35.14 7.30
N ASP A 358 39.26 34.46 6.86
CA ASP A 358 39.19 33.90 5.51
C ASP A 358 38.75 34.92 4.45
N LYS A 359 38.52 36.16 4.88
CA LYS A 359 38.13 37.25 3.99
C LYS A 359 36.89 36.90 3.17
N LYS A 360 35.79 36.64 3.87
CA LYS A 360 34.58 36.20 3.19
C LYS A 360 33.39 37.09 3.58
N ILE A 361 32.46 37.25 2.65
CA ILE A 361 31.25 38.02 2.92
C ILE A 361 30.04 37.09 3.01
N LYS A 362 29.34 37.13 4.14
CA LYS A 362 28.13 36.34 4.28
C LYS A 362 26.95 37.29 4.38
N ASN A 363 25.81 36.90 3.86
CA ASN A 363 24.59 37.64 4.15
C ASN A 363 24.06 37.31 5.54
N LEU A 364 23.69 38.33 6.28
CA LEU A 364 22.98 38.12 7.54
C LEU A 364 21.48 38.22 7.29
N ASP A 365 20.70 37.43 7.99
CA ASP A 365 19.26 37.69 8.00
C ASP A 365 19.05 39.01 8.74
N ASN A 366 18.02 39.74 8.36
CA ASN A 366 17.62 40.94 9.09
C ASN A 366 16.12 41.18 8.93
N PHE A 367 15.49 41.73 9.96
CA PHE A 367 14.05 42.06 10.00
C PHE A 367 13.65 43.49 9.53
N SER A 368 14.57 44.16 8.82
CA SER A 368 14.34 45.50 8.32
C SER A 368 14.35 46.40 9.53
N ASN A 369 15.25 46.07 10.45
CA ASN A 369 15.55 46.90 11.59
C ASN A 369 17.07 47.03 11.65
N ALA A 370 17.61 48.22 11.38
CA ALA A 370 19.07 48.36 11.30
C ALA A 370 19.68 48.31 12.70
N ALA A 371 18.81 48.40 13.71
CA ALA A 371 19.20 48.37 15.10
C ALA A 371 19.06 46.98 15.74
N GLN A 372 18.64 46.00 14.96
CA GLN A 372 18.55 44.63 15.44
C GLN A 372 19.53 43.77 14.64
N LEU A 373 20.61 43.33 15.27
CA LEU A 373 21.60 42.51 14.58
C LEU A 373 21.25 41.03 14.72
N VAL A 374 20.93 40.36 13.60
CA VAL A 374 20.55 38.95 13.66
C VAL A 374 21.69 38.05 13.19
N VAL A 375 22.29 37.33 14.14
CA VAL A 375 23.33 36.35 13.85
C VAL A 375 23.02 35.04 14.53
N ASP A 376 23.33 33.95 13.85
CA ASP A 376 23.20 32.64 14.45
C ASP A 376 21.82 32.51 15.10
N GLY A 377 20.82 33.03 14.40
CA GLY A 377 19.42 32.85 14.75
C GLY A 377 18.98 33.50 16.04
N ILE A 378 19.75 34.47 16.51
CA ILE A 378 19.38 35.25 17.70
C ILE A 378 19.54 36.74 17.42
N MET A 379 18.86 37.56 18.22
CA MET A 379 18.80 39.00 17.95
C MET A 379 19.49 39.83 18.99
N ILE A 380 20.58 40.49 18.60
CA ILE A 380 21.28 41.39 19.48
C ILE A 380 20.73 42.80 19.36
N PRO A 381 20.23 43.37 20.48
CA PRO A 381 19.89 44.81 20.46
C PRO A 381 21.14 45.68 20.23
N LEU A 382 21.09 46.58 19.24
CA LEU A 382 22.22 47.43 18.96
C LEU A 382 22.12 48.75 19.71
N LEU A 383 20.96 49.00 20.33
CA LEU A 383 20.78 50.20 21.15
C LEU A 383 20.59 49.87 22.63
N PRO A 384 20.97 50.81 23.51
CA PRO A 384 20.89 50.57 24.96
C PRO A 384 19.46 50.49 25.49
N LYS A 385 19.34 50.21 26.78
CA LYS A 385 18.02 50.12 27.42
C LYS A 385 17.73 51.47 28.03
N ASP A 386 18.60 51.84 28.98
CA ASP A 386 18.75 53.22 29.46
C ASP A 386 18.00 54.22 28.57
N GLU A 403 26.48 58.98 22.93
CA GLU A 403 27.89 58.86 22.58
C GLU A 403 28.08 58.13 21.23
N PHE A 404 29.25 58.32 20.62
CA PHE A 404 29.43 58.00 19.19
C PHE A 404 29.50 56.52 18.83
N THR A 405 30.57 55.86 19.26
CA THR A 405 30.80 54.45 18.96
C THR A 405 30.65 53.67 20.25
N ARG A 406 29.98 52.52 20.19
CA ARG A 406 29.55 51.78 21.39
C ARG A 406 29.93 50.27 21.43
N LYS A 407 30.52 49.84 22.54
CA LYS A 407 30.92 48.43 22.76
C LYS A 407 30.12 47.79 23.88
N PHE A 408 29.64 46.57 23.64
CA PHE A 408 29.02 45.77 24.71
C PHE A 408 29.18 44.26 24.48
N GLU A 409 28.74 43.46 25.45
CA GLU A 409 28.71 42.01 25.33
C GLU A 409 27.26 41.53 25.46
N HIS A 410 26.88 40.59 24.61
CA HIS A 410 25.54 40.02 24.68
C HIS A 410 25.64 38.52 24.88
N THR A 411 25.08 38.04 25.99
CA THR A 411 25.01 36.61 26.22
C THR A 411 23.55 36.20 26.17
N PRO A 412 23.15 35.52 25.10
CA PRO A 412 21.75 35.16 24.86
C PRO A 412 21.32 34.12 25.89
N GLU A 413 20.02 33.89 26.04
CA GLU A 413 19.56 32.78 26.86
C GLU A 413 18.28 32.11 26.37
N THR A 442 26.36 27.17 22.20
CA THR A 442 26.33 28.40 22.99
C THR A 442 27.52 29.32 22.66
N LYS A 443 27.32 30.62 22.89
CA LYS A 443 28.32 31.64 22.58
C LYS A 443 28.10 32.97 23.33
N THR A 444 29.15 33.79 23.38
CA THR A 444 29.05 35.17 23.83
C THR A 444 29.56 36.13 22.73
N TYR A 445 28.76 37.14 22.40
CA TYR A 445 29.09 38.04 21.31
C TYR A 445 29.63 39.36 21.84
N GLU A 446 30.70 39.84 21.22
CA GLU A 446 31.28 41.13 21.59
C GLU A 446 31.17 42.12 20.42
N VAL A 447 30.46 43.22 20.67
CA VAL A 447 29.95 44.08 19.60
C VAL A 447 30.35 45.55 19.74
N GLU A 448 31.01 46.07 18.71
CA GLU A 448 31.30 47.50 18.63
C GLU A 448 30.53 48.09 17.45
N VAL A 449 29.68 49.07 17.71
CA VAL A 449 28.75 49.56 16.71
C VAL A 449 28.72 51.10 16.55
N CYS A 450 28.89 51.55 15.31
CA CYS A 450 28.77 52.96 14.94
C CYS A 450 27.52 53.09 14.07
N CYS A 451 26.85 54.24 14.09
CA CYS A 451 27.22 55.44 14.83
C CYS A 451 25.96 56.01 15.50
N SER A 452 26.17 56.94 16.42
CA SER A 452 25.09 57.55 17.19
C SER A 452 24.21 58.48 16.36
N ASN A 453 24.75 58.96 15.24
CA ASN A 453 24.01 59.85 14.37
C ASN A 453 23.35 59.13 13.19
N LEU A 454 23.50 57.81 13.12
CA LEU A 454 22.88 57.05 12.04
C LEU A 454 21.66 56.25 12.51
N ASN A 455 20.47 56.66 12.08
CA ASN A 455 19.24 55.94 12.38
C ASN A 455 18.87 54.75 11.50
N TYR A 456 19.20 54.82 10.22
CA TYR A 456 18.83 53.76 9.29
C TYR A 456 19.93 52.73 8.91
N LEU A 457 21.11 52.92 9.50
CA LEU A 457 22.29 52.12 9.19
C LEU A 457 23.13 51.95 10.46
N LYS A 458 23.70 50.77 10.64
CA LYS A 458 24.65 50.52 11.72
C LYS A 458 25.76 49.64 11.18
N TYR A 459 27.00 49.89 11.59
CA TYR A 459 28.11 49.03 11.17
C TYR A 459 29.14 48.91 12.28
N GLY A 460 29.96 47.87 12.24
CA GLY A 460 30.99 47.71 13.26
C GLY A 460 31.64 46.34 13.30
N MET A 461 32.21 46.02 14.46
CA MET A 461 32.90 44.74 14.68
C MET A 461 31.99 43.80 15.45
N LEU A 462 31.98 42.53 15.04
CA LEU A 462 31.27 41.46 15.76
C LEU A 462 32.26 40.34 16.09
N THR A 463 32.41 39.98 17.36
CA THR A 463 33.33 38.90 17.69
C THR A 463 32.67 37.79 18.54
N ARG A 464 33.00 36.54 18.22
CA ARG A 464 32.35 35.38 18.81
C ARG A 464 33.27 34.64 19.78
N LYS A 465 32.74 34.30 20.97
CA LYS A 465 33.44 33.44 21.93
C LYS A 465 32.48 32.62 22.81
N ASN A 466 33.03 31.93 23.81
CA ASN A 466 32.26 30.96 24.60
C ASN A 466 31.94 31.39 26.03
N GLN A 486 39.40 30.05 20.32
CA GLN A 486 38.34 30.42 21.23
C GLN A 486 37.57 31.66 20.75
N VAL A 487 38.10 32.33 19.71
CA VAL A 487 37.59 33.63 19.28
C VAL A 487 37.54 33.79 17.76
N GLU A 488 36.38 34.19 17.24
CA GLU A 488 36.22 34.38 15.80
C GLU A 488 35.97 35.86 15.49
N GLN A 489 36.43 36.32 14.34
CA GLN A 489 36.47 37.76 14.07
C GLN A 489 35.67 38.16 12.85
N SER A 490 34.88 39.22 12.98
CA SER A 490 34.02 39.70 11.88
C SER A 490 33.74 41.19 11.96
N MET A 491 33.38 41.79 10.84
CA MET A 491 32.74 43.09 10.86
C MET A 491 31.38 43.03 10.19
N PHE A 492 30.48 43.92 10.58
CA PHE A 492 29.11 43.87 10.07
C PHE A 492 28.60 45.23 9.62
N LEU A 493 27.70 45.21 8.63
CA LEU A 493 27.00 46.42 8.22
C LEU A 493 25.57 46.08 7.83
N GLN A 494 24.63 46.87 8.30
CA GLN A 494 23.25 46.65 7.89
C GLN A 494 22.52 47.96 7.90
N GLY A 495 21.64 48.15 6.93
CA GLY A 495 20.89 49.39 6.80
C GLY A 495 19.56 49.09 6.14
N GLU A 496 18.58 49.96 6.32
CA GLU A 496 17.31 49.83 5.63
C GLU A 496 17.32 50.75 4.43
N ARG A 497 17.28 50.17 3.24
CA ARG A 497 17.40 50.95 2.01
C ARG A 497 16.28 51.99 1.89
N THR A 498 16.60 53.11 1.25
CA THR A 498 15.58 54.10 0.96
C THR A 498 14.69 53.57 -0.18
N ASP A 499 13.42 53.97 -0.19
CA ASP A 499 12.52 53.57 -1.25
C ASP A 499 13.11 54.02 -2.59
N GLU A 500 13.08 53.14 -3.57
CA GLU A 500 13.63 53.43 -4.89
C GLU A 500 13.02 54.73 -5.46
N LYS A 501 11.82 55.07 -4.99
CA LYS A 501 11.09 56.26 -5.44
C LYS A 501 11.58 57.55 -4.78
N GLU A 502 12.06 57.43 -3.55
CA GLU A 502 12.46 58.55 -2.72
C GLU A 502 13.91 59.00 -2.98
N ILE A 503 14.58 58.36 -3.94
CA ILE A 503 15.97 58.68 -4.20
C ILE A 503 16.16 60.11 -4.72
N PRO A 504 17.08 60.88 -4.12
CA PRO A 504 17.43 62.25 -4.53
C PRO A 504 17.83 62.37 -6.02
N THR A 505 17.50 63.46 -6.67
CA THR A 505 18.15 63.77 -7.95
C THR A 505 19.29 64.80 -7.88
N ASP A 506 19.56 65.39 -6.71
CA ASP A 506 20.57 66.45 -6.60
C ASP A 506 21.92 66.00 -7.19
N GLN A 507 22.53 66.86 -7.99
CA GLN A 507 23.75 66.48 -8.68
C GLN A 507 25.02 66.60 -7.82
N ASN A 508 24.97 67.37 -6.74
CA ASN A 508 26.12 67.37 -5.83
C ASN A 508 25.65 67.24 -4.40
N VAL A 509 25.95 66.11 -3.79
CA VAL A 509 25.51 65.84 -2.43
C VAL A 509 26.68 65.24 -1.67
N VAL A 510 27.07 65.86 -0.56
CA VAL A 510 28.22 65.38 0.23
C VAL A 510 27.86 64.55 1.45
N TYR A 511 28.43 63.36 1.57
CA TYR A 511 28.28 62.51 2.76
C TYR A 511 29.58 62.40 3.55
N ARG A 512 29.48 62.48 4.88
CA ARG A 512 30.65 62.34 5.73
C ARG A 512 30.39 61.34 6.83
N GLY A 513 31.43 60.61 7.18
CA GLY A 513 31.32 59.45 8.05
C GLY A 513 32.67 58.81 8.36
N SER A 514 32.61 57.55 8.74
CA SER A 514 33.80 56.82 9.18
C SER A 514 33.79 55.41 8.63
N TRP A 515 34.76 54.60 9.07
CA TRP A 515 34.82 53.21 8.64
C TRP A 515 35.55 52.37 9.67
N TYR A 516 35.37 51.06 9.60
CA TYR A 516 36.25 50.12 10.29
C TYR A 516 37.00 49.42 9.17
N GLY A 517 38.28 49.13 9.39
CA GLY A 517 38.99 48.35 8.40
C GLY A 517 40.15 47.55 8.95
N HIS A 518 40.44 46.46 8.25
CA HIS A 518 41.57 45.61 8.57
CA HIS A 518 41.57 45.61 8.57
C HIS A 518 42.25 45.25 7.27
N ILE A 519 43.54 45.54 7.18
CA ILE A 519 44.26 45.43 5.94
C ILE A 519 45.69 44.89 6.13
N ALA A 520 46.10 43.95 5.28
CA ALA A 520 47.44 43.39 5.38
C ALA A 520 48.10 42.90 4.08
N ASN A 521 49.39 43.19 3.94
CA ASN A 521 50.31 42.35 3.17
C ASN A 521 51.51 42.10 4.09
N GLY A 522 51.63 40.88 4.59
CA GLY A 522 52.76 40.48 5.41
C GLY A 522 52.68 40.96 6.86
N THR A 523 51.88 41.99 7.11
CA THR A 523 51.74 42.59 8.44
C THR A 523 50.38 43.27 8.57
N SER A 524 49.83 43.37 9.78
CA SER A 524 48.44 43.83 9.93
C SER A 524 48.25 45.25 10.49
N TRP A 525 47.48 46.04 9.77
CA TRP A 525 46.99 47.32 10.26
C TRP A 525 45.51 47.19 10.47
N SER A 526 45.05 47.67 11.61
CA SER A 526 43.63 47.70 11.91
C SER A 526 43.25 48.98 12.65
N GLY A 527 42.16 49.60 12.22
CA GLY A 527 41.69 50.83 12.84
C GLY A 527 40.17 50.94 12.79
N ASN A 528 39.64 51.77 13.69
CA ASN A 528 38.21 51.72 14.02
C ASN A 528 37.51 53.05 13.82
N ALA A 529 36.18 53.00 13.77
CA ALA A 529 35.35 54.18 13.48
C ALA A 529 35.43 55.23 14.59
N SER A 530 35.75 56.45 14.17
CA SER A 530 35.90 57.55 15.10
C SER A 530 35.27 58.80 14.49
N ASP A 531 34.76 59.66 15.37
CA ASP A 531 34.12 60.94 15.01
C ASP A 531 35.05 62.16 15.00
N LYS A 532 36.34 61.91 15.05
CA LYS A 532 37.43 62.85 14.81
C LYS A 532 38.58 62.00 15.34
N GLU A 533 39.81 62.49 15.36
CA GLU A 533 40.22 63.77 14.82
C GLU A 533 41.19 63.38 13.71
N GLY A 534 42.28 62.71 14.09
CA GLY A 534 43.08 61.97 13.13
C GLY A 534 42.56 60.55 13.00
N GLY A 535 41.30 60.33 13.38
CA GLY A 535 40.71 59.00 13.33
C GLY A 535 40.25 58.61 11.94
N ASN A 536 39.73 57.39 11.82
CA ASN A 536 39.20 56.93 10.54
C ASN A 536 38.17 57.91 9.99
N ARG A 537 38.33 58.28 8.72
CA ARG A 537 37.48 59.32 8.14
C ARG A 537 37.00 58.98 6.74
N ALA A 538 35.70 59.15 6.52
CA ALA A 538 35.09 58.83 5.23
C ALA A 538 34.39 60.01 4.58
N GLU A 539 34.70 60.23 3.31
CA GLU A 539 34.21 61.39 2.55
C GLU A 539 33.55 60.93 1.24
N PHE A 540 32.32 61.38 0.97
CA PHE A 540 31.62 61.01 -0.26
C PHE A 540 30.94 62.20 -0.97
N THR A 541 31.08 62.24 -2.30
CA THR A 541 30.27 63.14 -3.13
C THR A 541 29.41 62.30 -4.06
N VAL A 542 28.13 62.61 -4.11
CA VAL A 542 27.20 61.82 -4.90
C VAL A 542 26.47 62.68 -5.90
N ASN A 543 26.60 62.36 -7.18
CA ASN A 543 25.77 63.00 -8.17
C ASN A 543 24.70 62.01 -8.52
N PHE A 544 23.48 62.27 -8.06
CA PHE A 544 22.39 61.31 -8.21
C PHE A 544 21.86 61.30 -9.65
N ALA A 545 21.76 62.49 -10.26
CA ALA A 545 21.36 62.63 -11.64
C ALA A 545 22.28 61.80 -12.54
N ASP A 546 23.58 62.06 -12.43
CA ASP A 546 24.62 61.31 -13.15
C ASP A 546 24.77 59.84 -12.75
N LYS A 547 24.19 59.47 -11.62
CA LYS A 547 24.26 58.10 -11.08
C LYS A 547 25.69 57.71 -10.69
N LYS A 548 26.49 58.73 -10.36
CA LYS A 548 27.88 58.52 -9.97
C LYS A 548 28.15 58.81 -8.50
N ILE A 549 29.02 58.01 -7.90
CA ILE A 549 29.46 58.22 -6.52
C ILE A 549 30.99 58.08 -6.39
N THR A 550 31.63 59.09 -5.81
CA THR A 550 33.05 58.99 -5.48
C THR A 550 33.29 59.26 -3.98
N GLY A 551 34.40 58.75 -3.47
CA GLY A 551 34.71 58.91 -2.06
C GLY A 551 36.15 58.57 -1.75
N LYS A 552 36.58 58.95 -0.55
CA LYS A 552 37.89 58.57 -0.05
C LYS A 552 37.80 58.24 1.43
N LEU A 553 38.37 57.10 1.82
CA LEU A 553 38.57 56.75 3.22
C LEU A 553 39.99 57.13 3.68
N THR A 554 40.08 58.01 4.66
CA THR A 554 41.38 58.36 5.20
C THR A 554 41.56 57.77 6.60
N ALA A 555 42.74 57.20 6.83
CA ALA A 555 43.05 56.61 8.13
C ALA A 555 43.75 57.61 9.05
N GLU A 556 44.30 57.11 10.16
CA GLU A 556 44.91 57.93 11.20
C GLU A 556 45.85 59.05 10.72
N ASN A 557 47.00 58.68 10.15
CA ASN A 557 47.90 59.68 9.57
C ASN A 557 47.52 59.83 8.11
N ARG A 558 46.94 60.97 7.76
CA ARG A 558 46.21 61.07 6.51
C ARG A 558 46.58 62.29 5.68
N GLN A 559 46.63 62.13 4.36
CA GLN A 559 46.72 60.82 3.71
C GLN A 559 47.68 60.96 2.51
N ALA A 560 48.80 60.21 2.41
CA ALA A 560 49.18 59.13 3.34
C ALA A 560 48.29 57.87 3.44
N GLN A 561 47.50 57.76 4.48
CA GLN A 561 46.64 56.59 4.61
C GLN A 561 45.24 56.84 4.04
N THR A 562 44.94 56.16 2.95
CA THR A 562 43.86 56.59 2.08
C THR A 562 43.30 55.48 1.21
N PHE A 563 42.08 55.69 0.77
CA PHE A 563 41.40 54.76 -0.12
C PHE A 563 40.57 55.57 -1.08
N THR A 564 40.51 55.15 -2.33
CA THR A 564 39.75 55.89 -3.34
C THR A 564 38.62 55.05 -3.93
N ILE A 565 37.42 55.61 -3.95
CA ILE A 565 36.25 54.87 -4.39
C ILE A 565 35.49 55.57 -5.53
N GLU A 566 35.23 54.83 -6.59
CA GLU A 566 34.41 55.33 -7.68
C GLU A 566 33.38 54.26 -7.92
N GLY A 567 32.13 54.66 -8.15
CA GLY A 567 31.07 53.68 -8.38
C GLY A 567 29.92 54.21 -9.23
N MET A 568 29.07 53.31 -9.69
CA MET A 568 27.84 53.70 -10.36
C MET A 568 26.65 53.32 -9.50
N ILE A 569 25.60 54.14 -9.56
CA ILE A 569 24.42 53.88 -8.76
C ILE A 569 23.34 53.26 -9.63
N GLN A 570 22.66 52.24 -9.10
CA GLN A 570 21.41 51.77 -9.68
C GLN A 570 20.34 51.78 -8.62
N GLY A 571 19.23 52.45 -8.87
CA GLY A 571 18.13 52.40 -7.94
C GLY A 571 18.58 52.84 -6.57
N ASN A 572 18.38 52.00 -5.56
CA ASN A 572 18.69 52.33 -4.18
C ASN A 572 20.07 51.91 -3.70
N GLY A 573 20.92 51.47 -4.61
CA GLY A 573 22.23 50.99 -4.20
C GLY A 573 23.31 51.33 -5.20
N PHE A 574 24.56 51.09 -4.83
CA PHE A 574 25.69 51.33 -5.73
C PHE A 574 26.74 50.24 -5.69
N GLU A 575 27.44 50.09 -6.79
CA GLU A 575 28.59 49.21 -6.88
C GLU A 575 29.77 50.01 -7.40
N GLY A 576 30.96 49.52 -7.15
CA GLY A 576 32.15 50.24 -7.55
C GLY A 576 33.43 49.50 -7.16
N THR A 577 34.53 50.26 -7.16
CA THR A 577 35.83 49.70 -6.80
C THR A 577 36.50 50.57 -5.77
N ALA A 578 37.47 49.99 -5.08
CA ALA A 578 38.26 50.76 -4.13
C ALA A 578 39.74 50.46 -4.39
N LYS A 579 40.57 51.50 -4.39
CA LYS A 579 42.02 51.34 -4.60
C LYS A 579 42.87 52.10 -3.58
N THR A 580 44.07 51.58 -3.36
CA THR A 580 44.97 51.99 -2.27
C THR A 580 45.78 53.22 -2.63
N ALA A 581 45.49 53.77 -3.80
CA ALA A 581 46.36 54.69 -4.49
C ALA A 581 47.72 54.04 -4.77
N GLU A 582 48.78 54.81 -4.66
CA GLU A 582 50.08 54.31 -5.10
C GLU A 582 51.27 54.91 -4.33
N SER A 583 52.26 54.10 -4.01
CA SER A 583 52.08 52.66 -4.02
C SER A 583 51.87 52.23 -2.57
N GLY A 584 50.72 51.61 -2.30
CA GLY A 584 50.51 50.98 -1.01
C GLY A 584 50.00 51.88 0.11
N PHE A 585 49.43 51.23 1.13
CA PHE A 585 48.80 51.92 2.25
C PHE A 585 49.78 52.41 3.30
N ASP A 586 50.85 51.65 3.50
CA ASP A 586 51.78 51.75 4.63
C ASP A 586 51.45 50.93 5.88
N LEU A 587 50.27 50.34 5.97
CA LEU A 587 50.15 49.16 6.82
C LEU A 587 50.84 49.33 8.20
N ASP A 588 50.82 50.54 8.76
CA ASP A 588 51.63 50.91 9.91
C ASP A 588 50.84 50.86 11.22
N ARG A 594 61.81 52.00 5.58
CA ARG A 594 60.90 52.75 6.44
C ARG A 594 59.65 51.99 6.91
N THR A 595 58.77 51.59 6.00
CA THR A 595 57.51 50.98 6.43
C THR A 595 57.04 49.86 5.49
N PRO A 596 56.34 48.81 6.01
CA PRO A 596 55.73 48.08 4.89
C PRO A 596 54.44 48.69 4.35
N LYS A 597 54.13 48.41 3.09
CA LYS A 597 52.90 48.89 2.46
C LYS A 597 51.95 47.74 2.13
N ALA A 598 50.79 48.08 1.58
CA ALA A 598 49.82 47.07 1.13
C ALA A 598 49.18 47.48 -0.19
N TYR A 599 49.15 46.57 -1.15
CA TYR A 599 48.69 46.92 -2.49
C TYR A 599 47.30 46.36 -2.80
N ILE A 600 46.30 47.23 -2.85
CA ILE A 600 44.98 46.84 -3.35
C ILE A 600 44.57 47.73 -4.50
N THR A 601 44.45 47.12 -5.67
CA THR A 601 43.82 47.74 -6.81
C THR A 601 42.56 46.95 -7.13
N ASP A 602 41.49 47.66 -7.47
CA ASP A 602 40.27 47.03 -7.97
C ASP A 602 39.46 46.15 -7.00
N ALA A 603 39.45 46.51 -5.72
CA ALA A 603 38.58 45.83 -4.77
C ALA A 603 37.14 46.12 -5.14
N LYS A 604 36.28 45.10 -5.16
CA LYS A 604 34.87 45.32 -5.46
C LYS A 604 34.12 45.93 -4.26
N VAL A 605 33.49 47.08 -4.49
CA VAL A 605 32.73 47.78 -3.46
C VAL A 605 31.24 47.69 -3.75
N LYS A 606 30.47 47.37 -2.73
CA LYS A 606 29.03 47.33 -2.86
C LYS A 606 28.43 48.13 -1.69
N GLY A 607 27.33 48.83 -1.92
CA GLY A 607 26.69 49.61 -0.88
C GLY A 607 25.28 50.05 -1.21
N GLY A 608 24.66 50.79 -0.29
CA GLY A 608 23.31 51.25 -0.51
C GLY A 608 23.05 52.61 0.10
N PHE A 609 21.88 53.16 -0.21
CA PHE A 609 21.42 54.37 0.42
C PHE A 609 20.36 54.03 1.46
N TYR A 610 20.43 54.68 2.61
CA TYR A 610 19.60 54.26 3.72
C TYR A 610 18.72 55.36 4.27
N GLY A 611 17.52 54.97 4.69
CA GLY A 611 16.59 55.89 5.32
C GLY A 611 15.98 56.83 4.31
N PRO A 612 14.96 57.59 4.74
CA PRO A 612 14.23 58.47 3.83
C PRO A 612 15.16 59.44 3.10
N LYS A 613 14.89 59.62 1.82
CA LYS A 613 15.63 60.59 0.99
C LYS A 613 17.15 60.41 1.03
N ALA A 614 17.57 59.17 1.24
CA ALA A 614 18.98 58.83 1.27
C ALA A 614 19.74 59.64 2.33
N GLU A 615 19.17 59.77 3.51
CA GLU A 615 19.81 60.52 4.59
C GLU A 615 21.18 59.92 4.93
N GLU A 616 21.33 58.62 4.67
CA GLU A 616 22.56 57.91 5.02
C GLU A 616 23.05 57.06 3.86
N LEU A 617 24.35 56.77 3.83
CA LEU A 617 24.86 55.75 2.91
C LEU A 617 25.88 54.86 3.65
N GLY A 618 26.05 53.63 3.16
CA GLY A 618 27.04 52.72 3.71
C GLY A 618 27.53 51.78 2.63
N GLY A 619 28.55 50.98 2.94
CA GLY A 619 29.09 50.06 1.96
C GLY A 619 30.23 49.24 2.53
N TRP A 620 30.86 48.43 1.67
CA TRP A 620 31.88 47.49 2.13
C TRP A 620 32.54 46.77 0.98
N PHE A 621 33.71 46.23 1.25
CA PHE A 621 34.40 45.38 0.31
C PHE A 621 35.36 44.45 1.06
N ALA A 622 35.61 43.29 0.48
CA ALA A 622 36.64 42.36 0.96
C ALA A 622 37.55 42.11 -0.23
N TYR A 623 38.74 41.56 0.02
CA TYR A 623 39.74 41.44 -1.03
C TYR A 623 40.97 40.68 -0.54
N PRO A 624 41.51 39.80 -1.38
CA PRO A 624 41.03 39.55 -2.75
C PRO A 624 39.78 38.68 -2.86
N GLY A 625 39.01 38.88 -3.94
CA GLY A 625 38.01 37.92 -4.39
C GLY A 625 38.44 37.26 -5.70
N ASP A 626 39.68 37.55 -6.11
CA ASP A 626 40.16 37.42 -7.50
C ASP A 626 41.59 36.86 -7.66
N LYS A 627 41.92 36.42 -8.88
CA LYS A 627 43.30 36.03 -9.24
C LYS A 627 43.83 36.80 -10.44
N ALA A 642 50.23 38.83 -3.23
CA ALA A 642 49.30 39.97 -3.17
C ALA A 642 48.88 40.31 -1.73
N SER A 643 48.06 41.35 -1.61
CA SER A 643 47.65 41.90 -0.32
C SER A 643 46.22 41.49 0.01
N SER A 644 45.68 41.98 1.13
CA SER A 644 44.26 41.74 1.46
C SER A 644 43.64 42.81 2.36
N ALA A 645 42.32 43.00 2.25
CA ALA A 645 41.62 43.94 3.13
C ALA A 645 40.15 43.61 3.37
N THR A 646 39.63 44.05 4.51
CA THR A 646 38.19 44.09 4.71
C THR A 646 37.80 45.44 5.32
N VAL A 647 36.79 46.09 4.74
CA VAL A 647 36.32 47.38 5.23
C VAL A 647 34.80 47.50 5.17
N VAL A 648 34.19 48.02 6.23
CA VAL A 648 32.82 48.51 6.17
C VAL A 648 32.79 49.99 6.55
N PHE A 649 32.00 50.80 5.84
CA PHE A 649 31.93 52.23 6.13
C PHE A 649 30.47 52.73 6.07
N GLY A 650 30.21 53.87 6.72
CA GLY A 650 28.91 54.49 6.62
C GLY A 650 29.03 55.98 6.86
N ALA A 651 28.10 56.73 6.29
CA ALA A 651 28.24 58.18 6.27
C ALA A 651 26.88 58.86 6.26
N LYS A 652 26.85 60.10 6.74
CA LYS A 652 25.61 60.85 6.81
C LYS A 652 25.60 62.01 5.83
N ARG A 653 24.40 62.40 5.40
CA ARG A 653 24.26 63.45 4.41
C ARG A 653 24.40 64.85 5.03
N GLN A 654 25.41 65.58 4.57
CA GLN A 654 25.76 66.90 5.07
C GLN A 654 24.84 67.98 4.53
N GLN A 655 24.76 69.12 5.20
CA GLN A 655 24.13 70.30 4.62
C GLN A 655 25.11 71.02 3.70
N PRO A 656 24.59 71.85 2.78
CA PRO A 656 25.42 72.66 1.86
C PRO A 656 25.88 73.98 2.47
N ASP B 3 8.12 -19.26 4.64
CA ASP B 3 8.27 -20.49 5.41
C ASP B 3 7.61 -20.33 6.79
N LYS B 4 6.36 -20.80 6.89
CA LYS B 4 5.59 -20.60 8.11
C LYS B 4 5.80 -21.79 9.05
N THR B 5 6.48 -21.47 10.14
CA THR B 5 7.08 -22.48 10.99
C THR B 5 6.83 -22.08 12.42
N VAL B 6 6.28 -22.99 13.19
CA VAL B 6 6.14 -22.77 14.62
C VAL B 6 7.33 -23.36 15.36
N ARG B 7 8.06 -22.49 16.06
CA ARG B 7 9.20 -22.98 16.80
C ARG B 7 8.69 -23.30 18.18
N TRP B 8 8.64 -24.59 18.51
CA TRP B 8 8.16 -25.01 19.81
C TRP B 8 9.31 -25.14 20.78
N CYS B 9 9.05 -24.83 22.04
CA CYS B 9 10.15 -24.81 22.98
C CYS B 9 10.10 -26.06 23.83
N ALA B 10 11.21 -26.79 23.92
CA ALA B 10 11.23 -27.97 24.78
C ALA B 10 12.07 -27.73 26.02
N VAL B 11 11.64 -28.27 27.15
CA VAL B 11 12.36 -28.08 28.40
C VAL B 11 13.33 -29.24 28.80
N SER B 12 13.37 -30.30 28.00
CA SER B 12 14.20 -31.45 28.32
C SER B 12 14.47 -32.25 27.05
N GLU B 13 15.50 -33.10 27.06
CA GLU B 13 15.77 -33.92 25.89
C GLU B 13 14.62 -34.85 25.56
N HIS B 14 13.98 -35.39 26.59
CA HIS B 14 12.79 -36.22 26.41
C HIS B 14 11.73 -35.42 25.67
N GLU B 15 11.49 -34.18 26.11
CA GLU B 15 10.58 -33.31 25.38
C GLU B 15 11.09 -33.08 23.96
N ALA B 16 12.37 -32.77 23.83
CA ALA B 16 12.89 -32.47 22.53
C ALA B 16 12.59 -33.64 21.59
N THR B 17 12.78 -34.87 22.04
CA THR B 17 12.57 -35.98 21.11
C THR B 17 11.08 -36.16 20.78
N LYS B 18 10.21 -35.93 21.75
CA LYS B 18 8.78 -35.95 21.47
C LYS B 18 8.38 -34.90 20.44
N CYS B 19 8.99 -33.72 20.57
CA CYS B 19 8.73 -32.63 19.63
C CYS B 19 9.16 -33.05 18.23
N GLN B 20 10.29 -33.73 18.12
CA GLN B 20 10.79 -34.13 16.81
C GLN B 20 9.93 -35.17 16.13
N SER B 21 9.36 -36.05 16.95
CA SER B 21 8.39 -37.04 16.49
C SER B 21 7.14 -36.31 16.00
N PHE B 22 6.75 -35.30 16.77
CA PHE B 22 5.67 -34.40 16.41
C PHE B 22 5.95 -33.78 15.03
N ARG B 23 7.09 -33.10 14.91
CA ARG B 23 7.46 -32.48 13.65
C ARG B 23 7.35 -33.47 12.50
N ASP B 24 7.98 -34.62 12.63
CA ASP B 24 8.06 -35.55 11.50
C ASP B 24 6.67 -36.11 11.10
N HIS B 25 5.79 -36.30 12.08
CA HIS B 25 4.48 -36.84 11.80
C HIS B 25 3.56 -35.79 11.16
N MET B 26 3.66 -34.55 11.62
CA MET B 26 2.93 -33.48 10.95
C MET B 26 3.29 -33.37 9.48
N LYS B 27 4.56 -33.61 9.13
CA LYS B 27 5.03 -33.38 7.77
C LYS B 27 4.31 -34.31 6.80
N SER B 28 3.84 -35.41 7.37
CA SER B 28 3.19 -36.47 6.59
C SER B 28 1.71 -36.16 6.34
N VAL B 29 1.23 -35.11 6.97
CA VAL B 29 -0.17 -34.76 6.98
C VAL B 29 -0.40 -33.35 6.40
N ILE B 30 0.14 -32.32 7.05
CA ILE B 30 0.20 -30.97 6.49
C ILE B 30 0.87 -30.94 5.11
N PRO B 31 0.30 -30.17 4.16
CA PRO B 31 0.94 -30.02 2.85
C PRO B 31 2.28 -29.30 2.98
N SER B 32 3.21 -29.54 2.06
CA SER B 32 4.56 -28.96 2.17
C SER B 32 4.51 -27.46 2.46
N ASP B 33 3.67 -26.78 1.70
CA ASP B 33 3.50 -25.33 1.75
C ASP B 33 3.00 -24.77 3.11
N GLY B 34 2.45 -25.65 3.94
CA GLY B 34 1.81 -25.24 5.19
C GLY B 34 2.64 -25.26 6.46
N PRO B 35 1.96 -25.11 7.61
CA PRO B 35 2.64 -24.99 8.92
C PRO B 35 3.47 -26.24 9.28
N SER B 36 4.71 -26.01 9.71
CA SER B 36 5.58 -27.08 10.13
C SER B 36 6.11 -26.84 11.55
N VAL B 37 6.64 -27.88 12.20
CA VAL B 37 7.26 -27.70 13.50
C VAL B 37 8.78 -27.60 13.42
N ALA B 38 9.35 -26.74 14.27
CA ALA B 38 10.78 -26.66 14.51
C ALA B 38 10.92 -26.84 16.02
N CYS B 39 11.79 -27.74 16.46
CA CYS B 39 11.94 -27.97 17.88
C CYS B 39 13.16 -27.21 18.39
N VAL B 40 12.94 -26.32 19.35
CA VAL B 40 14.07 -25.67 20.00
C VAL B 40 14.18 -26.01 21.50
N LYS B 41 15.35 -26.50 21.94
CA LYS B 41 15.51 -27.00 23.29
C LYS B 41 16.16 -26.00 24.22
N LYS B 42 15.54 -25.81 25.36
CA LYS B 42 16.04 -24.89 26.36
C LYS B 42 16.17 -25.57 27.72
N ALA B 43 16.84 -24.92 28.66
CA ALA B 43 17.15 -25.50 29.96
C ALA B 43 15.98 -25.59 30.95
N SER B 44 14.90 -24.83 30.72
CA SER B 44 13.87 -24.62 31.75
C SER B 44 12.76 -23.76 31.19
N TYR B 45 11.61 -23.71 31.86
CA TYR B 45 10.47 -22.94 31.33
C TYR B 45 10.81 -21.45 31.23
N LEU B 46 11.52 -20.92 32.24
CA LEU B 46 12.00 -19.53 32.16
C LEU B 46 12.77 -19.28 30.87
N ASP B 47 13.80 -20.08 30.62
CA ASP B 47 14.56 -20.01 29.37
C ASP B 47 13.67 -20.00 28.13
N CYS B 48 12.64 -20.87 28.12
CA CYS B 48 11.70 -20.92 27.03
C CYS B 48 10.93 -19.61 26.89
N ILE B 49 10.43 -19.12 28.00
CA ILE B 49 9.71 -17.84 27.98
C ILE B 49 10.59 -16.73 27.43
N ARG B 50 11.85 -16.67 27.87
CA ARG B 50 12.78 -15.67 27.38
C ARG B 50 13.05 -15.86 25.91
N ALA B 51 13.14 -17.11 25.50
CA ALA B 51 13.44 -17.41 24.10
C ALA B 51 12.31 -16.89 23.19
N ILE B 52 11.08 -17.22 23.58
CA ILE B 52 9.92 -16.70 22.87
C ILE B 52 9.88 -15.15 22.79
N ALA B 53 10.12 -14.49 23.92
CA ALA B 53 10.22 -13.05 23.93
C ALA B 53 11.38 -12.55 23.05
N ALA B 54 12.47 -13.30 22.94
CA ALA B 54 13.62 -12.87 22.14
C ALA B 54 13.43 -13.19 20.67
N ASN B 55 12.28 -13.77 20.34
CA ASN B 55 11.98 -14.21 18.98
C ASN B 55 12.98 -15.29 18.51
N GLU B 56 13.49 -16.07 19.47
CA GLU B 56 14.28 -17.24 19.15
C GLU B 56 13.42 -18.47 19.09
N ALA B 57 12.18 -18.34 19.51
CA ALA B 57 11.21 -19.43 19.48
C ALA B 57 9.77 -18.86 19.52
N ASP B 58 8.78 -19.74 19.46
CA ASP B 58 7.41 -19.30 19.22
C ASP B 58 6.38 -19.66 20.29
N ALA B 59 6.23 -20.94 20.58
CA ALA B 59 5.28 -21.37 21.61
C ALA B 59 5.87 -22.25 22.72
N VAL B 60 5.20 -22.27 23.87
CA VAL B 60 5.47 -23.22 24.95
C VAL B 60 4.21 -23.43 25.80
N THR B 61 4.05 -24.57 26.47
CA THR B 61 2.85 -24.73 27.31
C THR B 61 3.13 -24.65 28.80
N LEU B 62 2.39 -23.78 29.47
CA LEU B 62 2.73 -23.43 30.83
C LEU B 62 1.63 -23.80 31.81
N ASP B 63 2.00 -23.99 33.08
CA ASP B 63 1.01 -24.04 34.14
C ASP B 63 0.63 -22.58 34.44
N ALA B 64 -0.34 -22.35 35.32
CA ALA B 64 -0.87 -21.00 35.57
C ALA B 64 0.18 -20.01 36.08
N GLY B 65 0.90 -20.39 37.12
CA GLY B 65 1.91 -19.52 37.65
C GLY B 65 2.85 -19.03 36.57
N LEU B 66 3.19 -19.89 35.61
CA LEU B 66 4.21 -19.48 34.66
C LEU B 66 3.60 -18.59 33.62
N VAL B 67 2.30 -18.73 33.43
CA VAL B 67 1.59 -17.87 32.48
C VAL B 67 1.71 -16.43 32.98
N TYR B 68 1.48 -16.24 34.28
CA TYR B 68 1.68 -14.93 34.91
C TYR B 68 3.14 -14.42 34.72
N ASP B 69 4.12 -15.26 35.05
CA ASP B 69 5.49 -14.88 34.86
C ASP B 69 5.74 -14.44 33.41
N ALA B 70 5.21 -15.21 32.46
CA ALA B 70 5.35 -14.96 31.04
C ALA B 70 4.76 -13.60 30.63
N TYR B 71 3.75 -13.15 31.37
CA TYR B 71 3.05 -11.94 31.00
C TYR B 71 3.85 -10.71 31.42
N LEU B 72 4.71 -10.86 32.42
CA LEU B 72 5.39 -9.68 32.97
C LEU B 72 6.44 -9.15 32.02
N ALA B 73 6.71 -7.85 32.12
CA ALA B 73 7.89 -7.31 31.45
C ALA B 73 9.18 -8.01 31.96
N PRO B 74 10.22 -8.12 31.10
CA PRO B 74 10.01 -7.71 29.72
C PRO B 74 9.57 -8.88 28.81
N ASN B 75 8.84 -9.84 29.32
CA ASN B 75 8.53 -10.96 28.42
C ASN B 75 7.29 -10.68 27.59
N ASN B 76 6.28 -10.13 28.25
CA ASN B 76 5.03 -9.75 27.61
C ASN B 76 4.54 -10.81 26.63
N LEU B 77 4.12 -11.94 27.20
CA LEU B 77 3.65 -13.08 26.43
C LEU B 77 2.18 -13.25 26.79
N LYS B 78 1.42 -13.90 25.92
CA LYS B 78 -0.01 -14.02 26.17
C LYS B 78 -0.51 -15.41 25.88
N PRO B 79 -1.59 -15.82 26.57
CA PRO B 79 -2.26 -17.09 26.29
C PRO B 79 -2.96 -17.09 24.92
N VAL B 80 -2.77 -18.17 24.16
CA VAL B 80 -3.26 -18.28 22.80
C VAL B 80 -4.08 -19.56 22.61
N VAL B 81 -3.47 -20.71 22.85
CA VAL B 81 -4.23 -21.96 22.87
C VAL B 81 -4.38 -22.60 24.27
N ALA B 82 -5.51 -23.26 24.47
CA ALA B 82 -5.81 -23.95 25.74
C ALA B 82 -5.97 -25.48 25.62
N GLU B 83 -5.28 -26.23 26.48
CA GLU B 83 -5.58 -27.64 26.60
C GLU B 83 -6.90 -27.77 27.30
N PHE B 84 -7.74 -28.69 26.82
CA PHE B 84 -8.95 -28.96 27.55
C PHE B 84 -9.01 -30.43 27.91
N TYR B 85 -9.88 -30.75 28.87
CA TYR B 85 -9.85 -32.06 29.53
C TYR B 85 -11.21 -32.68 29.52
N GLY B 86 -11.24 -34.00 29.51
CA GLY B 86 -12.35 -34.74 30.04
C GLY B 86 -13.49 -34.96 29.09
N SER B 87 -13.65 -34.07 28.11
CA SER B 87 -14.69 -34.23 27.10
C SER B 87 -14.75 -33.10 26.09
N LYS B 88 -15.32 -33.42 24.93
CA LYS B 88 -15.45 -32.47 23.82
C LYS B 88 -16.66 -31.54 24.01
N GLU B 89 -17.78 -32.13 24.44
CA GLU B 89 -19.02 -31.37 24.59
C GLU B 89 -19.00 -30.45 25.81
N ASP B 90 -18.31 -30.89 26.87
CA ASP B 90 -18.13 -30.09 28.09
C ASP B 90 -16.66 -30.11 28.51
N PRO B 91 -15.83 -29.40 27.77
CA PRO B 91 -14.37 -29.34 27.97
C PRO B 91 -14.02 -28.60 29.24
N GLN B 92 -13.04 -29.09 29.99
CA GLN B 92 -12.58 -28.33 31.14
C GLN B 92 -11.28 -27.66 30.78
N THR B 93 -11.35 -26.35 30.57
CA THR B 93 -10.15 -25.58 30.41
C THR B 93 -9.60 -25.21 31.78
N PHE B 94 -10.51 -24.98 32.71
CA PHE B 94 -10.16 -24.43 34.00
C PHE B 94 -10.54 -25.39 35.11
N TYR B 95 -9.90 -25.22 36.25
CA TYR B 95 -10.43 -25.79 37.47
C TYR B 95 -10.60 -24.69 38.49
N TYR B 96 -11.36 -25.00 39.53
CA TYR B 96 -11.66 -23.99 40.52
C TYR B 96 -11.05 -24.42 41.83
N ALA B 97 -10.21 -23.55 42.39
CA ALA B 97 -9.70 -23.71 43.75
C ALA B 97 -10.82 -23.29 44.68
N VAL B 98 -11.20 -24.17 45.58
CA VAL B 98 -12.28 -23.85 46.54
C VAL B 98 -11.81 -24.03 47.98
N ALA B 99 -12.56 -23.43 48.89
CA ALA B 99 -12.30 -23.68 50.29
C ALA B 99 -13.52 -24.38 50.87
N VAL B 100 -13.36 -25.64 51.20
CA VAL B 100 -14.52 -26.41 51.64
C VAL B 100 -14.54 -26.59 53.17
N VAL B 101 -15.73 -26.44 53.74
CA VAL B 101 -15.91 -26.47 55.18
C VAL B 101 -17.13 -27.31 55.48
N LYS B 102 -17.30 -27.64 56.76
CA LYS B 102 -18.50 -28.35 57.20
C LYS B 102 -19.75 -27.48 57.40
N LYS B 103 -20.92 -28.11 57.30
CA LYS B 103 -22.16 -27.35 57.33
C LYS B 103 -22.35 -26.72 58.71
N ASP B 104 -22.90 -25.52 58.73
CA ASP B 104 -23.24 -24.86 59.99
C ASP B 104 -22.07 -24.77 60.96
N SER B 105 -20.84 -24.67 60.46
CA SER B 105 -19.72 -24.46 61.38
C SER B 105 -19.47 -22.97 61.63
N GLY B 106 -20.30 -22.13 61.00
CA GLY B 106 -20.39 -20.72 61.34
C GLY B 106 -19.12 -19.89 61.40
N PHE B 107 -18.35 -19.89 60.32
CA PHE B 107 -17.31 -18.89 60.17
C PHE B 107 -17.12 -18.62 58.70
N GLN B 108 -16.67 -17.42 58.36
CA GLN B 108 -16.52 -17.01 56.96
C GLN B 108 -15.03 -16.88 56.64
N MET B 109 -14.70 -16.45 55.43
CA MET B 109 -13.30 -16.33 55.02
C MET B 109 -12.49 -15.34 55.87
N ASN B 110 -13.10 -14.22 56.27
CA ASN B 110 -12.44 -13.22 57.08
C ASN B 110 -12.46 -13.60 58.56
N GLN B 111 -13.10 -14.72 58.87
CA GLN B 111 -13.06 -15.31 60.21
C GLN B 111 -12.01 -16.45 60.39
N LEU B 112 -11.22 -16.71 59.35
CA LEU B 112 -10.26 -17.83 59.38
C LEU B 112 -9.15 -17.80 60.45
N ARG B 113 -8.73 -16.62 60.89
CA ARG B 113 -7.67 -16.60 61.87
C ARG B 113 -8.08 -17.52 63.02
N GLY B 114 -7.19 -18.41 63.40
CA GLY B 114 -7.41 -19.22 64.59
C GLY B 114 -7.96 -20.59 64.29
N LYS B 115 -8.43 -20.80 63.07
CA LYS B 115 -9.03 -22.09 62.71
C LYS B 115 -7.95 -23.14 62.34
N LYS B 116 -8.38 -24.36 62.04
CA LYS B 116 -7.45 -25.42 61.70
C LYS B 116 -7.56 -25.74 60.23
N SER B 117 -6.44 -25.73 59.52
CA SER B 117 -6.47 -25.84 58.05
C SER B 117 -5.88 -27.12 57.48
N CYS B 118 -6.46 -27.61 56.39
CA CYS B 118 -5.97 -28.77 55.65
C CYS B 118 -5.59 -28.40 54.21
N HIS B 119 -4.31 -28.55 53.86
CA HIS B 119 -3.84 -28.21 52.52
C HIS B 119 -3.36 -29.41 51.75
N THR B 120 -3.41 -29.34 50.42
CA THR B 120 -3.09 -30.50 49.62
C THR B 120 -1.60 -30.69 49.71
N GLY B 121 -0.89 -29.59 49.70
CA GLY B 121 0.51 -29.66 49.99
C GLY B 121 1.16 -28.35 49.68
N LEU B 122 2.34 -28.14 50.23
CA LEU B 122 2.93 -26.82 50.14
C LEU B 122 3.46 -26.56 48.75
N GLY B 123 3.25 -25.35 48.29
CA GLY B 123 3.61 -24.98 46.94
C GLY B 123 2.66 -25.45 45.87
N ARG B 124 1.60 -26.18 46.25
CA ARG B 124 0.51 -26.49 45.31
C ARG B 124 -0.37 -25.24 45.10
N SER B 125 -0.95 -25.10 43.91
CA SER B 125 -1.84 -23.98 43.63
C SER B 125 -3.09 -23.82 44.46
N ALA B 126 -4.09 -24.69 44.27
CA ALA B 126 -5.29 -24.59 45.08
C ALA B 126 -4.96 -24.89 46.55
N GLY B 127 -4.05 -25.86 46.77
CA GLY B 127 -3.69 -26.28 48.11
C GLY B 127 -3.03 -25.20 48.94
N TRP B 128 -2.18 -24.41 48.31
CA TRP B 128 -1.35 -23.48 49.06
C TRP B 128 -1.32 -22.04 48.50
N ASN B 129 -0.73 -21.88 47.31
CA ASN B 129 -0.48 -20.55 46.78
C ASN B 129 -1.72 -19.66 46.75
N ILE B 130 -2.82 -20.19 46.25
CA ILE B 130 -4.04 -19.40 46.17
C ILE B 130 -4.55 -19.02 47.57
N PRO B 131 -4.84 -20.02 48.43
CA PRO B 131 -5.44 -19.59 49.70
C PRO B 131 -4.52 -18.71 50.56
N ILE B 132 -3.22 -19.01 50.56
CA ILE B 132 -2.28 -18.21 51.36
C ILE B 132 -2.11 -16.83 50.76
N GLY B 133 -2.11 -16.77 49.42
CA GLY B 133 -2.00 -15.52 48.71
C GLY B 133 -3.16 -14.60 48.98
N LEU B 134 -4.37 -15.14 48.96
CA LEU B 134 -5.56 -14.33 49.26
C LEU B 134 -5.62 -13.93 50.73
N LEU B 135 -4.95 -14.71 51.59
CA LEU B 135 -4.95 -14.45 53.02
C LEU B 135 -3.76 -13.60 53.44
N TYR B 136 -2.88 -13.34 52.47
CA TYR B 136 -1.55 -12.82 52.77
C TYR B 136 -1.56 -11.61 53.71
N CYS B 137 -2.51 -10.71 53.48
CA CYS B 137 -2.54 -9.51 54.26
C CYS B 137 -3.12 -9.78 55.63
N ASP B 138 -3.85 -10.89 55.78
CA ASP B 138 -4.42 -11.24 57.08
C ASP B 138 -3.39 -11.86 58.02
N LEU B 139 -2.30 -12.36 57.45
CA LEU B 139 -1.20 -12.96 58.20
C LEU B 139 -0.53 -11.92 59.05
N PRO B 140 -0.10 -12.29 60.28
CA PRO B 140 0.60 -11.43 61.23
C PRO B 140 2.04 -11.16 60.77
N GLU B 141 2.58 -9.99 61.11
CA GLU B 141 3.96 -9.68 60.72
C GLU B 141 4.96 -10.15 61.77
N PRO B 142 6.18 -10.54 61.35
CA PRO B 142 6.68 -10.52 59.97
C PRO B 142 6.05 -11.60 59.11
N ARG B 143 5.72 -11.23 57.88
CA ARG B 143 5.18 -12.19 56.92
C ARG B 143 6.29 -12.95 56.20
N LYS B 144 7.54 -12.68 56.54
CA LYS B 144 8.63 -13.46 55.99
C LYS B 144 9.38 -14.07 57.15
N PRO B 145 9.73 -15.37 57.05
CA PRO B 145 9.30 -16.30 56.00
C PRO B 145 7.83 -16.74 56.11
N LEU B 146 7.28 -17.07 54.96
CA LEU B 146 5.86 -17.29 54.84
C LEU B 146 5.36 -18.41 55.75
N GLU B 147 6.01 -19.58 55.69
CA GLU B 147 5.58 -20.72 56.49
C GLU B 147 5.38 -20.34 57.97
N LYS B 148 6.27 -19.51 58.51
CA LYS B 148 6.19 -19.09 59.90
C LYS B 148 4.94 -18.25 60.15
N ALA B 149 4.65 -17.36 59.20
CA ALA B 149 3.48 -16.50 59.31
C ALA B 149 2.24 -17.35 59.27
N VAL B 150 2.13 -18.20 58.27
CA VAL B 150 0.99 -19.09 58.20
C VAL B 150 0.80 -19.91 59.50
N ALA B 151 1.89 -20.47 60.00
CA ALA B 151 1.85 -21.23 61.25
C ALA B 151 1.33 -20.36 62.41
N ASN B 152 1.48 -19.05 62.33
CA ASN B 152 0.90 -18.23 63.38
C ASN B 152 -0.55 -17.81 63.15
N PHE B 153 -1.00 -17.91 61.90
CA PHE B 153 -2.37 -17.53 61.54
C PHE B 153 -3.39 -18.60 61.91
N PHE B 154 -3.14 -19.83 61.46
CA PHE B 154 -3.98 -20.97 61.83
C PHE B 154 -3.54 -21.47 63.18
N SER B 155 -4.46 -22.10 63.90
CA SER B 155 -4.14 -22.67 65.20
C SER B 155 -3.38 -23.99 65.02
N GLY B 156 -3.51 -24.60 63.86
CA GLY B 156 -2.80 -25.81 63.56
C GLY B 156 -3.22 -26.26 62.17
N SER B 157 -2.38 -27.08 61.55
CA SER B 157 -2.60 -27.43 60.15
C SER B 157 -2.11 -28.79 59.76
N CYS B 158 -2.40 -29.11 58.51
CA CYS B 158 -1.67 -30.14 57.83
C CYS B 158 -1.24 -29.49 56.56
N ALA B 159 0.06 -29.33 56.44
CA ALA B 159 0.62 -28.65 55.29
C ALA B 159 1.68 -29.57 54.75
N PRO B 160 1.27 -30.59 53.98
CA PRO B 160 2.25 -31.55 53.49
C PRO B 160 3.40 -30.84 52.78
N CYS B 161 4.64 -31.30 53.01
CA CYS B 161 5.84 -30.74 52.36
C CYS B 161 6.36 -29.51 53.06
N ALA B 162 5.59 -29.02 54.03
CA ALA B 162 6.00 -27.87 54.83
C ALA B 162 7.18 -28.25 55.72
N ASP B 163 7.90 -27.25 56.22
CA ASP B 163 9.04 -27.61 57.04
C ASP B 163 8.57 -27.66 58.49
N GLY B 164 8.43 -28.88 58.99
CA GLY B 164 7.76 -29.07 60.25
C GLY B 164 8.77 -28.85 61.34
N THR B 165 10.03 -29.09 60.99
CA THR B 165 11.08 -28.96 61.98
C THR B 165 11.10 -27.53 62.48
N ASP B 166 11.05 -26.59 61.55
CA ASP B 166 11.06 -25.19 61.94
C ASP B 166 9.71 -24.65 62.35
N PHE B 167 8.64 -25.18 61.76
CA PHE B 167 7.32 -24.65 62.05
C PHE B 167 6.33 -25.75 62.37
N PRO B 168 6.41 -26.26 63.61
CA PRO B 168 5.70 -27.46 64.06
C PRO B 168 4.21 -27.43 63.78
N GLN B 169 3.55 -26.32 64.08
CA GLN B 169 2.09 -26.31 64.02
C GLN B 169 1.55 -26.54 62.60
N LEU B 170 2.46 -26.45 61.63
CA LEU B 170 2.10 -26.73 60.26
C LEU B 170 1.88 -28.22 59.99
N CYS B 171 2.51 -29.05 60.83
CA CYS B 171 2.34 -30.50 60.81
C CYS B 171 1.36 -31.04 61.85
N GLN B 172 0.80 -30.16 62.65
CA GLN B 172 -0.01 -30.58 63.79
C GLN B 172 -1.08 -31.63 63.50
N LEU B 173 -1.77 -31.50 62.36
CA LEU B 173 -2.81 -32.46 61.97
C LEU B 173 -2.27 -33.66 61.18
N CYS B 174 -1.04 -33.55 60.71
CA CYS B 174 -0.37 -34.66 60.03
C CYS B 174 1.08 -34.63 60.43
N PRO B 175 1.38 -35.07 61.66
CA PRO B 175 2.75 -34.93 62.18
C PRO B 175 3.81 -35.47 61.23
N GLY B 176 4.86 -34.69 61.03
CA GLY B 176 5.92 -35.04 60.10
C GLY B 176 5.73 -34.33 58.78
N CYS B 177 4.49 -33.90 58.52
CA CYS B 177 4.21 -33.21 57.26
C CYS B 177 4.63 -34.03 56.04
N GLY B 178 4.34 -35.33 56.04
CA GLY B 178 4.75 -36.22 54.98
C GLY B 178 4.34 -35.74 53.61
N CYS B 179 5.31 -35.81 52.69
CA CYS B 179 5.14 -35.37 51.32
C CYS B 179 4.66 -36.44 50.30
N SER B 180 4.28 -37.63 50.77
CA SER B 180 3.81 -38.68 49.89
C SER B 180 2.43 -39.18 50.29
N THR B 181 1.80 -39.93 49.39
CA THR B 181 0.51 -40.54 49.67
C THR B 181 0.55 -41.46 50.90
N LEU B 182 1.75 -41.78 51.39
CA LEU B 182 1.90 -42.45 52.68
C LEU B 182 1.32 -41.67 53.86
N ASN B 183 1.16 -40.36 53.64
CA ASN B 183 0.49 -39.48 54.55
C ASN B 183 -1.00 -39.44 54.20
N GLN B 184 -1.85 -39.94 55.09
CA GLN B 184 -3.27 -40.10 54.81
C GLN B 184 -3.95 -38.79 54.45
N TYR B 185 -3.30 -37.69 54.85
CA TYR B 185 -3.76 -36.33 54.62
C TYR B 185 -3.12 -35.58 53.46
N PHE B 186 -2.23 -36.24 52.73
CA PHE B 186 -1.57 -35.63 51.59
C PHE B 186 -2.41 -35.55 50.32
N GLY B 187 -2.16 -34.55 49.47
CA GLY B 187 -2.89 -34.40 48.23
C GLY B 187 -4.32 -33.88 48.36
N TYR B 188 -5.11 -34.01 47.29
CA TYR B 188 -6.45 -33.49 47.28
C TYR B 188 -7.36 -34.28 48.20
N SER B 189 -7.36 -35.58 47.99
CA SER B 189 -8.19 -36.45 48.77
C SER B 189 -7.72 -36.35 50.21
N GLY B 190 -6.40 -36.29 50.37
CA GLY B 190 -5.82 -36.18 51.70
C GLY B 190 -6.41 -35.05 52.52
N ALA B 191 -6.42 -33.86 51.93
CA ALA B 191 -6.98 -32.69 52.58
C ALA B 191 -8.46 -32.89 52.87
N PHE B 192 -9.21 -33.41 51.91
CA PHE B 192 -10.63 -33.55 52.11
C PHE B 192 -10.88 -34.52 53.23
N LYS B 193 -10.07 -35.56 53.30
CA LYS B 193 -10.21 -36.55 54.35
C LYS B 193 -9.83 -35.98 55.70
N CYS B 194 -8.97 -35.00 55.68
CA CYS B 194 -8.63 -34.26 56.87
C CYS B 194 -9.83 -33.43 57.38
N LEU B 195 -10.62 -32.87 56.46
CA LEU B 195 -11.80 -32.14 56.87
C LEU B 195 -12.86 -33.11 57.37
N LYS B 196 -13.03 -34.21 56.65
CA LYS B 196 -14.08 -35.19 56.93
C LYS B 196 -13.82 -35.88 58.26
N ASP B 197 -12.56 -36.19 58.50
CA ASP B 197 -12.14 -36.81 59.75
C ASP B 197 -12.35 -35.90 60.94
N GLY B 198 -12.58 -34.61 60.67
CA GLY B 198 -12.74 -33.67 61.75
C GLY B 198 -11.42 -33.22 62.33
N ALA B 199 -10.34 -33.49 61.59
CA ALA B 199 -9.01 -32.98 61.94
C ALA B 199 -8.92 -31.47 61.82
N GLY B 200 -9.23 -30.92 60.64
CA GLY B 200 -9.33 -29.49 60.41
C GLY B 200 -10.71 -28.87 60.26
N ASP B 201 -10.78 -27.54 60.31
CA ASP B 201 -12.00 -26.78 60.02
C ASP B 201 -12.27 -26.47 58.56
N VAL B 202 -11.21 -26.48 57.76
CA VAL B 202 -11.31 -26.05 56.39
C VAL B 202 -10.31 -26.81 55.53
N ALA B 203 -10.69 -27.11 54.29
CA ALA B 203 -9.80 -27.81 53.37
C ALA B 203 -9.67 -27.03 52.08
N PHE B 204 -8.44 -26.85 51.61
CA PHE B 204 -8.22 -26.08 50.38
C PHE B 204 -7.93 -27.03 49.24
N VAL B 205 -8.90 -27.19 48.34
CA VAL B 205 -8.87 -28.27 47.36
C VAL B 205 -9.51 -27.72 46.09
N LYS B 206 -9.83 -28.57 45.12
CA LYS B 206 -10.53 -28.02 43.97
C LYS B 206 -11.95 -28.55 43.91
N HIS B 207 -12.76 -28.04 42.99
CA HIS B 207 -14.19 -28.32 43.06
C HIS B 207 -14.44 -29.81 42.88
N SER B 208 -13.61 -30.47 42.08
CA SER B 208 -13.86 -31.88 41.77
C SER B 208 -13.58 -32.78 42.95
N THR B 209 -12.84 -32.27 43.92
CA THR B 209 -12.37 -33.10 45.02
C THR B 209 -13.47 -33.75 45.81
N ILE B 210 -14.41 -32.98 46.34
CA ILE B 210 -15.45 -33.68 47.10
C ILE B 210 -16.31 -34.61 46.20
N PHE B 211 -16.69 -34.19 44.99
CA PHE B 211 -17.44 -35.09 44.11
C PHE B 211 -16.71 -36.42 43.94
N GLU B 212 -15.39 -36.39 43.84
CA GLU B 212 -14.60 -37.63 43.69
C GLU B 212 -14.40 -38.45 44.97
N ASN B 213 -14.16 -37.82 46.12
CA ASN B 213 -13.77 -38.53 47.36
C ASN B 213 -14.86 -38.92 48.36
N LEU B 214 -16.12 -38.62 48.06
CA LEU B 214 -17.19 -39.09 48.92
C LEU B 214 -17.69 -40.44 48.47
N ALA B 215 -17.48 -41.43 49.32
CA ALA B 215 -18.04 -42.76 49.13
C ALA B 215 -19.55 -42.75 48.84
N ASN B 216 -20.33 -42.02 49.66
CA ASN B 216 -21.83 -42.06 49.56
C ASN B 216 -22.46 -41.14 48.47
N LYS B 217 -21.75 -40.04 48.18
CA LYS B 217 -21.97 -39.07 47.09
C LYS B 217 -23.18 -38.13 47.26
N ALA B 218 -24.16 -38.53 48.08
CA ALA B 218 -25.14 -37.63 48.66
C ALA B 218 -24.26 -37.40 49.85
N ASP B 219 -24.66 -36.64 50.86
CA ASP B 219 -23.64 -36.39 51.92
C ASP B 219 -22.76 -35.18 51.57
N ARG B 220 -22.89 -34.68 50.35
CA ARG B 220 -22.31 -33.40 49.97
C ARG B 220 -23.11 -32.30 50.68
N ASP B 221 -24.32 -32.64 51.13
CA ASP B 221 -25.16 -31.65 51.79
C ASP B 221 -24.66 -31.40 53.22
N GLN B 222 -23.65 -32.17 53.60
CA GLN B 222 -22.97 -32.03 54.87
C GLN B 222 -21.84 -30.99 54.83
N TYR B 223 -21.66 -30.37 53.67
CA TYR B 223 -20.54 -29.45 53.47
C TYR B 223 -20.94 -28.23 52.66
N GLU B 224 -20.17 -27.17 52.82
CA GLU B 224 -20.39 -25.95 52.05
C GLU B 224 -19.05 -25.42 51.57
N LEU B 225 -19.09 -24.30 50.85
CA LEU B 225 -17.89 -23.66 50.37
C LEU B 225 -17.84 -22.24 50.91
N LEU B 226 -16.65 -21.80 51.27
CA LEU B 226 -16.43 -20.41 51.66
C LEU B 226 -16.35 -19.52 50.41
N CYS B 227 -17.07 -18.40 50.39
CA CYS B 227 -17.02 -17.45 49.27
C CYS B 227 -16.20 -16.20 49.66
N LEU B 228 -15.53 -15.58 48.70
CA LEU B 228 -14.74 -14.38 48.98
C LEU B 228 -15.54 -13.16 49.55
N ASP B 229 -16.85 -13.20 49.39
CA ASP B 229 -17.70 -12.12 49.90
C ASP B 229 -18.11 -12.42 51.33
N ASN B 230 -17.52 -13.47 51.89
CA ASN B 230 -17.75 -13.87 53.28
C ASN B 230 -19.16 -14.40 53.55
N THR B 231 -19.65 -15.16 52.59
CA THR B 231 -20.84 -15.98 52.82
C THR B 231 -20.45 -17.40 52.44
N ARG B 232 -21.37 -18.34 52.58
CA ARG B 232 -21.14 -19.73 52.17
C ARG B 232 -22.20 -20.21 51.20
N LYS B 233 -21.78 -20.98 50.20
CA LYS B 233 -22.72 -21.56 49.25
C LYS B 233 -22.57 -23.08 49.30
N PRO B 234 -23.59 -23.79 48.80
CA PRO B 234 -23.51 -25.25 48.70
C PRO B 234 -22.34 -25.62 47.78
N VAL B 235 -21.89 -26.85 47.92
CA VAL B 235 -20.78 -27.38 47.17
C VAL B 235 -20.98 -27.34 45.65
N ASP B 236 -22.19 -27.59 45.18
CA ASP B 236 -22.45 -27.55 43.76
C ASP B 236 -22.35 -26.16 43.15
N GLU B 237 -22.30 -25.12 43.99
CA GLU B 237 -22.35 -23.72 43.54
C GLU B 237 -20.95 -23.16 43.22
N TYR B 238 -19.96 -24.03 43.22
CA TYR B 238 -18.57 -23.58 43.14
C TYR B 238 -18.24 -22.55 42.03
N LYS B 239 -18.88 -22.62 40.88
CA LYS B 239 -18.64 -21.62 39.83
C LYS B 239 -18.87 -20.22 40.37
N ASP B 240 -19.92 -20.08 41.17
CA ASP B 240 -20.26 -18.85 41.89
C ASP B 240 -19.61 -18.65 43.25
N CYS B 241 -19.07 -19.71 43.85
CA CYS B 241 -18.34 -19.55 45.08
C CYS B 241 -16.99 -20.26 45.01
N HIS B 242 -15.89 -19.52 44.89
CA HIS B 242 -14.57 -20.14 44.70
C HIS B 242 -13.43 -19.22 45.09
N LEU B 243 -12.26 -19.77 45.34
CA LEU B 243 -11.14 -18.93 45.66
C LEU B 243 -10.47 -18.33 44.41
N ALA B 244 -10.32 -19.14 43.37
CA ALA B 244 -9.78 -18.63 42.13
C ALA B 244 -10.18 -19.57 41.02
N GLN B 245 -10.22 -19.06 39.79
CA GLN B 245 -10.44 -19.93 38.65
C GLN B 245 -9.12 -20.02 37.88
N VAL B 246 -8.59 -21.22 37.73
CA VAL B 246 -7.29 -21.34 37.08
C VAL B 246 -7.30 -22.22 35.84
N PRO B 247 -6.61 -21.76 34.80
CA PRO B 247 -6.48 -22.52 33.56
C PRO B 247 -5.45 -23.64 33.77
N SER B 248 -5.69 -24.83 33.23
CA SER B 248 -4.83 -25.98 33.52
C SER B 248 -3.50 -25.92 32.79
N HIS B 249 -3.56 -25.93 31.48
CA HIS B 249 -2.32 -25.87 30.76
C HIS B 249 -2.52 -24.96 29.56
N THR B 250 -1.65 -23.97 29.41
CA THR B 250 -1.91 -22.95 28.41
C THR B 250 -0.71 -22.76 27.52
N VAL B 251 -0.91 -22.78 26.22
CA VAL B 251 0.18 -22.41 25.33
C VAL B 251 0.22 -20.89 25.16
N VAL B 252 1.41 -20.31 25.25
CA VAL B 252 1.57 -18.86 25.18
C VAL B 252 2.46 -18.50 24.03
N ALA B 253 2.27 -17.28 23.53
CA ALA B 253 3.09 -16.70 22.46
C ALA B 253 3.35 -15.23 22.71
N ARG B 254 4.16 -14.61 21.84
CA ARG B 254 4.44 -13.20 21.97
C ARG B 254 3.11 -12.45 21.84
N SER B 255 2.99 -11.29 22.48
CA SER B 255 1.78 -10.50 22.30
C SER B 255 1.74 -9.89 20.92
N MET B 256 2.83 -9.25 20.50
CA MET B 256 2.93 -8.70 19.15
C MET B 256 3.79 -9.62 18.29
N GLY B 257 3.33 -9.89 17.08
CA GLY B 257 4.05 -10.75 16.15
C GLY B 257 4.21 -12.18 16.65
N GLY B 258 3.27 -12.61 17.48
CA GLY B 258 3.35 -13.88 18.18
C GLY B 258 3.07 -15.11 17.35
N LYS B 259 2.54 -14.93 16.13
CA LYS B 259 2.14 -16.02 15.24
C LYS B 259 0.95 -16.86 15.74
N GLU B 260 0.00 -16.27 16.46
CA GLU B 260 -1.08 -17.04 17.12
C GLU B 260 -1.91 -17.85 16.14
N ASP B 261 -2.05 -17.32 14.94
CA ASP B 261 -2.73 -17.98 13.84
C ASP B 261 -2.06 -19.29 13.49
N LEU B 262 -0.79 -19.19 13.11
CA LEU B 262 0.01 -20.35 12.75
C LEU B 262 -0.07 -21.41 13.86
N ILE B 263 0.11 -20.99 15.11
CA ILE B 263 0.08 -21.92 16.21
C ILE B 263 -1.26 -22.62 16.27
N TRP B 264 -2.34 -21.86 16.29
CA TRP B 264 -3.66 -22.49 16.28
C TRP B 264 -3.94 -23.36 15.05
N GLU B 265 -3.45 -22.99 13.87
CA GLU B 265 -3.64 -23.86 12.73
C GLU B 265 -2.92 -25.19 12.94
N LEU B 266 -1.69 -25.09 13.39
CA LEU B 266 -0.87 -26.24 13.65
C LEU B 266 -1.53 -27.16 14.69
N LEU B 267 -1.88 -26.59 15.85
CA LEU B 267 -2.42 -27.40 16.92
C LEU B 267 -3.77 -28.02 16.52
N ASN B 268 -4.60 -27.23 15.86
CA ASN B 268 -5.87 -27.74 15.45
C ASN B 268 -5.73 -28.94 14.50
N GLN B 269 -4.84 -28.83 13.51
CA GLN B 269 -4.60 -29.95 12.60
C GLN B 269 -4.02 -31.14 13.35
N ALA B 270 -3.18 -30.86 14.33
CA ALA B 270 -2.50 -31.91 15.08
C ALA B 270 -3.47 -32.73 15.90
N GLN B 271 -4.38 -32.04 16.59
CA GLN B 271 -5.38 -32.76 17.36
C GLN B 271 -6.29 -33.57 16.44
N GLU B 272 -6.53 -33.08 15.22
CA GLU B 272 -7.41 -33.78 14.29
C GLU B 272 -6.86 -35.15 13.94
N HIS B 273 -5.58 -35.17 13.55
CA HIS B 273 -4.87 -36.42 13.25
C HIS B 273 -4.26 -37.22 14.41
N PHE B 274 -3.55 -36.53 15.29
CA PHE B 274 -2.88 -37.17 16.41
C PHE B 274 -3.51 -37.09 17.82
N GLY B 275 -4.66 -36.45 17.92
CA GLY B 275 -5.26 -36.17 19.22
C GLY B 275 -5.83 -37.42 19.86
N LYS B 276 -6.69 -37.25 20.88
CA LYS B 276 -7.11 -38.41 21.66
C LYS B 276 -7.70 -39.49 20.75
N ASP B 277 -7.11 -40.68 20.79
CA ASP B 277 -7.65 -41.85 20.05
C ASP B 277 -7.60 -41.75 18.51
N LYS B 278 -7.15 -40.62 18.00
CA LYS B 278 -7.12 -40.39 16.57
C LYS B 278 -6.19 -41.31 15.77
N SER B 279 -5.01 -41.64 16.29
CA SER B 279 -4.02 -42.40 15.51
C SER B 279 -3.16 -43.38 16.31
N LYS B 280 -2.86 -44.52 15.71
CA LYS B 280 -1.94 -45.49 16.29
C LYS B 280 -0.49 -45.10 16.04
N GLU B 281 -0.26 -44.34 14.97
CA GLU B 281 1.09 -43.96 14.56
C GLU B 281 1.72 -43.00 15.54
N PHE B 282 0.96 -41.99 15.95
CA PHE B 282 1.47 -40.98 16.88
C PHE B 282 0.41 -40.47 17.84
N GLN B 283 0.77 -40.33 19.11
CA GLN B 283 -0.14 -39.73 20.08
C GLN B 283 0.46 -38.42 20.57
N LEU B 284 -0.27 -37.34 20.34
CA LEU B 284 0.15 -36.04 20.81
C LEU B 284 0.11 -36.03 22.32
N PHE B 285 -0.87 -36.72 22.86
CA PHE B 285 -1.14 -36.67 24.29
C PHE B 285 -0.56 -37.79 25.13
N SER B 286 0.28 -38.63 24.57
CA SER B 286 1.12 -39.45 25.43
C SER B 286 2.53 -39.48 24.87
N SER B 287 3.48 -39.98 25.64
CA SER B 287 4.69 -40.55 25.03
C SER B 287 5.28 -41.68 25.83
N PRO B 288 5.99 -42.57 25.13
CA PRO B 288 6.82 -43.59 25.77
C PRO B 288 7.93 -43.00 26.65
N HIS B 289 8.46 -41.86 26.24
CA HIS B 289 9.69 -41.33 26.82
C HIS B 289 9.52 -40.87 28.26
N GLY B 290 8.35 -40.31 28.57
CA GLY B 290 8.09 -39.84 29.91
C GLY B 290 6.64 -39.49 30.11
N LYS B 291 6.37 -38.76 31.18
CA LYS B 291 5.03 -38.26 31.46
C LYS B 291 4.88 -36.80 31.05
N ASP B 292 3.70 -36.45 30.56
CA ASP B 292 3.33 -35.07 30.29
C ASP B 292 4.33 -34.28 29.50
N LEU B 293 4.77 -34.82 28.37
CA LEU B 293 5.74 -34.12 27.53
C LEU B 293 5.05 -33.20 26.52
N LEU B 294 5.35 -31.91 26.62
CA LEU B 294 4.83 -30.81 25.81
C LEU B 294 3.36 -30.48 26.06
N PHE B 295 2.61 -31.41 26.65
CA PHE B 295 1.18 -31.25 26.95
C PHE B 295 0.85 -32.23 28.04
N LYS B 296 -0.22 -32.00 28.77
CA LYS B 296 -0.57 -33.01 29.77
C LYS B 296 -1.14 -34.26 29.09
N ASP B 297 -0.76 -35.42 29.61
CA ASP B 297 -1.20 -36.67 29.05
C ASP B 297 -2.72 -36.85 29.13
N SER B 298 -3.35 -36.07 29.99
CA SER B 298 -4.78 -36.17 30.16
C SER B 298 -5.53 -35.21 29.22
N ALA B 299 -4.80 -34.40 28.45
CA ALA B 299 -5.42 -33.52 27.48
C ALA B 299 -6.35 -34.29 26.55
N HIS B 300 -7.58 -33.82 26.38
CA HIS B 300 -8.42 -34.34 25.32
C HIS B 300 -8.40 -33.55 24.01
N GLY B 301 -7.83 -32.36 24.03
CA GLY B 301 -7.84 -31.53 22.85
C GLY B 301 -7.44 -30.11 23.16
N PHE B 302 -7.56 -29.25 22.15
CA PHE B 302 -7.13 -27.86 22.21
C PHE B 302 -8.32 -26.97 21.88
N LEU B 303 -8.43 -25.84 22.60
CA LEU B 303 -9.33 -24.73 22.20
C LEU B 303 -8.56 -23.45 21.89
N LYS B 304 -9.04 -22.67 20.95
CA LYS B 304 -8.42 -21.39 20.67
C LYS B 304 -8.84 -20.36 21.74
N VAL B 305 -7.88 -19.64 22.31
CA VAL B 305 -8.17 -18.55 23.23
C VAL B 305 -8.49 -17.30 22.44
N PRO B 306 -9.60 -16.66 22.78
CA PRO B 306 -10.07 -15.46 22.05
C PRO B 306 -9.05 -14.33 22.08
N PRO B 307 -8.96 -13.56 20.99
CA PRO B 307 -7.95 -12.52 20.81
C PRO B 307 -7.95 -11.50 21.95
N ARG B 308 -9.13 -11.06 22.36
CA ARG B 308 -9.24 -10.04 23.39
C ARG B 308 -8.48 -10.40 24.68
N MET B 309 -8.41 -11.67 25.00
CA MET B 309 -7.75 -12.05 26.23
C MET B 309 -6.28 -11.65 26.36
N ASP B 310 -5.89 -11.36 27.59
CA ASP B 310 -4.51 -11.14 27.95
C ASP B 310 -4.28 -11.89 29.26
N ALA B 311 -3.03 -12.05 29.66
CA ALA B 311 -2.75 -12.93 30.80
C ALA B 311 -3.56 -12.59 32.04
N LYS B 312 -3.73 -11.29 32.34
CA LYS B 312 -4.42 -10.89 33.57
C LYS B 312 -5.87 -11.31 33.49
N MET B 313 -6.47 -11.08 32.32
CA MET B 313 -7.89 -11.38 32.11
C MET B 313 -8.20 -12.89 32.13
N TYR B 314 -7.27 -13.67 31.58
CA TYR B 314 -7.37 -15.12 31.50
C TYR B 314 -7.21 -15.76 32.88
N LEU B 315 -6.24 -15.29 33.67
CA LEU B 315 -6.04 -15.88 34.99
C LEU B 315 -7.16 -15.47 35.93
N GLY B 316 -7.70 -14.27 35.72
CA GLY B 316 -8.78 -13.76 36.55
C GLY B 316 -8.36 -12.94 37.74
N TYR B 317 -9.26 -12.08 38.22
CA TYR B 317 -8.98 -11.16 39.31
C TYR B 317 -8.37 -11.82 40.55
N GLU B 318 -9.06 -12.85 41.06
CA GLU B 318 -8.66 -13.53 42.28
C GLU B 318 -7.30 -14.20 42.19
N TYR B 319 -7.07 -14.97 41.13
CA TYR B 319 -5.77 -15.57 40.95
C TYR B 319 -4.66 -14.49 40.97
N VAL B 320 -4.80 -13.46 40.14
CA VAL B 320 -3.77 -12.44 40.07
C VAL B 320 -3.55 -11.75 41.42
N THR B 321 -4.61 -11.54 42.17
CA THR B 321 -4.49 -10.93 43.47
C THR B 321 -3.65 -11.78 44.41
N ALA B 322 -3.93 -13.07 44.41
CA ALA B 322 -3.22 -14.01 45.27
C ALA B 322 -1.74 -14.09 44.88
N ILE B 323 -1.46 -14.22 43.58
CA ILE B 323 -0.09 -14.38 43.17
C ILE B 323 0.73 -13.11 43.33
N ARG B 324 0.13 -11.96 43.03
CA ARG B 324 0.79 -10.68 43.26
C ARG B 324 1.10 -10.45 44.72
N ASN B 325 0.16 -10.80 45.60
CA ASN B 325 0.42 -10.70 47.01
C ASN B 325 1.66 -11.49 47.36
N LEU B 326 1.76 -12.68 46.79
CA LEU B 326 2.90 -13.53 47.09
C LEU B 326 4.20 -13.00 46.49
N ARG B 327 4.19 -12.55 45.23
CA ARG B 327 5.42 -12.08 44.60
C ARG B 327 5.88 -10.73 45.14
N GLU B 328 4.97 -9.77 45.17
CA GLU B 328 5.26 -8.39 45.57
C GLU B 328 5.39 -8.26 47.07
N GLY B 329 4.29 -8.56 47.76
CA GLY B 329 4.32 -8.68 49.20
C GLY B 329 3.94 -7.39 49.88
N THR B 330 3.32 -6.50 49.12
CA THR B 330 2.88 -5.23 49.67
C THR B 330 1.49 -5.34 50.28
N CYS B 331 1.37 -4.95 51.54
CA CYS B 331 0.08 -4.92 52.21
C CYS B 331 -0.25 -3.50 52.62
N PRO B 332 -1.54 -3.12 52.57
CA PRO B 332 -1.99 -1.79 53.00
C PRO B 332 -1.85 -1.63 54.51
N GLU B 333 -1.35 -0.49 54.99
CA GLU B 333 -1.08 -0.33 56.42
C GLU B 333 -2.33 -0.23 57.31
N THR B 336 -6.71 3.20 57.83
CA THR B 336 -7.03 1.92 57.20
C THR B 336 -8.39 1.39 57.67
N ASP B 337 -8.72 0.20 57.16
CA ASP B 337 -9.86 -0.65 57.55
C ASP B 337 -11.30 -0.24 57.21
N GLU B 338 -11.49 0.91 56.56
CA GLU B 338 -12.80 1.27 55.96
C GLU B 338 -12.67 1.70 54.49
N CYS B 339 -13.78 2.14 53.92
CA CYS B 339 -13.93 2.21 52.46
C CYS B 339 -12.85 3.04 51.76
N LYS B 340 -12.19 2.41 50.80
CA LYS B 340 -11.10 3.04 50.08
C LYS B 340 -11.71 3.83 48.95
N PRO B 341 -10.92 4.77 48.37
CA PRO B 341 -11.35 5.57 47.21
C PRO B 341 -11.93 4.68 46.12
N VAL B 342 -13.09 5.05 45.58
CA VAL B 342 -13.65 4.33 44.44
C VAL B 342 -13.01 4.86 43.14
N LYS B 343 -12.43 3.97 42.33
CA LYS B 343 -11.81 4.42 41.12
C LYS B 343 -12.86 4.32 40.03
N TRP B 344 -13.30 5.49 39.56
CA TRP B 344 -14.31 5.57 38.51
C TRP B 344 -13.60 5.50 37.16
N CYS B 345 -14.21 4.80 36.20
CA CYS B 345 -13.63 4.70 34.86
C CYS B 345 -14.33 5.65 33.89
N ALA B 346 -13.55 6.57 33.31
CA ALA B 346 -14.08 7.56 32.38
C ALA B 346 -13.84 7.17 30.91
N LEU B 347 -14.76 7.57 30.04
CA LEU B 347 -14.63 7.37 28.58
C LEU B 347 -13.94 8.57 27.88
N SER B 348 -12.71 8.33 27.43
CA SER B 348 -11.79 9.33 26.81
C SER B 348 -11.64 10.65 27.63
N HIS B 349 -11.41 11.77 26.94
N HIS B 349 -11.40 11.78 26.95
CA HIS B 349 -11.08 13.00 27.66
CA HIS B 349 -11.07 13.00 27.69
C HIS B 349 -12.31 13.72 28.19
C HIS B 349 -12.33 13.66 28.22
N HIS B 350 -13.39 13.69 27.41
CA HIS B 350 -14.63 14.37 27.78
C HIS B 350 -15.09 13.89 29.16
N GLU B 351 -15.20 12.58 29.33
CA GLU B 351 -15.61 12.04 30.60
C GLU B 351 -14.52 12.20 31.64
N ARG B 352 -13.27 12.18 31.21
CA ARG B 352 -12.17 12.26 32.16
C ARG B 352 -12.13 13.61 32.84
N LEU B 353 -12.47 14.65 32.11
CA LEU B 353 -12.42 16.02 32.63
C LEU B 353 -13.44 16.23 33.74
N LYS B 354 -14.65 15.69 33.54
CA LYS B 354 -15.73 15.80 34.50
C LYS B 354 -15.45 14.92 35.71
N CYS B 355 -14.88 13.74 35.44
CA CYS B 355 -14.51 12.82 36.50
C CYS B 355 -13.47 13.46 37.43
N ASP B 356 -12.53 14.24 36.87
CA ASP B 356 -11.53 14.90 37.69
C ASP B 356 -12.21 15.89 38.62
N GLU B 357 -13.17 16.64 38.08
CA GLU B 357 -13.90 17.65 38.86
C GLU B 357 -14.67 16.98 39.99
N TRP B 358 -15.22 15.80 39.70
CA TRP B 358 -15.93 15.00 40.68
C TRP B 358 -15.01 14.58 41.80
N SER B 359 -13.85 14.07 41.45
CA SER B 359 -12.89 13.67 42.44
C SER B 359 -12.51 14.82 43.35
N VAL B 360 -12.17 15.98 42.79
CA VAL B 360 -11.76 17.10 43.63
C VAL B 360 -12.86 17.47 44.63
N ASN B 361 -14.11 17.38 44.18
CA ASN B 361 -15.28 17.80 44.97
C ASN B 361 -15.68 16.78 46.02
N SER B 362 -15.37 15.51 45.78
CA SER B 362 -15.66 14.43 46.72
C SER B 362 -14.56 14.32 47.76
N VAL B 363 -13.58 15.20 47.68
CA VAL B 363 -12.38 15.21 48.53
C VAL B 363 -11.68 13.86 48.62
N GLY B 364 -11.52 13.21 47.47
CA GLY B 364 -10.74 11.98 47.40
C GLY B 364 -11.53 10.70 47.55
N LYS B 365 -12.80 10.79 47.91
CA LYS B 365 -13.64 9.59 47.96
C LYS B 365 -13.89 9.00 46.55
N ILE B 366 -13.52 9.74 45.51
CA ILE B 366 -13.62 9.30 44.12
C ILE B 366 -12.31 9.54 43.36
N GLU B 367 -11.89 8.56 42.58
CA GLU B 367 -10.69 8.70 41.76
C GLU B 367 -10.95 8.34 40.30
N CYS B 368 -10.01 8.70 39.43
CA CYS B 368 -10.32 8.66 38.02
C CYS B 368 -9.37 7.81 37.21
N VAL B 369 -9.96 7.02 36.32
CA VAL B 369 -9.23 6.25 35.31
C VAL B 369 -9.92 6.41 33.95
N SER B 370 -9.13 6.63 32.89
CA SER B 370 -9.71 6.70 31.54
C SER B 370 -9.43 5.45 30.72
N ALA B 371 -10.38 5.12 29.84
CA ALA B 371 -10.15 4.18 28.73
C ALA B 371 -10.79 4.77 27.47
N GLU B 372 -10.39 4.30 26.29
CA GLU B 372 -10.94 4.89 25.08
C GLU B 372 -12.26 4.27 24.66
N THR B 373 -12.58 3.10 25.21
CA THR B 373 -13.85 2.43 24.90
C THR B 373 -14.47 1.80 26.13
N THR B 374 -15.79 1.64 26.10
CA THR B 374 -16.53 0.99 27.20
C THR B 374 -16.00 -0.41 27.52
N GLU B 375 -15.77 -1.22 26.50
CA GLU B 375 -15.22 -2.56 26.74
C GLU B 375 -13.88 -2.43 27.46
N ASP B 376 -13.02 -1.54 26.97
CA ASP B 376 -11.74 -1.30 27.62
C ASP B 376 -11.90 -1.01 29.12
N CYS B 377 -12.84 -0.12 29.42
CA CYS B 377 -13.11 0.30 30.79
C CYS B 377 -13.60 -0.88 31.61
N ILE B 378 -14.54 -1.63 31.06
CA ILE B 378 -15.09 -2.75 31.80
C ILE B 378 -13.95 -3.70 32.19
N ALA B 379 -13.08 -4.00 31.23
CA ALA B 379 -11.92 -4.86 31.47
C ALA B 379 -11.04 -4.32 32.61
N LYS B 380 -10.87 -3.00 32.68
CA LYS B 380 -10.10 -2.40 33.76
C LYS B 380 -10.77 -2.63 35.11
N ILE B 381 -12.09 -2.61 35.13
CA ILE B 381 -12.86 -2.93 36.34
C ILE B 381 -12.65 -4.40 36.76
N MET B 382 -12.73 -5.32 35.80
CA MET B 382 -12.31 -6.70 36.02
C MET B 382 -10.89 -6.82 36.63
N ASN B 383 -9.91 -6.11 36.05
CA ASN B 383 -8.51 -6.01 36.53
C ASN B 383 -8.29 -5.66 37.98
N GLY B 384 -9.09 -4.72 38.47
CA GLY B 384 -8.73 -3.96 39.65
C GLY B 384 -8.25 -2.56 39.29
N GLU B 385 -7.85 -2.33 38.04
CA GLU B 385 -7.37 -1.04 37.59
C GLU B 385 -8.39 0.07 37.84
N ALA B 386 -9.67 -0.31 37.76
CA ALA B 386 -10.77 0.60 37.96
C ALA B 386 -11.77 -0.10 38.83
N ASP B 387 -12.68 0.66 39.44
CA ASP B 387 -13.69 0.09 40.34
C ASP B 387 -15.08 0.02 39.74
N ALA B 388 -15.65 1.15 39.35
CA ALA B 388 -17.01 1.18 38.79
C ALA B 388 -17.22 2.20 37.68
N MET B 389 -18.31 2.02 36.95
CA MET B 389 -18.78 2.98 35.95
C MET B 389 -20.28 2.73 35.75
N SER B 390 -20.98 3.67 35.13
CA SER B 390 -22.36 3.43 34.72
C SER B 390 -22.47 2.98 33.26
N LEU B 391 -23.41 2.09 33.01
CA LEU B 391 -23.48 1.34 31.75
C LEU B 391 -24.88 1.27 31.12
N ASP B 392 -24.94 1.46 29.81
CA ASP B 392 -26.16 1.17 29.09
C ASP B 392 -26.46 -0.32 29.30
N GLY B 393 -27.75 -0.64 29.41
CA GLY B 393 -28.20 -1.98 29.72
C GLY B 393 -27.57 -3.05 28.86
N GLY B 394 -27.27 -2.74 27.60
CA GLY B 394 -26.55 -3.67 26.74
C GLY B 394 -25.17 -3.98 27.29
N PHE B 395 -24.53 -2.97 27.88
CA PHE B 395 -23.26 -3.22 28.55
C PHE B 395 -23.33 -3.77 29.98
N VAL B 396 -24.36 -3.43 30.75
CA VAL B 396 -24.55 -4.18 31.99
C VAL B 396 -24.78 -5.66 31.68
N TYR B 397 -25.30 -5.95 30.50
CA TYR B 397 -25.35 -7.35 30.06
C TYR B 397 -23.95 -7.93 29.86
N ILE B 398 -23.11 -7.28 29.07
CA ILE B 398 -21.73 -7.76 28.87
C ILE B 398 -20.91 -7.86 30.17
N ALA B 399 -20.93 -6.76 30.95
CA ALA B 399 -20.30 -6.73 32.27
C ALA B 399 -20.76 -7.89 33.15
N GLY B 400 -22.04 -8.24 33.05
CA GLY B 400 -22.58 -9.37 33.78
C GLY B 400 -21.91 -10.68 33.39
N LYS B 401 -21.78 -10.92 32.09
CA LYS B 401 -21.14 -12.13 31.60
C LYS B 401 -19.66 -12.10 31.97
N CYS B 402 -19.16 -10.90 32.25
CA CYS B 402 -17.77 -10.73 32.63
C CYS B 402 -17.55 -10.79 34.14
N GLY B 403 -18.65 -10.99 34.86
CA GLY B 403 -18.58 -11.22 36.30
C GLY B 403 -18.84 -9.99 37.13
N LEU B 404 -18.99 -8.83 36.50
CA LEU B 404 -19.37 -7.63 37.25
C LEU B 404 -20.85 -7.65 37.71
N VAL B 405 -21.16 -7.00 38.82
CA VAL B 405 -22.55 -6.93 39.28
C VAL B 405 -23.10 -5.50 39.33
N PRO B 406 -24.41 -5.36 39.07
CA PRO B 406 -25.09 -4.07 39.19
C PRO B 406 -25.35 -3.71 40.66
N VAL B 407 -25.21 -2.42 40.97
CA VAL B 407 -25.23 -1.99 42.35
C VAL B 407 -26.32 -0.92 42.55
N LEU B 408 -26.21 0.20 41.84
CA LEU B 408 -27.28 1.19 41.80
C LEU B 408 -27.78 1.38 40.37
N ALA B 409 -29.02 1.84 40.24
CA ALA B 409 -29.63 2.07 38.92
C ALA B 409 -29.93 3.54 38.66
N GLU B 410 -29.72 4.01 37.43
CA GLU B 410 -30.12 5.36 37.04
C GLU B 410 -31.65 5.46 36.98
N ASN B 411 -32.24 6.40 37.71
CA ASN B 411 -33.70 6.64 37.63
C ASN B 411 -34.01 7.93 36.85
N TYR B 412 -34.78 7.80 35.79
CA TYR B 412 -35.11 8.97 34.97
C TYR B 412 -36.47 9.60 35.31
N ASP B 413 -37.13 9.05 36.31
CA ASP B 413 -38.47 9.49 36.68
C ASP B 413 -38.50 10.41 37.89
N LYS B 414 -39.22 11.51 37.74
CA LYS B 414 -39.16 12.56 38.75
C LYS B 414 -40.18 12.37 39.86
N SER B 415 -39.66 12.18 41.06
CA SER B 415 -40.49 12.07 42.26
C SER B 415 -39.66 12.36 43.51
N ASP B 416 -40.32 12.36 44.65
CA ASP B 416 -39.62 12.52 45.92
C ASP B 416 -39.35 11.18 46.60
N ASN B 417 -39.83 10.14 45.91
CA ASN B 417 -39.64 8.75 46.30
CA ASN B 417 -39.62 8.75 46.32
C ASN B 417 -38.47 8.10 45.54
N CYS B 418 -37.74 8.89 44.74
CA CYS B 418 -36.82 8.37 43.71
C CYS B 418 -35.92 7.17 44.04
N GLU B 419 -35.00 7.29 45.00
CA GLU B 419 -34.11 6.18 45.32
C GLU B 419 -34.81 4.86 45.64
N ASP B 420 -36.01 4.94 46.22
CA ASP B 420 -36.75 3.75 46.66
C ASP B 420 -37.78 3.20 45.65
N THR B 421 -37.81 3.76 44.44
CA THR B 421 -38.85 3.51 43.44
C THR B 421 -38.31 2.87 42.15
N PRO B 422 -38.30 1.53 42.09
CA PRO B 422 -37.87 0.82 40.88
C PRO B 422 -38.60 1.35 39.63
N GLU B 423 -37.89 1.42 38.50
CA GLU B 423 -38.48 1.87 37.24
C GLU B 423 -38.57 0.71 36.25
N ALA B 424 -39.55 0.76 35.36
CA ALA B 424 -39.72 -0.33 34.39
C ALA B 424 -38.75 -0.16 33.23
N GLY B 425 -38.17 1.02 33.11
CA GLY B 425 -37.26 1.31 32.02
C GLY B 425 -37.83 2.25 31.00
N TYR B 426 -36.96 2.80 30.16
CA TYR B 426 -37.38 3.75 29.14
C TYR B 426 -37.76 3.02 27.85
N PHE B 427 -38.06 3.76 26.79
CA PHE B 427 -38.50 3.17 25.52
C PHE B 427 -37.50 3.34 24.37
N ALA B 428 -37.27 2.24 23.65
CA ALA B 428 -36.48 2.30 22.43
C ALA B 428 -37.43 2.68 21.30
N VAL B 429 -37.14 3.79 20.63
CA VAL B 429 -38.00 4.24 19.54
C VAL B 429 -37.21 4.40 18.24
N ALA B 430 -37.94 4.29 17.12
CA ALA B 430 -37.37 4.55 15.81
C ALA B 430 -37.88 5.92 15.35
N VAL B 431 -36.95 6.86 15.14
CA VAL B 431 -37.28 8.26 14.82
C VAL B 431 -36.99 8.66 13.36
N VAL B 432 -38.02 9.18 12.68
CA VAL B 432 -37.88 9.65 11.28
C VAL B 432 -38.40 11.07 11.14
N LYS B 433 -38.00 11.73 10.05
CA LYS B 433 -38.49 13.07 9.74
C LYS B 433 -39.94 13.03 9.25
N LYS B 434 -40.76 13.98 9.69
CA LYS B 434 -42.15 14.04 9.25
C LYS B 434 -42.17 14.28 7.75
N SER B 435 -41.19 15.03 7.27
CA SER B 435 -41.10 15.38 5.86
C SER B 435 -40.95 14.16 4.95
N ALA B 436 -40.22 13.15 5.44
CA ALA B 436 -40.07 11.90 4.72
C ALA B 436 -41.15 10.93 5.16
N SER B 437 -42.02 10.59 4.23
CA SER B 437 -43.19 9.81 4.56
C SER B 437 -43.16 8.52 3.76
N ASP B 438 -43.99 7.56 4.15
CA ASP B 438 -44.11 6.32 3.40
C ASP B 438 -42.88 5.43 3.69
N LEU B 439 -41.93 5.97 4.45
CA LEU B 439 -40.89 5.13 5.03
C LEU B 439 -41.38 4.59 6.39
N THR B 440 -41.46 3.26 6.49
CA THR B 440 -42.13 2.59 7.59
C THR B 440 -41.22 1.53 8.19
N TRP B 441 -41.59 1.03 9.37
CA TRP B 441 -40.84 -0.08 9.96
C TRP B 441 -40.87 -1.29 9.02
N ASP B 442 -41.89 -1.34 8.16
CA ASP B 442 -42.12 -2.49 7.29
C ASP B 442 -41.00 -2.68 6.28
N ASN B 443 -40.63 -1.64 5.54
CA ASN B 443 -39.33 -1.67 4.87
C ASN B 443 -38.47 -0.42 5.11
N LEU B 444 -37.40 -0.62 5.87
CA LEU B 444 -36.33 0.37 6.03
C LEU B 444 -35.15 0.04 5.13
N LYS B 445 -35.26 -1.06 4.40
CA LYS B 445 -34.13 -1.59 3.63
C LYS B 445 -33.68 -0.59 2.59
N GLY B 446 -32.37 -0.44 2.49
CA GLY B 446 -31.79 0.55 1.59
C GLY B 446 -31.76 1.96 2.15
N LYS B 447 -32.41 2.19 3.29
CA LYS B 447 -32.41 3.54 3.85
C LYS B 447 -31.17 3.74 4.72
N LYS B 448 -30.98 4.94 5.27
CA LYS B 448 -29.77 5.31 6.01
C LYS B 448 -30.00 5.45 7.51
N SER B 449 -29.17 4.79 8.31
CA SER B 449 -29.47 4.62 9.73
C SER B 449 -28.50 5.27 10.72
N CYS B 450 -29.03 5.62 11.89
CA CYS B 450 -28.27 6.29 12.94
C CYS B 450 -28.47 5.58 14.27
N HIS B 451 -27.38 5.10 14.85
CA HIS B 451 -27.46 4.37 16.10
C HIS B 451 -26.66 5.06 17.19
N THR B 452 -27.06 4.89 18.45
CA THR B 452 -26.34 5.54 19.56
C THR B 452 -24.88 5.08 19.55
N ALA B 453 -24.70 3.76 19.48
CA ALA B 453 -23.41 3.08 19.35
C ALA B 453 -23.69 1.59 19.31
N VAL B 454 -22.76 0.81 18.80
CA VAL B 454 -23.03 -0.62 18.66
C VAL B 454 -23.13 -1.29 20.05
N GLY B 455 -24.14 -2.13 20.22
CA GLY B 455 -24.26 -2.92 21.43
C GLY B 455 -25.10 -2.29 22.52
N ARG B 456 -25.52 -1.06 22.26
CA ARG B 456 -26.41 -0.32 23.16
C ARG B 456 -27.91 -0.66 22.97
N THR B 457 -28.67 -0.60 24.07
CA THR B 457 -30.09 -0.97 24.05
C THR B 457 -30.94 -0.37 22.92
N ALA B 458 -31.19 0.93 22.98
CA ALA B 458 -32.06 1.53 21.97
C ALA B 458 -31.36 1.64 20.61
N GLY B 459 -30.08 1.98 20.63
CA GLY B 459 -29.40 2.30 19.40
C GLY B 459 -29.07 1.04 18.61
N TRP B 460 -28.91 -0.07 19.31
CA TRP B 460 -28.48 -1.28 18.64
C TRP B 460 -29.32 -2.53 18.95
N ASN B 461 -29.22 -3.01 20.20
CA ASN B 461 -29.79 -4.31 20.57
C ASN B 461 -31.26 -4.50 20.19
N ILE B 462 -32.12 -3.58 20.64
CA ILE B 462 -33.56 -3.69 20.39
C ILE B 462 -33.90 -3.72 18.90
N PRO B 463 -33.54 -2.64 18.19
CA PRO B 463 -33.88 -2.53 16.78
C PRO B 463 -33.21 -3.58 15.90
N MET B 464 -31.95 -3.90 16.18
CA MET B 464 -31.22 -4.84 15.33
C MET B 464 -31.64 -6.28 15.60
N GLY B 465 -31.96 -6.60 16.84
CA GLY B 465 -32.47 -7.91 17.17
C GLY B 465 -33.79 -8.17 16.45
N LEU B 466 -34.65 -7.15 16.43
CA LEU B 466 -35.94 -7.24 15.76
C LEU B 466 -35.71 -7.42 14.28
N LEU B 467 -34.88 -6.55 13.71
CA LEU B 467 -34.54 -6.66 12.30
C LEU B 467 -33.93 -8.03 11.99
N TYR B 468 -33.14 -8.56 12.93
CA TYR B 468 -32.53 -9.87 12.76
C TYR B 468 -33.61 -10.94 12.64
N ASN B 469 -34.61 -10.88 13.49
CA ASN B 469 -35.71 -11.82 13.44
C ASN B 469 -36.46 -11.74 12.12
N LYS B 470 -36.63 -10.53 11.61
CA LYS B 470 -37.23 -10.35 10.29
C LYS B 470 -36.36 -10.95 9.19
N ILE B 471 -35.12 -10.49 9.09
CA ILE B 471 -34.25 -10.90 7.98
C ILE B 471 -33.43 -12.19 8.18
N ASN B 472 -33.36 -12.69 9.41
CA ASN B 472 -32.70 -13.97 9.70
C ASN B 472 -31.23 -14.06 9.28
N HIS B 473 -30.57 -12.90 9.17
CA HIS B 473 -29.14 -12.84 8.85
C HIS B 473 -28.45 -11.62 9.45
N CYS B 474 -27.15 -11.76 9.70
CA CYS B 474 -26.40 -10.83 10.53
C CYS B 474 -25.86 -9.53 9.91
N ARG B 475 -25.80 -9.40 8.59
CA ARG B 475 -25.07 -8.27 8.05
C ARG B 475 -26.08 -7.16 7.86
N PHE B 476 -26.01 -6.17 8.74
CA PHE B 476 -26.94 -5.05 8.69
C PHE B 476 -26.38 -3.91 7.87
N ASP B 477 -25.08 -3.98 7.57
CA ASP B 477 -24.47 -2.95 6.75
C ASP B 477 -24.87 -3.22 5.30
N GLU B 478 -25.23 -4.47 5.01
CA GLU B 478 -25.77 -4.80 3.70
C GLU B 478 -27.24 -4.41 3.59
N PHE B 479 -27.96 -4.50 4.71
CA PHE B 479 -29.38 -4.15 4.79
C PHE B 479 -29.63 -2.64 4.62
N PHE B 480 -28.94 -1.84 5.43
CA PHE B 480 -28.95 -0.39 5.23
C PHE B 480 -27.93 -0.02 4.18
N SER B 481 -28.22 1.04 3.41
CA SER B 481 -27.25 1.55 2.44
C SER B 481 -26.02 2.10 3.16
N GLU B 482 -26.27 2.91 4.18
CA GLU B 482 -25.22 3.58 4.92
C GLU B 482 -25.79 3.91 6.29
N GLY B 483 -24.90 4.26 7.21
CA GLY B 483 -25.34 4.79 8.49
C GLY B 483 -24.20 5.20 9.37
N CYS B 484 -24.53 5.63 10.59
CA CYS B 484 -23.52 5.79 11.63
C CYS B 484 -23.85 4.91 12.83
N ALA B 485 -23.01 3.91 13.05
CA ALA B 485 -23.14 3.04 14.21
C ALA B 485 -21.77 2.98 14.89
N PRO B 486 -21.53 3.92 15.79
CA PRO B 486 -20.20 4.05 16.40
C PRO B 486 -19.78 2.75 17.07
N GLY B 487 -18.52 2.35 16.86
CA GLY B 487 -18.06 1.06 17.35
C GLY B 487 -18.11 -0.02 16.26
N SER B 488 -18.60 0.36 15.07
CA SER B 488 -18.57 -0.52 13.92
C SER B 488 -17.15 -0.60 13.36
N LYS B 489 -16.89 -1.66 12.61
CA LYS B 489 -15.63 -1.75 11.88
C LYS B 489 -15.48 -0.51 10.98
N LYS B 490 -14.33 0.16 11.05
CA LYS B 490 -14.17 1.47 10.40
C LYS B 490 -14.38 1.54 8.88
N ASP B 491 -14.17 0.42 8.19
CA ASP B 491 -14.41 0.32 6.75
C ASP B 491 -15.84 -0.11 6.41
N SER B 492 -16.68 -0.28 7.42
CA SER B 492 -18.07 -0.64 7.23
C SER B 492 -18.87 0.51 6.64
N SER B 493 -20.03 0.18 6.04
CA SER B 493 -20.92 1.20 5.52
C SER B 493 -21.62 1.88 6.69
N LEU B 494 -21.58 1.24 7.85
CA LEU B 494 -22.22 1.80 9.04
C LEU B 494 -21.32 2.83 9.76
N CYS B 495 -20.09 2.98 9.25
CA CYS B 495 -19.21 4.09 9.63
C CYS B 495 -19.23 5.31 8.72
N LYS B 496 -19.88 5.21 7.56
CA LYS B 496 -19.80 6.24 6.54
C LYS B 496 -20.47 7.58 6.86
N LEU B 497 -21.57 7.58 7.62
CA LEU B 497 -22.27 8.83 7.91
C LEU B 497 -21.68 9.53 9.13
N CYS B 498 -20.78 8.84 9.83
CA CYS B 498 -20.19 9.36 11.06
C CYS B 498 -19.42 10.70 10.87
N MET B 499 -19.51 11.59 11.86
CA MET B 499 -18.93 12.94 11.75
C MET B 499 -17.53 13.03 12.38
N GLY B 500 -17.07 11.92 12.94
CA GLY B 500 -15.78 11.85 13.61
C GLY B 500 -14.63 12.22 12.69
N SER B 501 -13.64 12.90 13.26
CA SER B 501 -12.56 13.51 12.47
C SER B 501 -11.36 12.56 12.34
N GLY B 502 -10.92 12.31 11.11
CA GLY B 502 -9.81 11.42 10.88
C GLY B 502 -10.04 10.04 11.47
N LEU B 503 -9.12 9.61 12.33
CA LEU B 503 -9.25 8.30 12.98
C LEU B 503 -10.31 8.29 14.05
N ASN B 504 -10.86 9.44 14.40
CA ASN B 504 -11.92 9.47 15.39
C ASN B 504 -13.20 8.88 14.84
N LEU B 505 -13.32 8.83 13.52
CA LEU B 505 -14.57 8.48 12.87
C LEU B 505 -15.14 7.15 13.39
N CYS B 506 -16.39 7.18 13.86
CA CYS B 506 -17.07 5.95 14.21
C CYS B 506 -16.54 5.38 15.51
N GLU B 507 -15.55 6.03 16.10
CA GLU B 507 -15.13 5.69 17.44
C GLU B 507 -16.31 5.78 18.43
N PRO B 508 -16.41 4.79 19.32
CA PRO B 508 -17.55 4.74 20.24
C PRO B 508 -17.26 5.50 21.53
N ASN B 509 -16.88 6.77 21.37
CA ASN B 509 -16.78 7.74 22.45
C ASN B 509 -17.10 9.15 21.96
N ASN B 510 -16.94 10.14 22.81
CA ASN B 510 -17.35 11.47 22.42
C ASN B 510 -16.46 12.20 21.39
N LYS B 511 -15.33 11.61 21.04
CA LYS B 511 -14.56 12.07 19.89
C LYS B 511 -15.37 11.98 18.59
N GLU B 512 -16.44 11.19 18.59
CA GLU B 512 -17.37 11.12 17.47
C GLU B 512 -18.69 11.80 17.83
N GLY B 513 -19.06 12.84 17.09
CA GLY B 513 -20.21 13.64 17.45
C GLY B 513 -21.55 12.98 17.27
N TYR B 514 -21.58 11.87 16.52
CA TYR B 514 -22.81 11.10 16.32
C TYR B 514 -22.95 9.96 17.32
N TYR B 515 -22.03 9.91 18.27
CA TYR B 515 -22.06 8.93 19.34
C TYR B 515 -23.10 9.27 20.39
N GLY B 516 -23.81 8.27 20.90
CA GLY B 516 -24.82 8.51 21.92
C GLY B 516 -26.20 8.98 21.47
N TYR B 517 -27.14 9.15 22.41
CA TYR B 517 -28.53 9.46 22.02
C TYR B 517 -28.59 10.73 21.20
N THR B 518 -28.08 11.82 21.75
CA THR B 518 -28.11 13.08 21.03
C THR B 518 -27.29 12.99 19.75
N GLY B 519 -26.13 12.33 19.85
CA GLY B 519 -25.30 12.15 18.68
C GLY B 519 -26.12 11.58 17.54
N ALA B 520 -26.85 10.51 17.82
CA ALA B 520 -27.69 9.81 16.83
C ALA B 520 -28.77 10.72 16.23
N PHE B 521 -29.46 11.47 17.08
CA PHE B 521 -30.53 12.34 16.61
C PHE B 521 -29.98 13.40 15.66
N ARG B 522 -28.79 13.89 15.99
CA ARG B 522 -28.15 14.89 15.15
C ARG B 522 -27.79 14.28 13.79
N CYS B 523 -27.45 12.99 13.81
CA CYS B 523 -27.22 12.21 12.59
C CYS B 523 -28.48 12.14 11.69
N LEU B 524 -29.66 11.90 12.29
CA LEU B 524 -30.91 11.88 11.54
C LEU B 524 -31.19 13.25 10.95
N VAL B 525 -31.08 14.26 11.79
CA VAL B 525 -31.19 15.64 11.32
C VAL B 525 -30.27 15.88 10.12
N GLU B 526 -28.97 15.76 10.35
CA GLU B 526 -27.97 16.13 9.35
C GLU B 526 -27.71 15.15 8.19
N LYS B 527 -27.90 13.85 8.41
CA LYS B 527 -27.65 12.85 7.36
C LYS B 527 -28.74 11.79 7.12
N GLY B 528 -28.97 10.95 8.15
CA GLY B 528 -29.82 9.77 8.03
C GLY B 528 -31.34 9.85 7.82
N ASP B 529 -31.89 8.70 7.44
CA ASP B 529 -33.33 8.47 7.34
C ASP B 529 -34.02 8.12 8.66
N VAL B 530 -33.37 7.32 9.49
CA VAL B 530 -33.96 6.88 10.75
C VAL B 530 -32.93 6.82 11.88
N ALA B 531 -33.26 7.33 13.06
CA ALA B 531 -32.36 7.25 14.22
C ALA B 531 -32.94 6.37 15.33
N PHE B 532 -32.08 5.53 15.91
CA PHE B 532 -32.49 4.65 17.00
C PHE B 532 -32.02 5.20 18.35
N VAL B 533 -32.97 5.61 19.19
CA VAL B 533 -32.70 6.39 20.39
C VAL B 533 -33.77 6.14 21.45
N LYS B 534 -33.57 6.75 22.62
CA LYS B 534 -34.51 6.66 23.74
C LYS B 534 -35.68 7.61 23.47
N HIS B 535 -36.83 7.32 24.07
CA HIS B 535 -38.01 8.10 23.75
C HIS B 535 -37.87 9.58 24.12
N GLN B 536 -36.97 9.88 25.06
CA GLN B 536 -36.84 11.25 25.55
C GLN B 536 -36.02 12.16 24.63
N THR B 537 -35.28 11.56 23.71
CA THR B 537 -34.27 12.29 22.96
C THR B 537 -34.80 13.47 22.12
N VAL B 538 -35.85 13.25 21.34
CA VAL B 538 -36.40 14.35 20.55
C VAL B 538 -36.96 15.53 21.38
N PRO B 539 -37.69 15.26 22.47
CA PRO B 539 -38.09 16.41 23.29
C PRO B 539 -36.92 17.07 24.01
N GLN B 540 -35.84 16.35 24.25
CA GLN B 540 -34.74 16.96 24.96
C GLN B 540 -34.01 17.89 24.02
N ASN B 541 -33.96 17.50 22.75
CA ASN B 541 -33.22 18.27 21.75
C ASN B 541 -33.97 19.26 20.84
N THR B 542 -35.26 19.46 21.07
CA THR B 542 -36.03 20.43 20.27
C THR B 542 -36.51 21.59 21.14
N GLY B 543 -37.27 22.50 20.53
CA GLY B 543 -37.82 23.64 21.24
C GLY B 543 -36.80 24.52 21.96
N GLY B 544 -35.59 24.60 21.44
CA GLY B 544 -34.53 25.40 22.04
C GLY B 544 -33.90 24.82 23.30
N LYS B 545 -34.45 23.72 23.79
CA LYS B 545 -33.92 23.05 24.98
C LYS B 545 -32.42 22.76 24.79
N ASN B 546 -32.05 22.43 23.56
CA ASN B 546 -30.64 22.31 23.19
C ASN B 546 -30.15 23.57 22.45
N PRO B 547 -29.24 24.36 23.09
CA PRO B 547 -28.75 25.66 22.65
C PRO B 547 -27.81 25.66 21.45
N ASP B 548 -27.15 24.54 21.19
CA ASP B 548 -26.15 24.43 20.12
C ASP B 548 -26.72 24.65 18.73
N PRO B 549 -25.93 25.28 17.85
CA PRO B 549 -26.41 25.77 16.57
C PRO B 549 -27.19 24.73 15.79
N TRP B 550 -26.79 23.47 15.84
CA TRP B 550 -27.47 22.47 15.04
C TRP B 550 -28.93 22.20 15.48
N ALA B 551 -29.16 22.11 16.80
CA ALA B 551 -30.49 21.83 17.33
C ALA B 551 -31.28 23.07 17.80
N LYS B 552 -30.66 24.24 17.71
CA LYS B 552 -31.20 25.47 18.31
C LYS B 552 -32.63 25.77 17.84
N ASN B 553 -32.85 25.62 16.54
CA ASN B 553 -34.13 25.88 15.90
C ASN B 553 -35.04 24.68 15.62
N LEU B 554 -34.61 23.49 16.05
CA LEU B 554 -35.39 22.27 15.82
C LEU B 554 -36.74 22.25 16.52
N ASN B 555 -37.74 21.74 15.80
CA ASN B 555 -39.07 21.64 16.37
C ASN B 555 -39.57 20.20 16.48
N GLU B 556 -40.15 19.89 17.63
CA GLU B 556 -40.62 18.55 17.96
C GLU B 556 -41.67 18.01 16.99
N LYS B 557 -42.53 18.88 16.47
CA LYS B 557 -43.64 18.47 15.61
C LYS B 557 -43.14 18.01 14.24
N ASP B 558 -41.84 18.15 14.02
CA ASP B 558 -41.24 17.77 12.73
C ASP B 558 -40.77 16.32 12.68
N TYR B 559 -41.01 15.58 13.74
CA TYR B 559 -40.58 14.19 13.81
C TYR B 559 -41.69 13.24 14.23
N GLU B 560 -41.55 11.98 13.83
CA GLU B 560 -42.51 10.94 14.15
C GLU B 560 -41.79 9.62 14.53
N LEU B 561 -42.50 8.77 15.25
CA LEU B 561 -41.96 7.48 15.67
C LEU B 561 -42.51 6.36 14.80
N LEU B 562 -41.65 5.41 14.44
CA LEU B 562 -42.08 4.20 13.72
C LEU B 562 -42.68 3.17 14.67
N CYS B 563 -43.95 2.83 14.45
CA CYS B 563 -44.63 1.80 15.22
C CYS B 563 -44.34 0.42 14.65
N LEU B 564 -44.28 -0.58 15.51
CA LEU B 564 -44.07 -1.95 15.05
C LEU B 564 -45.16 -2.39 14.06
N ASP B 565 -46.37 -1.86 14.20
CA ASP B 565 -47.52 -2.35 13.43
C ASP B 565 -47.54 -1.73 12.03
N GLY B 566 -46.53 -0.93 11.73
CA GLY B 566 -46.36 -0.36 10.40
C GLY B 566 -46.88 1.05 10.28
N THR B 567 -47.36 1.61 11.38
CA THR B 567 -47.83 3.00 11.37
C THR B 567 -46.82 3.96 12.02
N ARG B 568 -47.18 5.24 12.01
CA ARG B 568 -46.36 6.32 12.58
C ARG B 568 -47.19 7.13 13.56
N LYS B 569 -46.57 7.68 14.59
CA LYS B 569 -47.27 8.53 15.56
C LYS B 569 -46.31 9.62 16.02
N PRO B 570 -46.84 10.78 16.45
CA PRO B 570 -46.03 11.90 16.99
C PRO B 570 -45.17 11.49 18.20
N VAL B 571 -44.05 12.18 18.44
CA VAL B 571 -43.10 11.67 19.44
C VAL B 571 -43.64 11.55 20.89
N GLU B 572 -44.70 12.28 21.19
CA GLU B 572 -45.35 12.21 22.50
C GLU B 572 -46.06 10.85 22.71
N GLU B 573 -46.39 10.21 21.59
CA GLU B 573 -47.23 9.01 21.52
C GLU B 573 -46.38 7.78 21.84
N TYR B 574 -45.13 8.01 22.21
CA TYR B 574 -44.13 6.97 22.36
C TYR B 574 -44.61 5.80 23.23
N ALA B 575 -45.54 6.08 24.15
CA ALA B 575 -46.09 5.01 24.97
C ALA B 575 -46.77 3.97 24.07
N ASN B 576 -47.52 4.44 23.07
CA ASN B 576 -48.17 3.54 22.12
C ASN B 576 -47.40 3.28 20.82
N CYS B 577 -46.30 3.97 20.61
CA CYS B 577 -45.44 3.63 19.50
C CYS B 577 -44.03 3.46 20.02
N HIS B 578 -43.57 2.23 20.06
CA HIS B 578 -42.19 1.98 20.47
C HIS B 578 -41.69 0.64 19.98
N LEU B 579 -40.38 0.49 19.92
CA LEU B 579 -39.77 -0.78 19.52
C LEU B 579 -39.70 -1.78 20.66
N ALA B 580 -39.43 -1.28 21.86
CA ALA B 580 -39.33 -2.14 23.04
C ALA B 580 -39.06 -1.30 24.28
N ARG B 581 -39.05 -1.96 25.43
CA ARG B 581 -38.77 -1.30 26.68
C ARG B 581 -37.32 -1.58 27.02
N ALA B 582 -36.60 -0.53 27.44
CA ALA B 582 -35.18 -0.61 27.79
C ALA B 582 -34.91 -0.50 29.30
N PRO B 583 -34.17 -1.46 29.89
CA PRO B 583 -33.81 -1.32 31.31
C PRO B 583 -32.91 -0.09 31.55
N ASN B 584 -33.20 0.66 32.63
CA ASN B 584 -32.45 1.86 32.93
C ASN B 584 -30.96 1.54 33.01
N HIS B 585 -30.12 2.48 32.57
CA HIS B 585 -28.66 2.34 32.75
C HIS B 585 -28.33 2.15 34.26
N ALA B 586 -27.27 1.38 34.55
CA ALA B 586 -26.90 1.12 35.93
C ALA B 586 -25.39 1.16 36.18
N VAL B 587 -25.01 1.44 37.42
CA VAL B 587 -23.61 1.37 37.82
C VAL B 587 -23.19 -0.08 38.13
N VAL B 588 -22.03 -0.50 37.63
CA VAL B 588 -21.54 -1.85 37.93
C VAL B 588 -20.15 -1.89 38.58
N THR B 589 -19.89 -2.94 39.37
CA THR B 589 -18.58 -3.15 39.99
C THR B 589 -18.24 -4.59 40.17
N ARG B 590 -17.07 -4.81 40.78
CA ARG B 590 -16.64 -6.11 41.21
C ARG B 590 -17.36 -6.43 42.51
N LYS B 591 -17.70 -7.69 42.72
CA LYS B 591 -18.36 -8.14 43.93
C LYS B 591 -17.67 -7.60 45.20
N ASP B 592 -16.34 -7.57 45.20
CA ASP B 592 -15.57 -7.12 46.37
C ASP B 592 -15.65 -5.64 46.64
N LYS B 593 -15.99 -4.86 45.63
CA LYS B 593 -16.14 -3.41 45.79
C LYS B 593 -17.58 -2.97 46.00
N GLU B 594 -18.51 -3.91 45.94
CA GLU B 594 -19.94 -3.59 45.83
C GLU B 594 -20.54 -2.88 47.03
N ALA B 595 -20.15 -3.25 48.24
CA ALA B 595 -20.58 -2.52 49.44
C ALA B 595 -20.05 -1.07 49.45
N CYS B 596 -18.74 -0.92 49.23
CA CYS B 596 -18.13 0.40 49.21
C CYS B 596 -18.78 1.33 48.18
N VAL B 597 -18.95 0.82 46.96
CA VAL B 597 -19.53 1.61 45.87
C VAL B 597 -20.96 2.04 46.16
N HIS B 598 -21.76 1.12 46.70
CA HIS B 598 -23.15 1.43 47.04
C HIS B 598 -23.25 2.56 48.07
N LYS B 599 -22.42 2.51 49.10
CA LYS B 599 -22.42 3.49 50.19
C LYS B 599 -21.82 4.86 49.78
N ILE B 600 -20.75 4.84 49.00
CA ILE B 600 -20.08 6.06 48.58
C ILE B 600 -20.92 6.85 47.57
N LEU B 601 -21.53 6.13 46.61
CA LEU B 601 -22.38 6.77 45.61
C LEU B 601 -23.64 7.36 46.22
N ARG B 602 -24.20 6.70 47.22
CA ARG B 602 -25.38 7.25 47.85
C ARG B 602 -25.04 8.58 48.52
N GLN B 603 -23.87 8.67 49.15
CA GLN B 603 -23.42 9.91 49.78
C GLN B 603 -23.14 10.96 48.70
N GLN B 604 -22.46 10.54 47.64
CA GLN B 604 -22.02 11.44 46.58
C GLN B 604 -23.20 12.09 45.86
N GLN B 605 -24.25 11.33 45.61
CA GLN B 605 -25.42 11.88 44.94
C GLN B 605 -26.26 12.74 45.88
N HIS B 606 -26.22 12.49 47.18
CA HIS B 606 -26.90 13.40 48.08
C HIS B 606 -26.22 14.77 48.01
N LEU B 607 -24.90 14.77 47.81
CA LEU B 607 -24.17 16.02 47.60
C LEU B 607 -24.33 16.71 46.24
N PHE B 608 -24.04 16.00 45.18
CA PHE B 608 -24.04 16.57 43.84
C PHE B 608 -25.25 16.28 42.95
N GLY B 609 -26.22 15.55 43.49
CA GLY B 609 -27.36 15.04 42.72
C GLY B 609 -28.31 16.13 42.25
N SER B 610 -29.41 15.73 41.62
CA SER B 610 -30.30 16.69 40.97
C SER B 610 -30.94 17.68 41.95
N ASP B 611 -30.72 17.47 43.25
CA ASP B 611 -31.09 18.45 44.29
C ASP B 611 -30.27 19.75 44.16
N VAL B 612 -29.22 19.73 43.35
CA VAL B 612 -28.37 20.91 43.17
C VAL B 612 -29.01 21.84 42.15
N THR B 613 -29.37 23.04 42.61
CA THR B 613 -30.18 23.94 41.82
C THR B 613 -29.33 24.53 40.71
N ASP B 614 -28.28 25.25 41.10
CA ASP B 614 -27.43 25.98 40.17
C ASP B 614 -26.20 25.17 39.74
N CYS B 615 -26.18 24.78 38.48
CA CYS B 615 -25.16 23.85 37.99
C CYS B 615 -23.92 24.54 37.42
N SER B 616 -23.88 25.86 37.50
CA SER B 616 -22.71 26.62 37.05
C SER B 616 -21.69 26.85 38.18
N GLY B 617 -22.09 27.61 39.19
CA GLY B 617 -21.23 27.87 40.33
C GLY B 617 -20.82 26.60 41.06
N ASN B 618 -21.63 25.55 40.90
CA ASN B 618 -21.43 24.27 41.59
C ASN B 618 -21.32 23.09 40.64
N PHE B 619 -20.87 21.96 41.16
CA PHE B 619 -20.75 20.74 40.35
C PHE B 619 -22.05 19.90 40.36
N CYS B 620 -22.59 19.61 39.18
CA CYS B 620 -23.75 18.72 39.09
C CYS B 620 -23.36 17.38 38.47
N LEU B 621 -23.41 16.34 39.29
CA LEU B 621 -23.00 15.03 38.84
C LEU B 621 -23.81 14.56 37.65
N PHE B 622 -25.08 14.96 37.57
CA PHE B 622 -26.00 14.44 36.55
C PHE B 622 -26.18 15.26 35.26
N ARG B 623 -25.36 16.28 35.09
CA ARG B 623 -25.47 17.09 33.89
C ARG B 623 -24.17 17.19 33.12
N SER B 624 -24.31 17.42 31.81
CA SER B 624 -23.22 17.74 30.90
C SER B 624 -23.88 18.37 29.69
N GLU B 625 -23.12 18.67 28.64
CA GLU B 625 -23.75 19.41 27.56
C GLU B 625 -24.13 18.37 26.55
N THR B 626 -25.39 17.96 26.55
CA THR B 626 -25.91 17.06 25.50
C THR B 626 -25.19 15.70 25.45
N LYS B 627 -24.09 15.56 26.18
CA LYS B 627 -23.16 14.42 26.00
C LYS B 627 -23.32 13.19 26.92
N ASP B 628 -24.24 13.26 27.87
CA ASP B 628 -24.40 12.19 28.84
C ASP B 628 -23.07 11.76 29.48
N LEU B 629 -22.28 12.71 29.95
CA LEU B 629 -21.01 12.35 30.59
C LEU B 629 -21.18 11.67 31.96
N LEU B 630 -20.61 10.46 32.06
CA LEU B 630 -20.56 9.59 33.25
C LEU B 630 -21.92 9.03 33.66
N PHE B 631 -22.99 9.70 33.22
CA PHE B 631 -24.37 9.33 33.55
C PHE B 631 -25.31 9.94 32.50
N ARG B 632 -26.50 9.38 32.34
CA ARG B 632 -27.42 10.03 31.44
C ARG B 632 -27.81 11.36 32.04
N ASP B 633 -27.92 12.36 31.18
CA ASP B 633 -28.17 13.73 31.62
C ASP B 633 -29.55 13.92 32.22
N ASP B 634 -30.42 12.97 31.94
CA ASP B 634 -31.75 12.97 32.52
C ASP B 634 -31.86 12.19 33.86
N THR B 635 -30.74 11.70 34.38
CA THR B 635 -30.82 10.95 35.62
C THR B 635 -31.30 11.84 36.74
N VAL B 636 -32.39 11.41 37.37
CA VAL B 636 -32.92 12.06 38.55
C VAL B 636 -32.14 11.60 39.81
N CYS B 637 -31.85 10.30 39.90
CA CYS B 637 -31.11 9.75 41.03
C CYS B 637 -30.54 8.37 40.71
N LEU B 638 -29.79 7.83 41.67
CA LEU B 638 -29.29 6.46 41.65
C LEU B 638 -30.10 5.67 42.68
N ALA B 639 -30.65 4.54 42.25
CA ALA B 639 -31.66 3.85 43.06
C ALA B 639 -31.19 2.50 43.55
N LYS B 640 -31.78 2.09 44.67
CA LYS B 640 -31.49 0.82 45.26
C LYS B 640 -31.99 -0.33 44.39
N LEU B 641 -31.11 -1.32 44.15
CA LEU B 641 -31.45 -2.52 43.42
C LEU B 641 -32.13 -3.59 44.27
N HIS B 642 -31.67 -3.72 45.52
CA HIS B 642 -32.08 -4.84 46.36
C HIS B 642 -31.70 -6.21 45.76
N ASP B 643 -32.67 -7.10 45.56
CA ASP B 643 -32.38 -8.49 45.17
C ASP B 643 -31.88 -8.57 43.73
N ARG B 644 -31.92 -7.42 43.07
CA ARG B 644 -31.71 -7.31 41.64
C ARG B 644 -30.23 -7.17 41.29
N ASN B 645 -29.37 -7.41 42.28
CA ASN B 645 -27.91 -7.33 42.18
C ASN B 645 -27.14 -8.20 41.16
N THR B 646 -27.78 -9.15 40.49
CA THR B 646 -27.12 -9.81 39.36
C THR B 646 -27.61 -9.25 38.01
N TYR B 647 -26.75 -9.20 37.00
CA TYR B 647 -27.18 -8.67 35.70
C TYR B 647 -28.45 -9.35 35.18
N GLU B 648 -28.59 -10.66 35.38
CA GLU B 648 -29.78 -11.39 34.89
C GLU B 648 -31.06 -10.97 35.62
N LYS B 649 -30.95 -10.80 36.93
CA LYS B 649 -32.09 -10.39 37.75
C LYS B 649 -32.45 -8.95 37.46
N TYR B 650 -31.41 -8.14 37.20
CA TYR B 650 -31.57 -6.71 37.00
C TYR B 650 -32.25 -6.36 35.68
N LEU B 651 -31.73 -6.94 34.59
CA LEU B 651 -32.22 -6.67 33.24
C LEU B 651 -33.58 -7.27 32.95
N GLY B 652 -33.92 -8.36 33.64
CA GLY B 652 -35.16 -9.08 33.41
C GLY B 652 -35.01 -10.22 32.43
N GLU B 653 -35.89 -11.20 32.49
CA GLU B 653 -35.75 -12.36 31.61
C GLU B 653 -35.93 -11.96 30.15
N GLU B 654 -36.81 -10.99 29.91
CA GLU B 654 -37.15 -10.61 28.54
C GLU B 654 -35.99 -9.99 27.76
N TYR B 655 -35.38 -8.96 28.32
CA TYR B 655 -34.19 -8.38 27.70
C TYR B 655 -33.03 -9.38 27.55
N VAL B 656 -32.81 -10.22 28.54
CA VAL B 656 -31.67 -11.12 28.43
C VAL B 656 -31.90 -12.15 27.33
N LYS B 657 -33.17 -12.42 27.02
CA LYS B 657 -33.46 -13.33 25.90
C LYS B 657 -33.20 -12.62 24.59
N ALA B 658 -33.59 -11.35 24.49
CA ALA B 658 -33.42 -10.58 23.27
C ALA B 658 -31.95 -10.40 22.90
N VAL B 659 -31.14 -9.94 23.86
CA VAL B 659 -29.69 -9.84 23.65
C VAL B 659 -29.05 -11.19 23.28
N GLY B 660 -29.52 -12.27 23.90
CA GLY B 660 -29.05 -13.62 23.61
C GLY B 660 -29.44 -14.08 22.22
N ASN B 661 -30.63 -13.69 21.77
CA ASN B 661 -31.07 -13.97 20.42
C ASN B 661 -30.16 -13.30 19.39
N LEU B 662 -29.44 -12.27 19.83
CA LEU B 662 -28.49 -11.55 18.97
C LEU B 662 -27.05 -12.05 19.05
N ARG B 663 -26.80 -13.08 19.85
CA ARG B 663 -25.45 -13.58 20.12
C ARG B 663 -24.65 -13.89 18.85
N LYS B 664 -25.32 -14.44 17.84
CA LYS B 664 -24.65 -14.80 16.59
C LYS B 664 -24.16 -13.59 15.82
N CYS B 665 -24.72 -12.42 16.11
CA CYS B 665 -24.35 -11.21 15.39
C CYS B 665 -23.30 -10.41 16.12
N SER B 666 -22.90 -10.86 17.31
CA SER B 666 -22.07 -10.06 18.19
C SER B 666 -20.65 -9.85 17.68
N THR B 667 -20.21 -8.59 17.63
CA THR B 667 -18.85 -8.26 17.24
C THR B 667 -18.01 -8.06 18.47
N SER B 668 -18.60 -8.25 19.64
CA SER B 668 -17.91 -7.96 20.91
C SER B 668 -16.73 -8.91 21.24
N SER B 669 -15.54 -8.35 21.44
CA SER B 669 -14.37 -9.15 21.74
C SER B 669 -14.39 -9.55 23.20
N LEU B 670 -14.80 -8.58 24.03
CA LEU B 670 -14.81 -8.79 25.45
C LEU B 670 -15.84 -9.85 25.82
N LEU B 671 -16.96 -9.86 25.11
CA LEU B 671 -18.00 -10.85 25.38
C LEU B 671 -17.49 -12.26 25.03
N GLU B 672 -16.78 -12.36 23.92
CA GLU B 672 -16.12 -13.58 23.46
C GLU B 672 -15.17 -14.11 24.52
N ALA B 673 -14.29 -13.24 25.00
CA ALA B 673 -13.33 -13.64 26.03
C ALA B 673 -14.04 -14.12 27.31
N CYS B 674 -15.04 -13.37 27.73
CA CYS B 674 -15.70 -13.67 29.00
C CYS B 674 -16.47 -14.98 28.98
N THR B 675 -17.26 -15.17 27.94
CA THR B 675 -18.06 -16.38 27.81
C THR B 675 -17.14 -17.58 27.66
N PHE B 676 -15.87 -17.34 27.31
CA PHE B 676 -14.88 -18.41 27.23
C PHE B 676 -14.47 -18.87 28.63
N ARG B 677 -14.19 -17.93 29.53
CA ARG B 677 -13.90 -18.31 30.89
C ARG B 677 -15.14 -18.92 31.51
N ARG B 678 -16.28 -18.30 31.26
CA ARG B 678 -17.55 -18.79 31.82
C ARG B 678 -18.75 -18.84 30.87
N PRO B 679 -18.98 -19.98 30.22
CA PRO B 679 -20.12 -20.05 29.31
C PRO B 679 -21.44 -19.82 30.05
N GLN C 5 0.06 -47.05 -15.08
CA GLN C 5 -1.17 -46.41 -14.64
C GLN C 5 -1.04 -45.80 -13.23
N GLY C 6 -1.43 -44.54 -13.13
CA GLY C 6 -1.34 -43.72 -11.93
C GLY C 6 -0.11 -42.80 -11.98
N GLY C 7 -0.14 -41.68 -11.25
CA GLY C 7 0.96 -40.74 -11.21
C GLY C 7 0.67 -39.51 -10.35
N TYR C 8 1.66 -38.67 -10.10
CA TYR C 8 1.43 -37.47 -9.32
C TYR C 8 0.65 -36.42 -10.11
N GLY C 9 0.72 -36.48 -11.43
CA GLY C 9 0.00 -35.54 -12.26
C GLY C 9 0.34 -35.66 -13.74
N PHE C 10 -0.45 -34.98 -14.55
CA PHE C 10 -0.30 -34.98 -16.01
C PHE C 10 -0.51 -33.61 -16.64
N ALA C 11 0.18 -33.36 -17.75
CA ALA C 11 -0.06 -32.14 -18.51
C ALA C 11 -0.24 -32.44 -20.00
N MET C 12 -0.88 -31.51 -20.71
CA MET C 12 -1.11 -31.63 -22.15
C MET C 12 -0.78 -30.29 -22.75
N ARG C 13 0.07 -30.30 -23.78
CA ARG C 13 0.57 -29.07 -24.38
C ARG C 13 -0.34 -28.55 -25.52
N LEU C 14 -0.53 -27.24 -25.62
CA LEU C 14 -1.31 -26.71 -26.73
C LEU C 14 -0.69 -27.19 -28.05
N LYS C 15 -1.52 -27.40 -29.07
CA LYS C 15 -1.04 -27.73 -30.42
C LYS C 15 -0.98 -26.50 -31.32
N ARG C 16 0.04 -26.41 -32.14
CA ARG C 16 0.10 -25.35 -33.14
C ARG C 16 0.16 -26.00 -34.50
N ARG C 17 -0.85 -25.74 -35.32
CA ARG C 17 -0.96 -26.32 -36.66
C ARG C 17 0.01 -25.69 -37.67
N ASN C 18 0.53 -26.46 -38.61
CA ASN C 18 1.42 -25.88 -39.61
C ASN C 18 0.61 -25.35 -40.79
N TRP C 19 0.61 -24.03 -40.97
CA TRP C 19 -0.15 -23.35 -42.02
C TRP C 19 0.66 -23.00 -43.25
N TYR C 20 1.92 -23.44 -43.32
CA TYR C 20 2.85 -22.95 -44.34
C TYR C 20 2.21 -23.03 -45.72
N PRO C 21 2.07 -21.89 -46.41
CA PRO C 21 1.19 -22.00 -47.58
C PRO C 21 1.62 -23.08 -48.57
N GLY C 22 0.70 -23.99 -48.88
CA GLY C 22 0.92 -25.12 -49.76
C GLY C 22 1.40 -26.41 -49.10
N ALA C 23 2.08 -26.28 -47.96
CA ALA C 23 2.51 -27.42 -47.13
C ALA C 23 1.58 -27.65 -45.95
N GLU C 24 0.46 -26.94 -45.93
CA GLU C 24 -0.45 -26.84 -44.77
C GLU C 24 -0.94 -28.19 -44.18
N GLU C 25 -0.76 -28.37 -42.88
CA GLU C 25 -1.36 -29.50 -42.15
C GLU C 25 -2.84 -29.24 -41.98
N SER C 26 -3.70 -30.14 -42.44
CA SER C 26 -5.13 -29.89 -42.33
C SER C 26 -5.60 -29.89 -40.88
N GLU C 27 -5.13 -30.85 -40.10
CA GLU C 27 -5.43 -30.89 -38.67
C GLU C 27 -4.31 -31.51 -37.85
N VAL C 28 -4.27 -31.13 -36.58
CA VAL C 28 -3.43 -31.83 -35.61
C VAL C 28 -4.35 -32.31 -34.53
N LYS C 29 -4.49 -33.61 -34.37
CA LYS C 29 -5.34 -34.15 -33.32
C LYS C 29 -4.58 -34.37 -32.01
N LEU C 30 -5.31 -34.76 -30.96
CA LEU C 30 -4.68 -35.04 -29.68
C LEU C 30 -4.55 -36.55 -29.51
N ASN C 31 -3.51 -36.97 -28.80
CA ASN C 31 -3.36 -38.38 -28.50
C ASN C 31 -3.17 -38.72 -27.04
N GLU C 32 -3.35 -39.99 -26.69
CA GLU C 32 -3.05 -40.41 -25.33
C GLU C 32 -1.55 -40.38 -25.13
N SER C 33 -0.81 -40.37 -26.25
CA SER C 33 0.66 -40.28 -26.26
C SER C 33 1.14 -38.89 -25.81
N ASP C 34 0.21 -37.92 -25.86
CA ASP C 34 0.52 -36.51 -25.60
C ASP C 34 0.47 -36.11 -24.12
N TRP C 35 -0.03 -36.99 -23.27
CA TRP C 35 0.04 -36.72 -21.85
C TRP C 35 1.50 -36.81 -21.40
N GLU C 36 1.95 -35.82 -20.62
CA GLU C 36 3.28 -35.80 -20.03
C GLU C 36 3.13 -35.91 -18.52
N ALA C 37 3.97 -36.70 -17.88
CA ALA C 37 3.94 -36.79 -16.43
C ALA C 37 4.48 -35.51 -15.78
N THR C 38 3.78 -34.97 -14.80
CA THR C 38 4.31 -33.78 -14.19
C THR C 38 5.36 -34.11 -13.13
N GLY C 39 5.34 -35.32 -12.61
CA GLY C 39 6.21 -35.65 -11.51
C GLY C 39 5.70 -34.95 -10.26
N LEU C 40 6.26 -35.32 -9.10
CA LEU C 40 5.77 -34.85 -7.81
C LEU C 40 6.11 -33.40 -7.60
N PRO C 41 5.11 -32.56 -7.36
CA PRO C 41 5.37 -31.15 -7.10
C PRO C 41 5.94 -30.93 -5.70
N THR C 42 6.86 -29.98 -5.57
CA THR C 42 7.39 -29.64 -4.25
C THR C 42 6.38 -28.77 -3.55
N LYS C 43 5.88 -27.77 -4.29
CA LYS C 43 4.74 -26.97 -3.89
C LYS C 43 3.64 -27.10 -4.95
N PRO C 44 2.49 -27.69 -4.57
CA PRO C 44 1.39 -27.94 -5.51
C PRO C 44 0.89 -26.70 -6.24
N LYS C 45 0.88 -25.56 -5.57
CA LYS C 45 0.37 -24.31 -6.13
C LYS C 45 1.28 -23.77 -7.23
N GLU C 46 2.53 -24.22 -7.26
CA GLU C 46 3.45 -23.83 -8.31
C GLU C 46 3.26 -24.63 -9.60
N LEU C 47 3.69 -24.07 -10.73
CA LEU C 47 3.72 -24.79 -12.02
C LEU C 47 4.59 -26.07 -11.98
N PRO C 48 4.19 -27.12 -12.74
CA PRO C 48 5.05 -28.32 -12.82
C PRO C 48 6.42 -27.97 -13.42
N LYS C 49 7.52 -28.37 -12.77
CA LYS C 49 8.86 -27.96 -13.19
C LYS C 49 9.15 -28.25 -14.65
N ARG C 50 8.97 -29.50 -15.04
CA ARG C 50 9.45 -29.92 -16.34
C ARG C 50 8.87 -29.01 -17.40
N GLN C 51 7.55 -28.95 -17.44
CA GLN C 51 6.84 -28.16 -18.45
C GLN C 51 7.08 -26.65 -18.30
N LYS C 52 7.11 -26.12 -17.08
CA LYS C 52 7.45 -24.72 -16.90
C LYS C 52 8.79 -24.41 -17.55
N SER C 53 9.75 -25.30 -17.33
CA SER C 53 11.08 -25.16 -17.86
C SER C 53 11.07 -25.17 -19.40
N VAL C 54 10.09 -25.88 -19.98
CA VAL C 54 9.91 -25.86 -21.42
C VAL C 54 9.36 -24.50 -21.92
N ILE C 55 8.34 -23.98 -21.25
CA ILE C 55 7.72 -22.75 -21.68
C ILE C 55 8.65 -21.56 -21.50
N GLU C 56 9.45 -21.59 -20.43
CA GLU C 56 10.45 -20.55 -20.19
C GLU C 56 11.35 -20.39 -21.40
N LYS C 57 11.74 -21.50 -22.00
CA LYS C 57 12.70 -21.45 -23.09
C LYS C 57 12.09 -21.04 -24.42
N VAL C 58 10.77 -20.90 -24.45
CA VAL C 58 10.04 -20.50 -25.66
C VAL C 58 10.19 -19.01 -26.02
N GLU C 59 10.52 -18.75 -27.28
CA GLU C 59 10.71 -17.38 -27.77
C GLU C 59 9.39 -16.61 -27.92
N THR C 60 9.45 -15.30 -27.68
CA THR C 60 8.30 -14.41 -27.79
C THR C 60 8.68 -13.12 -28.54
N ASP C 61 7.69 -12.39 -29.01
CA ASP C 61 7.85 -11.03 -29.55
C ASP C 61 7.70 -9.88 -28.58
N GLY C 62 8.20 -9.98 -27.36
CA GLY C 62 8.22 -8.78 -26.52
C GLY C 62 7.24 -8.88 -25.38
N ASP C 63 6.35 -9.86 -25.46
CA ASP C 63 5.63 -10.25 -24.26
C ASP C 63 6.23 -11.57 -23.77
N SER C 64 7.05 -11.48 -22.73
CA SER C 64 7.88 -12.59 -22.31
C SER C 64 7.23 -13.28 -21.13
N ASP C 65 6.10 -12.74 -20.71
CA ASP C 65 5.47 -13.19 -19.49
C ASP C 65 4.75 -14.53 -19.65
N ILE C 66 4.88 -15.37 -18.64
CA ILE C 66 4.08 -16.57 -18.58
C ILE C 66 2.80 -16.25 -17.80
N TYR C 67 1.68 -16.33 -18.50
CA TYR C 67 0.38 -16.16 -17.88
C TYR C 67 -0.12 -17.48 -17.31
N SER C 68 -0.77 -17.46 -16.14
CA SER C 68 -1.36 -18.70 -15.61
C SER C 68 -2.71 -18.56 -14.90
N SER C 69 -3.27 -19.70 -14.50
CA SER C 69 -4.51 -19.68 -13.77
C SER C 69 -4.36 -18.79 -12.53
N PRO C 70 -5.41 -18.03 -12.20
CA PRO C 70 -5.35 -16.94 -11.24
C PRO C 70 -4.94 -17.36 -9.84
N TYR C 71 -5.19 -18.61 -9.45
CA TYR C 71 -4.88 -19.09 -8.09
C TYR C 71 -3.50 -19.75 -8.02
N LEU C 72 -2.87 -19.95 -9.17
CA LEU C 72 -1.53 -20.51 -9.23
C LEU C 72 -0.52 -19.46 -8.80
N THR C 73 0.60 -19.89 -8.25
CA THR C 73 1.69 -18.95 -7.97
C THR C 73 2.32 -18.50 -9.29
N PRO C 74 2.23 -17.19 -9.59
CA PRO C 74 2.57 -16.69 -10.93
C PRO C 74 4.08 -16.62 -11.12
N SER C 75 4.60 -16.74 -12.34
CA SER C 75 5.90 -16.14 -12.60
C SER C 75 6.06 -15.45 -13.96
N ASN C 76 6.08 -14.11 -14.00
CA ASN C 76 5.37 -13.28 -13.05
C ASN C 76 4.39 -12.43 -13.86
N GLY C 85 -8.17 -4.27 -9.83
CA GLY C 85 -9.24 -4.75 -8.97
C GLY C 85 -10.60 -4.79 -9.66
N VAL C 86 -10.78 -3.89 -10.64
CA VAL C 86 -12.05 -3.75 -11.36
C VAL C 86 -12.61 -5.10 -11.79
N ASN C 87 -11.91 -5.80 -12.69
CA ASN C 87 -12.06 -7.24 -12.75
C ASN C 87 -10.72 -8.00 -12.79
N GLN C 88 -10.31 -8.60 -11.67
CA GLN C 88 -9.34 -9.68 -11.81
C GLN C 88 -10.03 -11.02 -11.81
N PRO C 89 -9.60 -11.90 -12.73
CA PRO C 89 -10.28 -13.15 -13.06
C PRO C 89 -10.24 -14.17 -11.93
N LYS C 90 -11.40 -14.72 -11.60
CA LYS C 90 -11.49 -15.80 -10.62
C LYS C 90 -11.89 -17.08 -11.32
N ASN C 91 -11.33 -18.19 -10.86
CA ASN C 91 -11.85 -19.51 -11.19
C ASN C 91 -11.91 -20.37 -9.92
N GLN C 92 -13.13 -20.60 -9.43
CA GLN C 92 -13.32 -21.41 -8.24
C GLN C 92 -14.74 -21.88 -8.06
N ALA C 93 -14.92 -22.98 -7.34
CA ALA C 93 -16.25 -23.44 -6.94
C ALA C 93 -16.51 -22.91 -5.55
N THR C 94 -17.61 -22.17 -5.40
CA THR C 94 -17.89 -21.52 -4.15
C THR C 94 -17.85 -22.52 -2.99
N GLY C 95 -17.18 -22.14 -1.91
CA GLY C 95 -17.15 -22.93 -0.69
C GLY C 95 -16.12 -24.04 -0.74
N HIS C 96 -15.70 -24.38 -1.95
CA HIS C 96 -14.56 -25.25 -2.24
C HIS C 96 -13.24 -24.62 -2.71
N GLU C 97 -12.91 -23.40 -2.30
CA GLU C 97 -11.72 -22.74 -2.86
C GLU C 97 -10.33 -23.19 -2.39
N ASN C 98 -10.21 -23.77 -1.22
CA ASN C 98 -8.87 -23.84 -0.63
C ASN C 98 -8.15 -25.16 -0.76
N PHE C 99 -7.22 -25.20 -1.69
CA PHE C 99 -6.60 -26.44 -2.08
C PHE C 99 -5.26 -26.52 -1.39
N GLN C 100 -4.90 -27.74 -0.96
CA GLN C 100 -3.67 -28.02 -0.24
C GLN C 100 -2.85 -28.99 -1.06
N TYR C 101 -3.48 -30.11 -1.36
CA TYR C 101 -2.85 -31.22 -2.04
C TYR C 101 -2.79 -31.18 -3.56
N VAL C 102 -3.85 -30.70 -4.20
CA VAL C 102 -3.96 -30.81 -5.65
C VAL C 102 -4.23 -29.50 -6.36
N TYR C 103 -3.58 -29.25 -7.48
CA TYR C 103 -3.96 -28.11 -8.31
C TYR C 103 -4.06 -28.52 -9.78
N SER C 104 -5.03 -27.94 -10.46
CA SER C 104 -5.10 -28.06 -11.90
C SER C 104 -5.08 -26.65 -12.48
N GLY C 105 -4.81 -26.53 -13.77
CA GLY C 105 -4.84 -25.22 -14.36
C GLY C 105 -4.05 -25.17 -15.63
N TRP C 106 -3.76 -23.95 -16.09
CA TRP C 106 -3.00 -23.76 -17.31
C TRP C 106 -1.93 -22.68 -17.12
N PHE C 107 -0.92 -22.72 -17.99
CA PHE C 107 0.02 -21.62 -18.18
C PHE C 107 0.50 -21.57 -19.62
N TYR C 108 0.73 -20.36 -20.11
CA TYR C 108 1.16 -20.21 -21.48
C TYR C 108 1.92 -18.92 -21.64
N LYS C 109 2.49 -18.72 -22.82
CA LYS C 109 2.92 -17.38 -23.20
C LYS C 109 2.54 -17.14 -24.66
N HIS C 110 2.60 -15.89 -25.11
CA HIS C 110 2.24 -15.65 -26.50
C HIS C 110 3.54 -15.82 -27.23
N ALA C 111 3.70 -16.97 -27.87
CA ALA C 111 4.99 -17.33 -28.43
C ALA C 111 5.14 -16.70 -29.79
N ALA C 112 6.38 -16.50 -30.17
CA ALA C 112 6.67 -16.06 -31.53
C ALA C 112 6.29 -17.20 -32.49
N SER C 113 6.02 -16.84 -33.75
CA SER C 113 5.83 -17.87 -34.77
C SER C 113 7.11 -18.69 -34.84
N GLU C 114 7.00 -19.98 -35.08
CA GLU C 114 8.17 -20.80 -35.29
C GLU C 114 8.29 -21.08 -36.79
N LYS C 115 9.36 -20.55 -37.40
CA LYS C 115 9.57 -20.75 -38.85
C LYS C 115 10.80 -21.58 -39.20
N ASP C 116 10.57 -22.75 -39.80
CA ASP C 116 11.62 -23.42 -40.57
C ASP C 116 11.16 -23.48 -42.02
N PHE C 117 11.75 -22.64 -42.87
CA PHE C 117 11.28 -22.55 -44.25
C PHE C 117 12.00 -23.57 -45.14
N SER C 118 13.02 -24.21 -44.60
CA SER C 118 13.73 -25.28 -45.31
C SER C 118 12.86 -26.51 -45.36
N ASN C 119 12.08 -26.70 -44.31
CA ASN C 119 11.09 -27.76 -44.24
C ASN C 119 9.64 -27.33 -44.53
N LYS C 120 9.44 -26.07 -44.89
CA LYS C 120 8.09 -25.51 -45.13
C LYS C 120 7.17 -25.66 -43.90
N LYS C 121 7.52 -24.95 -42.83
CA LYS C 121 6.79 -25.01 -41.58
C LYS C 121 6.69 -23.65 -40.91
N ILE C 122 5.48 -23.27 -40.50
CA ILE C 122 5.27 -22.19 -39.53
C ILE C 122 4.17 -22.61 -38.59
N LYS C 123 4.44 -22.46 -37.31
CA LYS C 123 3.39 -22.63 -36.33
C LYS C 123 3.25 -21.27 -35.65
N SER C 124 2.02 -20.85 -35.39
CA SER C 124 1.76 -19.52 -34.88
C SER C 124 0.84 -19.65 -33.67
N GLY C 125 0.81 -18.66 -32.80
CA GLY C 125 -0.15 -18.70 -31.70
C GLY C 125 0.43 -19.07 -30.35
N ASP C 126 -0.43 -19.06 -29.33
CA ASP C 126 0.04 -19.19 -27.95
C ASP C 126 0.72 -20.55 -27.74
N ASP C 127 1.54 -20.66 -26.71
CA ASP C 127 2.12 -21.94 -26.39
C ASP C 127 2.03 -22.13 -24.88
N GLY C 128 1.62 -23.33 -24.45
CA GLY C 128 1.47 -23.61 -23.04
C GLY C 128 0.89 -24.98 -22.77
N TYR C 129 0.47 -25.19 -21.52
CA TYR C 129 -0.01 -26.49 -21.06
C TYR C 129 -1.24 -26.34 -20.17
N ILE C 130 -2.11 -27.37 -20.19
CA ILE C 130 -3.06 -27.57 -19.11
C ILE C 130 -2.56 -28.77 -18.31
N PHE C 131 -2.81 -28.78 -17.01
CA PHE C 131 -2.23 -29.82 -16.17
C PHE C 131 -2.96 -29.95 -14.85
N TYR C 132 -2.76 -31.08 -14.20
CA TYR C 132 -3.03 -31.20 -12.77
C TYR C 132 -1.97 -32.05 -12.09
N HIS C 133 -1.65 -31.69 -10.86
CA HIS C 133 -0.72 -32.47 -10.04
C HIS C 133 -1.04 -32.32 -8.56
N GLY C 134 -0.63 -33.31 -7.78
CA GLY C 134 -0.92 -33.32 -6.37
C GLY C 134 0.18 -34.03 -5.61
N GLU C 135 0.20 -33.81 -4.31
CA GLU C 135 1.13 -34.52 -3.47
C GLU C 135 0.35 -35.35 -2.45
N LYS C 136 1.01 -36.37 -1.90
CA LYS C 136 0.42 -37.25 -0.89
C LYS C 136 -0.82 -38.00 -1.39
N PRO C 137 -0.66 -38.89 -2.41
CA PRO C 137 -1.79 -39.71 -2.84
C PRO C 137 -2.32 -40.50 -1.64
N SER C 138 -3.64 -40.53 -1.46
CA SER C 138 -4.21 -41.06 -0.21
C SER C 138 -4.00 -42.54 0.02
N ARG C 139 -3.60 -42.91 1.23
CA ARG C 139 -3.63 -44.32 1.64
C ARG C 139 -4.89 -44.69 2.46
N GLN C 140 -5.75 -43.70 2.72
CA GLN C 140 -6.94 -43.95 3.49
C GLN C 140 -8.10 -43.20 2.89
N LEU C 141 -9.29 -43.77 3.06
CA LEU C 141 -10.49 -43.16 2.51
C LEU C 141 -11.65 -43.35 3.48
N PRO C 142 -12.69 -42.49 3.36
CA PRO C 142 -13.92 -42.74 4.11
C PRO C 142 -14.43 -44.16 3.79
N ALA C 143 -14.84 -44.87 4.83
CA ALA C 143 -15.24 -46.27 4.66
C ALA C 143 -16.63 -46.39 4.01
N SER C 144 -17.38 -45.29 4.07
CA SER C 144 -18.66 -45.21 3.37
C SER C 144 -19.14 -43.76 3.29
N GLY C 145 -20.35 -43.58 2.77
CA GLY C 145 -20.93 -42.26 2.69
C GLY C 145 -20.84 -41.65 1.31
N LYS C 146 -21.71 -40.69 1.03
CA LYS C 146 -21.58 -39.91 -0.19
C LYS C 146 -21.02 -38.58 0.21
N VAL C 147 -20.13 -38.05 -0.63
CA VAL C 147 -19.41 -36.82 -0.32
C VAL C 147 -19.34 -35.93 -1.53
N ILE C 148 -19.64 -34.65 -1.35
CA ILE C 148 -19.52 -33.66 -2.41
C ILE C 148 -18.09 -33.14 -2.56
N TYR C 149 -17.59 -33.19 -3.79
CA TYR C 149 -16.35 -32.55 -4.17
C TYR C 149 -16.65 -31.49 -5.22
N LYS C 150 -16.22 -30.27 -4.99
CA LYS C 150 -16.33 -29.26 -6.03
C LYS C 150 -14.94 -28.73 -6.34
N GLY C 151 -14.79 -28.12 -7.51
CA GLY C 151 -13.49 -27.75 -8.02
C GLY C 151 -13.59 -27.06 -9.36
N VAL C 152 -12.54 -27.16 -10.15
CA VAL C 152 -12.46 -26.45 -11.42
C VAL C 152 -12.07 -27.42 -12.51
N TRP C 153 -12.22 -27.03 -13.77
CA TRP C 153 -11.66 -27.81 -14.88
C TRP C 153 -11.13 -26.93 -16.00
N HIS C 154 -10.32 -27.54 -16.88
CA HIS C 154 -9.70 -26.80 -17.97
C HIS C 154 -9.60 -27.70 -19.17
N PHE C 155 -9.49 -27.11 -20.36
CA PHE C 155 -9.44 -27.94 -21.55
C PHE C 155 -8.44 -27.42 -22.55
N VAL C 156 -8.07 -28.26 -23.51
CA VAL C 156 -7.27 -27.84 -24.66
C VAL C 156 -7.76 -28.61 -25.87
N THR C 157 -8.00 -27.93 -26.99
CA THR C 157 -8.62 -28.63 -28.12
C THR C 157 -7.60 -29.06 -29.15
N ASP C 158 -8.06 -29.81 -30.16
CA ASP C 158 -7.21 -30.09 -31.31
C ASP C 158 -7.16 -28.82 -32.21
N THR C 159 -6.43 -28.89 -33.31
CA THR C 159 -6.50 -27.83 -34.30
C THR C 159 -6.89 -28.44 -35.63
N LYS C 160 -7.79 -27.77 -36.33
CA LYS C 160 -8.19 -28.17 -37.66
C LYS C 160 -8.38 -26.91 -38.48
N LYS C 161 -7.94 -26.96 -39.73
CA LYS C 161 -8.08 -25.83 -40.64
C LYS C 161 -9.55 -25.46 -40.78
N GLY C 162 -9.87 -24.19 -40.54
CA GLY C 162 -11.23 -23.68 -40.62
C GLY C 162 -12.06 -23.84 -39.35
N GLN C 163 -11.47 -24.39 -38.30
CA GLN C 163 -12.23 -24.74 -37.11
C GLN C 163 -12.30 -23.56 -36.15
N ASP C 164 -13.45 -23.37 -35.53
CA ASP C 164 -13.56 -22.35 -34.51
C ASP C 164 -14.62 -22.71 -33.47
N PHE C 165 -14.42 -22.32 -32.22
CA PHE C 165 -15.51 -22.51 -31.32
C PHE C 165 -16.02 -21.17 -30.79
N ARG C 166 -17.00 -20.61 -31.47
CA ARG C 166 -17.44 -19.24 -31.21
C ARG C 166 -18.12 -19.07 -29.86
N GLU C 167 -18.73 -20.13 -29.36
CA GLU C 167 -19.48 -20.06 -28.11
C GLU C 167 -18.60 -20.02 -26.88
N ILE C 168 -17.34 -20.40 -27.05
CA ILE C 168 -16.39 -20.43 -25.92
C ILE C 168 -15.24 -19.43 -26.11
N ILE C 169 -14.49 -19.58 -27.19
CA ILE C 169 -13.40 -18.65 -27.54
C ILE C 169 -13.65 -17.82 -28.83
N GLN C 170 -13.63 -16.49 -28.70
CA GLN C 170 -13.84 -15.64 -29.87
C GLN C 170 -12.64 -15.74 -30.79
N PRO C 171 -12.84 -16.21 -32.03
CA PRO C 171 -11.70 -16.66 -32.83
C PRO C 171 -10.95 -15.56 -33.57
N SER C 172 -10.60 -14.45 -32.90
CA SER C 172 -9.80 -13.43 -33.58
C SER C 172 -8.35 -13.85 -33.82
N LYS C 173 -7.84 -14.79 -33.02
CA LYS C 173 -6.50 -15.36 -33.20
C LYS C 173 -6.49 -16.69 -33.95
N LYS C 174 -7.65 -17.09 -34.48
CA LYS C 174 -7.83 -18.41 -35.12
C LYS C 174 -7.68 -19.60 -34.13
N GLN C 175 -8.25 -19.45 -32.94
CA GLN C 175 -8.15 -20.48 -31.92
C GLN C 175 -8.99 -21.67 -32.35
N GLY C 176 -8.37 -22.85 -32.32
CA GLY C 176 -9.00 -24.05 -32.85
C GLY C 176 -8.58 -24.32 -34.29
N ASP C 177 -7.92 -23.35 -34.91
CA ASP C 177 -7.45 -23.47 -36.28
C ASP C 177 -5.91 -23.46 -36.32
N ARG C 178 -5.30 -22.33 -35.96
CA ARG C 178 -3.84 -22.20 -35.96
C ARG C 178 -3.20 -22.82 -34.72
N TYR C 179 -3.86 -22.68 -33.58
CA TYR C 179 -3.38 -23.27 -32.33
C TYR C 179 -4.58 -23.67 -31.49
N SER C 180 -4.34 -24.52 -30.49
CA SER C 180 -5.43 -25.07 -29.70
C SER C 180 -6.33 -24.04 -29.05
N GLY C 181 -7.63 -24.33 -29.07
CA GLY C 181 -8.53 -23.66 -28.16
C GLY C 181 -8.18 -24.16 -26.77
N PHE C 182 -8.15 -23.27 -25.78
CA PHE C 182 -7.91 -23.69 -24.41
C PHE C 182 -8.54 -22.69 -23.43
N SER C 183 -8.84 -23.17 -22.24
CA SER C 183 -9.70 -22.42 -21.32
C SER C 183 -8.97 -21.20 -20.76
N GLY C 184 -7.68 -21.11 -21.03
CA GLY C 184 -6.90 -19.99 -20.56
C GLY C 184 -6.85 -18.85 -21.56
N ASP C 185 -7.33 -19.09 -22.79
CA ASP C 185 -7.19 -18.10 -23.85
C ASP C 185 -7.78 -16.76 -23.44
N GLY C 186 -7.08 -15.67 -23.77
CA GLY C 186 -7.54 -14.35 -23.40
C GLY C 186 -8.84 -14.04 -24.09
N SER C 187 -9.08 -14.70 -25.22
CA SER C 187 -10.23 -14.39 -26.04
C SER C 187 -11.48 -15.15 -25.62
N GLU C 188 -11.40 -15.84 -24.47
CA GLU C 188 -12.51 -16.67 -24.02
C GLU C 188 -13.43 -15.77 -23.22
N GLU C 189 -14.54 -15.34 -23.84
CA GLU C 189 -15.37 -14.27 -23.26
C GLU C 189 -16.70 -14.56 -22.55
N TYR C 190 -17.18 -15.79 -22.56
CA TYR C 190 -18.54 -15.99 -22.03
C TYR C 190 -18.67 -16.52 -20.59
N SER C 191 -17.56 -16.77 -19.90
CA SER C 191 -17.61 -17.08 -18.47
C SER C 191 -17.82 -15.85 -17.59
N ASN C 192 -18.22 -16.09 -16.35
CA ASN C 192 -18.41 -15.03 -15.36
C ASN C 192 -17.14 -14.72 -14.57
N LYS C 193 -16.01 -15.27 -15.02
CA LYS C 193 -14.73 -15.15 -14.33
C LYS C 193 -14.36 -13.74 -13.94
N ASN C 194 -14.84 -12.76 -14.70
CA ASN C 194 -14.50 -11.35 -14.41
C ASN C 194 -15.51 -10.58 -13.60
N GLU C 195 -16.60 -11.22 -13.20
CA GLU C 195 -17.64 -10.55 -12.43
C GLU C 195 -17.37 -10.43 -10.93
N SER C 196 -18.04 -9.48 -10.29
CA SER C 196 -17.89 -9.23 -8.86
C SER C 196 -18.95 -9.86 -7.96
N THR C 197 -19.94 -10.52 -8.55
CA THR C 197 -20.98 -11.20 -7.78
C THR C 197 -21.54 -12.41 -8.49
N LEU C 198 -22.13 -13.32 -7.73
CA LEU C 198 -22.68 -14.54 -8.28
C LEU C 198 -24.20 -14.52 -8.27
N LYS C 199 -24.81 -15.05 -9.31
CA LYS C 199 -26.25 -15.33 -9.29
C LYS C 199 -26.46 -16.51 -8.35
N ASP C 200 -27.70 -16.71 -7.89
CA ASP C 200 -27.98 -17.79 -6.95
C ASP C 200 -27.70 -19.21 -7.46
N ASP C 201 -27.95 -19.44 -8.74
CA ASP C 201 -27.72 -20.76 -9.32
C ASP C 201 -26.31 -20.97 -9.88
N HIS C 202 -25.49 -19.92 -9.88
CA HIS C 202 -24.07 -20.09 -10.19
C HIS C 202 -23.43 -21.00 -9.18
N GLU C 203 -22.54 -21.88 -9.63
CA GLU C 203 -21.76 -22.70 -8.74
C GLU C 203 -20.47 -22.00 -8.28
N GLY C 204 -20.14 -20.88 -8.91
CA GLY C 204 -18.87 -20.23 -8.70
C GLY C 204 -18.45 -19.40 -9.90
N TYR C 205 -17.13 -19.21 -10.07
CA TYR C 205 -16.56 -18.42 -11.17
C TYR C 205 -15.83 -19.27 -12.21
N GLY C 206 -16.16 -19.06 -13.49
CA GLY C 206 -15.49 -19.75 -14.56
C GLY C 206 -15.96 -21.18 -14.78
N PHE C 207 -15.03 -22.05 -15.17
CA PHE C 207 -15.38 -23.47 -15.36
C PHE C 207 -15.20 -24.20 -14.04
N THR C 208 -16.31 -24.71 -13.50
CA THR C 208 -16.29 -25.40 -12.22
C THR C 208 -16.79 -26.84 -12.34
N SER C 209 -16.28 -27.71 -11.47
CA SER C 209 -16.65 -29.10 -11.43
C SER C 209 -17.48 -29.41 -10.19
N ASN C 210 -18.36 -30.39 -10.31
CA ASN C 210 -19.15 -30.85 -9.20
C ASN C 210 -19.27 -32.38 -9.20
N LEU C 211 -18.74 -33.04 -8.17
CA LEU C 211 -18.84 -34.49 -8.10
C LEU C 211 -19.48 -35.03 -6.80
N GLU C 212 -20.12 -36.18 -6.92
CA GLU C 212 -20.59 -36.90 -5.76
C GLU C 212 -19.83 -38.21 -5.69
N VAL C 213 -19.02 -38.38 -4.65
CA VAL C 213 -18.27 -39.61 -4.48
C VAL C 213 -18.94 -40.48 -3.42
N ASP C 214 -19.34 -41.68 -3.83
CA ASP C 214 -19.98 -42.65 -2.95
C ASP C 214 -18.91 -43.65 -2.59
N PHE C 215 -18.41 -43.53 -1.35
CA PHE C 215 -17.31 -44.36 -0.87
C PHE C 215 -17.82 -45.72 -0.42
N GLY C 216 -19.11 -45.81 -0.16
CA GLY C 216 -19.74 -47.07 0.16
C GLY C 216 -19.84 -47.99 -1.04
N ASN C 217 -20.26 -47.44 -2.17
CA ASN C 217 -20.37 -48.22 -3.38
C ASN C 217 -19.15 -48.13 -4.30
N LYS C 218 -18.11 -47.39 -3.91
CA LYS C 218 -16.92 -47.28 -4.73
C LYS C 218 -17.23 -46.64 -6.10
N LYS C 219 -18.11 -45.63 -6.11
CA LYS C 219 -18.61 -45.05 -7.35
C LYS C 219 -18.65 -43.53 -7.29
N LEU C 220 -18.36 -42.89 -8.40
CA LEU C 220 -18.44 -41.42 -8.44
C LEU C 220 -19.13 -40.90 -9.71
N THR C 221 -19.99 -39.92 -9.53
CA THR C 221 -20.64 -39.24 -10.65
C THR C 221 -20.42 -37.74 -10.49
N GLY C 222 -20.62 -36.98 -11.58
CA GLY C 222 -20.49 -35.54 -11.51
C GLY C 222 -20.84 -34.79 -12.78
N LYS C 223 -20.86 -33.45 -12.68
CA LYS C 223 -21.11 -32.59 -13.84
C LYS C 223 -20.04 -31.48 -13.96
N LEU C 224 -19.56 -31.23 -15.18
CA LEU C 224 -18.65 -30.10 -15.46
C LEU C 224 -19.44 -29.02 -16.19
N ILE C 225 -19.42 -27.81 -15.64
CA ILE C 225 -20.23 -26.73 -16.20
C ILE C 225 -19.40 -25.47 -16.44
N ARG C 226 -19.92 -24.54 -17.23
CA ARG C 226 -19.38 -23.19 -17.20
C ARG C 226 -20.38 -22.31 -16.48
N ASN C 227 -19.87 -21.39 -15.68
CA ASN C 227 -20.71 -20.34 -15.17
C ASN C 227 -20.69 -19.17 -16.16
N ASN C 228 -21.87 -18.88 -16.73
CA ASN C 228 -22.03 -17.84 -17.75
C ASN C 228 -22.13 -16.44 -17.14
N ALA C 229 -21.77 -15.43 -17.93
CA ALA C 229 -21.86 -14.05 -17.47
C ALA C 229 -23.31 -13.51 -17.46
N SER C 230 -23.58 -12.46 -16.67
CA SER C 230 -24.86 -11.76 -16.80
C SER C 230 -24.73 -10.23 -16.84
N LEU C 231 -25.04 -9.64 -18.00
CA LEU C 231 -25.27 -8.19 -18.07
C LEU C 231 -26.24 -7.76 -19.19
N ASN C 232 -27.12 -6.83 -18.84
CA ASN C 232 -28.01 -6.17 -19.78
C ASN C 232 -28.62 -7.13 -20.80
N ASN C 233 -28.48 -6.82 -22.09
CA ASN C 233 -28.94 -7.73 -23.12
C ASN C 233 -28.21 -9.07 -22.93
N ASN C 234 -28.99 -10.16 -23.00
CA ASN C 234 -28.55 -11.50 -22.59
C ASN C 234 -29.01 -11.86 -21.17
N ASN C 237 -29.42 -15.00 -18.92
CA ASN C 237 -30.76 -14.42 -18.77
C ASN C 237 -31.67 -15.30 -17.92
N ASP C 238 -31.90 -16.53 -18.37
CA ASP C 238 -32.58 -17.54 -17.57
C ASP C 238 -31.57 -18.55 -17.04
N LYS C 239 -30.74 -19.07 -17.94
CA LYS C 239 -29.71 -20.02 -17.57
C LYS C 239 -28.36 -19.36 -17.29
N HIS C 240 -27.95 -19.37 -16.02
CA HIS C 240 -26.69 -18.78 -15.62
C HIS C 240 -25.54 -19.77 -15.65
N THR C 241 -25.86 -21.05 -15.85
CA THR C 241 -24.84 -22.07 -16.04
C THR C 241 -25.15 -22.90 -17.28
N THR C 242 -24.09 -23.44 -17.87
CA THR C 242 -24.19 -24.38 -18.99
C THR C 242 -23.34 -25.61 -18.68
N GLN C 243 -23.94 -26.80 -18.87
CA GLN C 243 -23.29 -28.06 -18.53
C GLN C 243 -22.69 -28.76 -19.76
N TYR C 244 -21.38 -28.88 -19.82
CA TYR C 244 -20.76 -29.55 -20.96
C TYR C 244 -20.52 -31.06 -20.83
N TYR C 245 -20.54 -31.59 -19.62
CA TYR C 245 -20.25 -33.01 -19.41
C TYR C 245 -20.90 -33.56 -18.15
N SER C 246 -21.09 -34.86 -18.13
CA SER C 246 -21.29 -35.55 -16.88
C SER C 246 -20.19 -36.61 -16.77
N LEU C 247 -19.94 -37.07 -15.55
CA LEU C 247 -18.85 -38.01 -15.30
C LEU C 247 -19.34 -39.21 -14.54
N ASP C 248 -18.74 -40.36 -14.85
CA ASP C 248 -18.97 -41.58 -14.08
C ASP C 248 -17.65 -42.32 -13.98
N ALA C 249 -17.37 -42.84 -12.79
CA ALA C 249 -16.13 -43.54 -12.53
C ALA C 249 -16.26 -44.61 -11.47
N GLN C 250 -15.55 -45.71 -11.69
CA GLN C 250 -15.34 -46.73 -10.68
C GLN C 250 -14.07 -46.40 -9.84
N ILE C 251 -14.26 -46.29 -8.53
CA ILE C 251 -13.15 -46.16 -7.60
C ILE C 251 -12.58 -47.53 -7.27
N THR C 252 -11.25 -47.64 -7.35
CA THR C 252 -10.55 -48.80 -6.84
C THR C 252 -9.32 -48.28 -6.11
N GLY C 253 -9.24 -48.52 -4.80
CA GLY C 253 -8.15 -48.00 -4.00
C GLY C 253 -8.23 -46.48 -3.92
N ASN C 254 -7.13 -45.80 -4.23
CA ASN C 254 -7.12 -44.33 -4.26
C ASN C 254 -7.33 -43.75 -5.65
N ARG C 255 -7.60 -44.63 -6.60
CA ARG C 255 -7.75 -44.24 -8.00
C ARG C 255 -9.15 -44.47 -8.50
N PHE C 256 -9.56 -43.72 -9.52
CA PHE C 256 -10.84 -44.02 -10.18
C PHE C 256 -10.81 -43.98 -11.70
N ASN C 257 -11.69 -44.75 -12.32
CA ASN C 257 -11.71 -44.86 -13.76
C ASN C 257 -13.11 -44.91 -14.33
N GLY C 258 -13.29 -44.29 -15.48
CA GLY C 258 -14.61 -44.08 -15.99
C GLY C 258 -14.71 -43.40 -17.34
N THR C 259 -15.87 -42.79 -17.52
CA THR C 259 -16.27 -42.19 -18.79
C THR C 259 -16.70 -40.75 -18.56
N ALA C 260 -16.64 -39.94 -19.62
CA ALA C 260 -17.24 -38.61 -19.62
C ALA C 260 -18.26 -38.56 -20.75
N THR C 261 -19.37 -37.89 -20.50
CA THR C 261 -20.41 -37.80 -21.50
C THR C 261 -20.64 -36.36 -21.91
N ALA C 262 -20.56 -36.10 -23.21
CA ALA C 262 -20.85 -34.76 -23.73
C ALA C 262 -22.32 -34.46 -23.52
N THR C 263 -22.59 -33.42 -22.76
CA THR C 263 -23.92 -33.07 -22.33
C THR C 263 -24.71 -32.25 -23.34
N ASP C 264 -24.01 -31.34 -24.02
CA ASP C 264 -24.70 -30.39 -24.87
C ASP C 264 -24.63 -30.71 -26.39
N LYS C 265 -25.74 -31.20 -26.91
CA LYS C 265 -25.90 -31.39 -28.32
C LYS C 265 -27.23 -32.05 -28.26
N LYS C 266 -27.99 -32.01 -29.33
CA LYS C 266 -29.17 -32.82 -29.30
C LYS C 266 -28.61 -34.20 -29.65
N GLU C 267 -28.29 -34.44 -30.93
CA GLU C 267 -27.47 -35.60 -31.27
C GLU C 267 -26.20 -35.31 -32.08
N ASN C 268 -26.35 -35.20 -33.39
CA ASN C 268 -25.22 -35.07 -34.32
C ASN C 268 -24.94 -33.68 -34.90
N GLU C 269 -25.75 -32.68 -34.56
CA GLU C 269 -25.77 -31.44 -35.34
C GLU C 269 -24.46 -30.66 -35.12
N THR C 270 -24.29 -29.56 -35.86
CA THR C 270 -22.96 -28.93 -35.85
C THR C 270 -22.78 -27.95 -34.70
N LYS C 271 -21.64 -28.03 -34.03
CA LYS C 271 -21.49 -27.30 -32.79
C LYS C 271 -20.49 -26.14 -32.79
N LEU C 272 -20.87 -25.09 -32.06
CA LEU C 272 -20.06 -23.89 -31.92
C LEU C 272 -19.08 -24.04 -30.74
N HIS C 273 -18.98 -25.24 -30.20
CA HIS C 273 -17.99 -25.54 -29.17
C HIS C 273 -17.38 -26.93 -29.33
N PRO C 274 -16.22 -27.18 -28.69
CA PRO C 274 -15.43 -28.42 -28.80
C PRO C 274 -16.01 -29.66 -28.12
N PHE C 275 -17.02 -29.56 -27.26
CA PHE C 275 -17.34 -30.73 -26.42
C PHE C 275 -18.51 -31.50 -27.01
N VAL C 276 -18.14 -32.57 -27.69
CA VAL C 276 -19.03 -33.22 -28.62
C VAL C 276 -18.99 -34.73 -28.39
N SER C 277 -17.80 -35.30 -28.56
CA SER C 277 -17.52 -36.68 -28.16
C SER C 277 -17.59 -36.91 -26.65
N ASP C 278 -17.96 -38.13 -26.27
CA ASP C 278 -17.82 -38.63 -24.91
C ASP C 278 -16.40 -39.12 -24.77
N SER C 279 -16.08 -39.67 -23.61
CA SER C 279 -14.73 -40.14 -23.36
C SER C 279 -14.72 -41.43 -22.57
N SER C 280 -13.93 -42.40 -23.05
CA SER C 280 -13.70 -43.60 -22.26
C SER C 280 -12.38 -43.57 -21.45
N SER C 281 -11.65 -42.46 -21.51
CA SER C 281 -10.37 -42.35 -20.82
C SER C 281 -10.33 -41.62 -19.47
N LEU C 282 -11.48 -41.32 -18.87
CA LEU C 282 -11.49 -40.62 -17.56
C LEU C 282 -10.69 -41.33 -16.48
N SER C 283 -9.76 -40.59 -15.88
CA SER C 283 -8.85 -41.18 -14.93
C SER C 283 -8.48 -40.15 -13.88
N GLY C 284 -8.31 -40.59 -12.64
CA GLY C 284 -7.89 -39.70 -11.56
C GLY C 284 -7.63 -40.44 -10.26
N GLY C 285 -7.28 -39.68 -9.22
CA GLY C 285 -7.01 -40.24 -7.91
C GLY C 285 -7.30 -39.29 -6.75
N PHE C 286 -7.36 -39.87 -5.55
CA PHE C 286 -7.53 -39.07 -4.35
C PHE C 286 -6.20 -38.72 -3.69
N PHE C 287 -6.09 -37.48 -3.21
CA PHE C 287 -4.90 -37.04 -2.52
C PHE C 287 -5.29 -36.47 -1.17
N GLY C 288 -4.31 -36.39 -0.28
CA GLY C 288 -4.55 -35.90 1.06
C GLY C 288 -4.75 -37.08 1.98
N PRO C 289 -4.68 -36.81 3.28
CA PRO C 289 -4.77 -37.82 4.34
C PRO C 289 -6.04 -38.66 4.29
N GLN C 290 -7.18 -38.01 4.06
CA GLN C 290 -8.46 -38.71 3.89
C GLN C 290 -8.93 -38.87 2.45
N GLY C 291 -8.14 -38.41 1.51
CA GLY C 291 -8.58 -38.36 0.13
C GLY C 291 -9.55 -37.22 -0.05
N GLU C 292 -9.31 -36.09 0.58
CA GLU C 292 -10.28 -35.00 0.58
C GLU C 292 -10.16 -34.11 -0.64
N GLU C 293 -9.13 -34.36 -1.45
CA GLU C 293 -8.99 -33.67 -2.73
C GLU C 293 -8.75 -34.72 -3.84
N LEU C 294 -8.95 -34.31 -5.08
CA LEU C 294 -8.74 -35.21 -6.21
C LEU C 294 -8.46 -34.42 -7.47
N GLY C 295 -7.88 -35.12 -8.43
CA GLY C 295 -7.57 -34.52 -9.72
C GLY C 295 -7.75 -35.62 -10.74
N PHE C 296 -7.98 -35.22 -11.99
CA PHE C 296 -8.42 -36.14 -13.04
C PHE C 296 -8.18 -35.54 -14.41
N ARG C 297 -8.16 -36.41 -15.41
CA ARG C 297 -8.12 -36.00 -16.79
C ARG C 297 -9.02 -36.91 -17.59
N PHE C 298 -9.30 -36.50 -18.82
CA PHE C 298 -9.87 -37.41 -19.82
C PHE C 298 -9.54 -36.84 -21.19
N LEU C 299 -9.57 -37.69 -22.21
CA LEU C 299 -9.37 -37.24 -23.56
C LEU C 299 -10.58 -37.72 -24.36
N SER C 300 -11.26 -36.81 -25.05
CA SER C 300 -12.45 -37.22 -25.81
C SER C 300 -12.05 -38.27 -26.85
N ASP C 301 -12.99 -39.13 -27.21
CA ASP C 301 -12.71 -40.24 -28.12
C ASP C 301 -12.48 -39.87 -29.57
N ASP C 302 -13.03 -38.72 -30.00
CA ASP C 302 -12.71 -38.17 -31.32
C ASP C 302 -11.39 -37.40 -31.33
N GLN C 303 -10.78 -37.35 -30.14
CA GLN C 303 -9.48 -36.71 -29.93
C GLN C 303 -9.51 -35.22 -30.22
N LYS C 304 -10.69 -34.62 -30.08
CA LYS C 304 -10.86 -33.20 -30.28
C LYS C 304 -10.64 -32.36 -28.99
N VAL C 305 -10.69 -33.02 -27.84
CA VAL C 305 -10.69 -32.29 -26.58
C VAL C 305 -10.00 -33.06 -25.47
N ALA C 306 -9.25 -32.34 -24.63
CA ALA C 306 -8.58 -32.94 -23.47
C ALA C 306 -8.79 -32.09 -22.22
N VAL C 307 -9.14 -32.75 -21.13
CA VAL C 307 -9.58 -32.05 -19.93
C VAL C 307 -8.77 -32.46 -18.69
N VAL C 308 -8.45 -31.51 -17.83
CA VAL C 308 -7.90 -31.83 -16.52
C VAL C 308 -8.71 -31.07 -15.49
N GLY C 309 -8.83 -31.61 -14.29
CA GLY C 309 -9.56 -30.93 -13.25
C GLY C 309 -9.11 -31.33 -11.87
N SER C 310 -9.60 -30.60 -10.89
CA SER C 310 -9.33 -30.91 -9.51
C SER C 310 -10.59 -30.59 -8.72
N ALA C 311 -10.78 -31.27 -7.61
CA ALA C 311 -11.95 -31.01 -6.79
C ALA C 311 -11.62 -31.33 -5.35
N LYS C 312 -12.37 -30.77 -4.41
CA LYS C 312 -12.10 -30.99 -3.00
C LYS C 312 -13.37 -30.87 -2.18
N THR C 313 -13.40 -31.50 -1.02
CA THR C 313 -14.55 -31.44 -0.14
C THR C 313 -14.72 -30.02 0.40
N LYS C 314 -15.89 -29.72 0.96
CA LYS C 314 -16.16 -28.35 1.42
C LYS C 314 -15.04 -27.79 2.33
N ASP C 315 -14.62 -26.56 2.07
CA ASP C 315 -13.68 -25.84 2.95
C ASP C 315 -14.21 -25.76 4.39
N LYS C 316 -13.28 -25.81 5.36
CA LYS C 316 -13.64 -25.65 6.76
C LYS C 316 -13.91 -24.18 7.09
N LEU C 317 -14.78 -23.95 8.08
CA LEU C 317 -15.24 -22.59 8.42
C LEU C 317 -15.46 -21.71 7.19
N GLU C 341 -22.13 -39.49 13.98
CA GLU C 341 -22.18 -38.11 13.54
C GLU C 341 -21.13 -37.86 12.44
N ASN C 342 -20.28 -38.86 12.21
CA ASN C 342 -19.29 -38.83 11.12
C ASN C 342 -18.85 -40.24 10.72
N SER C 343 -17.92 -40.32 9.77
CA SER C 343 -17.48 -41.60 9.18
C SER C 343 -16.05 -42.02 9.55
N LYS C 344 -15.88 -43.32 9.82
CA LYS C 344 -14.58 -43.90 10.06
C LYS C 344 -13.87 -44.10 8.73
N LEU C 345 -12.54 -44.17 8.77
CA LEU C 345 -11.75 -44.33 7.55
C LEU C 345 -11.45 -45.80 7.34
N THR C 346 -10.83 -46.10 6.20
CA THR C 346 -10.41 -47.47 5.89
C THR C 346 -9.06 -47.42 5.17
N THR C 347 -8.21 -48.40 5.42
CA THR C 347 -6.89 -48.39 4.81
C THR C 347 -6.87 -49.09 3.47
N VAL C 348 -6.54 -48.33 2.45
CA VAL C 348 -6.60 -48.75 1.07
C VAL C 348 -5.37 -49.49 0.56
N LEU C 349 -4.20 -49.14 1.09
CA LEU C 349 -2.93 -49.74 0.65
C LEU C 349 -1.90 -49.73 1.77
N ASP C 350 -0.83 -50.51 1.58
CA ASP C 350 0.38 -50.39 2.40
C ASP C 350 1.53 -50.18 1.44
N ALA C 351 2.39 -49.19 1.71
CA ALA C 351 3.68 -49.07 1.02
C ALA C 351 4.74 -48.62 2.00
N VAL C 352 5.78 -49.43 2.20
CA VAL C 352 6.80 -49.11 3.19
C VAL C 352 8.21 -49.34 2.63
N GLU C 353 9.13 -48.48 3.01
CA GLU C 353 10.57 -48.70 2.80
C GLU C 353 11.23 -48.88 4.16
N LEU C 354 12.06 -49.89 4.31
CA LEU C 354 12.79 -50.10 5.56
C LEU C 354 14.27 -50.02 5.30
N THR C 355 14.90 -48.98 5.83
CA THR C 355 16.31 -48.73 5.60
C THR C 355 17.19 -49.69 6.42
N LEU C 356 18.06 -50.42 5.75
CA LEU C 356 18.84 -51.46 6.41
C LEU C 356 19.87 -50.94 7.41
N ASN C 357 20.35 -49.72 7.21
CA ASN C 357 21.41 -49.23 8.09
C ASN C 357 20.90 -48.70 9.43
N ASP C 358 20.10 -47.65 9.39
CA ASP C 358 19.58 -47.00 10.60
C ASP C 358 18.33 -47.68 11.18
N LYS C 359 17.90 -48.77 10.53
CA LYS C 359 16.75 -49.54 10.99
C LYS C 359 15.50 -48.65 11.14
N LYS C 360 15.08 -48.05 10.03
CA LYS C 360 13.97 -47.12 10.07
C LYS C 360 12.90 -47.49 9.04
N ILE C 361 11.65 -47.21 9.36
CA ILE C 361 10.54 -47.48 8.46
C ILE C 361 9.97 -46.18 7.91
N LYS C 362 10.00 -46.01 6.59
CA LYS C 362 9.40 -44.82 5.97
C LYS C 362 8.18 -45.26 5.19
N ASN C 363 7.18 -44.39 5.11
CA ASN C 363 6.08 -44.62 4.18
C ASN C 363 6.48 -44.22 2.77
N LEU C 364 6.20 -45.08 1.81
CA LEU C 364 6.35 -44.75 0.42
C LEU C 364 5.00 -44.24 -0.11
N ASP C 365 5.03 -43.26 -1.00
CA ASP C 365 3.81 -42.97 -1.74
C ASP C 365 3.50 -44.18 -2.63
N ASN C 366 2.22 -44.40 -2.90
CA ASN C 366 1.81 -45.40 -3.87
C ASN C 366 0.46 -45.05 -4.49
N PHE C 367 0.29 -45.40 -5.76
CA PHE C 367 -0.93 -45.14 -6.54
C PHE C 367 -2.00 -46.26 -6.55
N SER C 368 -1.91 -47.15 -5.56
CA SER C 368 -2.82 -48.26 -5.42
C SER C 368 -2.55 -49.23 -6.54
N ASN C 369 -1.26 -49.35 -6.86
CA ASN C 369 -0.76 -50.29 -7.82
C ASN C 369 0.42 -51.00 -7.17
N ALA C 370 0.26 -52.27 -6.83
CA ALA C 370 1.30 -52.98 -6.08
C ALA C 370 2.49 -53.28 -6.97
N ALA C 371 2.28 -53.08 -8.27
CA ALA C 371 3.30 -53.34 -9.26
C ALA C 371 4.03 -52.06 -9.71
N GLN C 372 3.67 -50.93 -9.10
CA GLN C 372 4.36 -49.68 -9.39
C GLN C 372 5.03 -49.21 -8.12
N LEU C 373 6.37 -49.26 -8.08
CA LEU C 373 7.11 -48.86 -6.88
C LEU C 373 7.46 -47.39 -6.98
N VAL C 374 6.89 -46.56 -6.10
CA VAL C 374 7.16 -45.11 -6.17
C VAL C 374 8.16 -44.63 -5.11
N VAL C 375 9.36 -44.30 -5.56
CA VAL C 375 10.40 -43.80 -4.66
C VAL C 375 11.00 -42.55 -5.23
N ASP C 376 11.30 -41.61 -4.34
CA ASP C 376 11.99 -40.40 -4.75
C ASP C 376 11.31 -39.80 -5.96
N GLY C 377 9.97 -39.88 -5.94
CA GLY C 377 9.12 -39.19 -6.90
C GLY C 377 9.16 -39.72 -8.31
N ILE C 378 9.64 -40.95 -8.46
CA ILE C 378 9.66 -41.61 -9.75
C ILE C 378 9.07 -43.01 -9.62
N MET C 379 8.63 -43.56 -10.74
CA MET C 379 7.91 -44.83 -10.72
C MET C 379 8.69 -45.95 -11.42
N ILE C 380 9.04 -46.97 -10.64
CA ILE C 380 9.72 -48.12 -11.19
C ILE C 380 8.69 -49.19 -11.50
N PRO C 381 8.61 -49.64 -12.77
CA PRO C 381 7.81 -50.81 -13.11
C PRO C 381 8.34 -52.07 -12.41
N LEU C 382 7.48 -52.77 -11.67
CA LEU C 382 7.90 -54.00 -10.99
C LEU C 382 7.69 -55.25 -11.85
N LEU C 383 6.99 -55.08 -12.98
CA LEU C 383 6.81 -56.17 -13.92
C LEU C 383 7.54 -55.91 -15.25
N PRO C 384 7.94 -57.00 -15.94
CA PRO C 384 8.68 -56.89 -17.22
C PRO C 384 7.85 -56.24 -18.35
N LYS C 385 8.53 -55.83 -19.41
CA LYS C 385 7.91 -55.18 -20.58
C LYS C 385 6.75 -55.97 -21.22
N ASP C 386 5.63 -55.28 -21.44
CA ASP C 386 4.38 -55.90 -21.89
C ASP C 386 4.16 -55.88 -23.42
N SER C 387 3.83 -54.71 -23.97
CA SER C 387 3.54 -54.58 -25.40
C SER C 387 4.77 -54.69 -26.28
N THR C 402 8.42 -66.99 -17.38
CA THR C 402 8.01 -66.47 -16.08
C THR C 402 8.77 -67.20 -14.95
N GLU C 403 8.86 -66.58 -13.78
CA GLU C 403 9.81 -67.01 -12.77
C GLU C 403 9.61 -66.29 -11.45
N PHE C 404 10.16 -66.86 -10.37
CA PHE C 404 9.70 -66.52 -9.01
C PHE C 404 10.11 -65.15 -8.47
N THR C 405 11.40 -64.99 -8.22
CA THR C 405 11.96 -63.76 -7.68
C THR C 405 12.79 -63.09 -8.78
N ARG C 406 12.66 -61.77 -8.90
CA ARG C 406 13.20 -61.04 -10.04
C ARG C 406 14.09 -59.80 -9.72
N LYS C 407 15.27 -59.75 -10.33
CA LYS C 407 16.22 -58.63 -10.17
C LYS C 407 16.40 -57.82 -11.45
N PHE C 408 16.40 -56.49 -11.34
CA PHE C 408 16.69 -55.59 -12.46
C PHE C 408 17.27 -54.25 -11.98
N GLU C 409 17.79 -53.47 -12.91
CA GLU C 409 18.20 -52.09 -12.64
C GLU C 409 17.33 -51.10 -13.39
N HIS C 410 16.95 -50.02 -12.72
CA HIS C 410 16.16 -48.97 -13.35
C HIS C 410 16.89 -47.64 -13.30
N THR C 411 17.19 -47.08 -14.46
CA THR C 411 17.78 -45.76 -14.54
C THR C 411 16.79 -44.81 -15.18
N PRO C 412 16.18 -43.95 -14.35
CA PRO C 412 15.09 -43.06 -14.77
C PRO C 412 15.64 -42.04 -15.74
N GLU C 413 14.77 -41.33 -16.48
CA GLU C 413 15.27 -40.21 -17.27
C GLU C 413 14.33 -39.01 -17.34
N SER C 414 14.79 -37.96 -18.03
CA SER C 414 14.19 -36.62 -17.95
C SER C 414 13.16 -36.32 -19.03
N LYS C 443 20.29 -40.87 -9.83
CA LYS C 443 20.48 -42.17 -9.19
C LYS C 443 20.16 -43.37 -10.11
N THR C 444 20.65 -44.55 -9.70
CA THR C 444 20.27 -45.82 -10.31
C THR C 444 19.79 -46.78 -9.24
N TYR C 445 18.63 -47.39 -9.47
CA TYR C 445 17.99 -48.24 -8.49
C TYR C 445 18.18 -49.71 -8.84
N GLU C 446 18.51 -50.53 -7.84
CA GLU C 446 18.67 -51.96 -8.07
C GLU C 446 17.64 -52.72 -7.24
N VAL C 447 16.80 -53.48 -7.94
CA VAL C 447 15.54 -53.98 -7.36
C VAL C 447 15.35 -55.49 -7.45
N GLU C 448 15.16 -56.14 -6.31
CA GLU C 448 14.82 -57.55 -6.29
C GLU C 448 13.40 -57.71 -5.72
N VAL C 449 12.51 -58.31 -6.50
CA VAL C 449 11.10 -58.31 -6.14
C VAL C 449 10.42 -59.69 -6.20
N CYS C 450 9.78 -60.06 -5.11
CA CYS C 450 8.96 -61.26 -5.03
C CYS C 450 7.51 -60.81 -4.93
N CYS C 451 6.55 -61.60 -5.42
CA CYS C 451 6.76 -62.92 -6.02
C CYS C 451 5.91 -63.01 -7.28
N SER C 452 6.19 -64.01 -8.11
CA SER C 452 5.48 -64.22 -9.36
C SER C 452 4.01 -64.66 -9.16
N ASN C 453 3.71 -65.23 -8.01
CA ASN C 453 2.35 -65.71 -7.73
C ASN C 453 1.51 -64.68 -6.97
N LEU C 454 2.10 -63.53 -6.66
CA LEU C 454 1.38 -62.48 -5.93
C LEU C 454 0.96 -61.34 -6.84
N ASN C 455 -0.34 -61.19 -7.07
CA ASN C 455 -0.89 -60.09 -7.85
C ASN C 455 -1.17 -58.76 -7.13
N TYR C 456 -1.55 -58.84 -5.87
CA TYR C 456 -1.90 -57.64 -5.11
C TYR C 456 -0.85 -57.10 -4.13
N LEU C 457 0.29 -57.77 -4.06
CA LEU C 457 1.34 -57.45 -3.11
C LEU C 457 2.68 -57.73 -3.77
N LYS C 458 3.67 -56.88 -3.50
CA LYS C 458 5.06 -57.13 -3.94
C LYS C 458 6.00 -56.72 -2.83
N TYR C 459 7.06 -57.46 -2.62
CA TYR C 459 8.05 -57.08 -1.61
C TYR C 459 9.47 -57.48 -2.04
N GLY C 460 10.48 -56.83 -1.48
CA GLY C 460 11.84 -57.16 -1.85
C GLY C 460 12.89 -56.16 -1.39
N MET C 461 14.03 -56.17 -2.08
CA MET C 461 15.14 -55.30 -1.74
C MET C 461 15.14 -54.15 -2.74
N LEU C 462 15.42 -52.94 -2.25
CA LEU C 462 15.65 -51.75 -3.07
C LEU C 462 16.99 -51.12 -2.70
N THR C 463 17.86 -50.96 -3.68
CA THR C 463 19.16 -50.35 -3.38
C THR C 463 19.46 -49.15 -4.31
N ARG C 464 20.00 -48.09 -3.71
CA ARG C 464 20.28 -46.83 -4.41
C ARG C 464 21.78 -46.60 -4.72
N LYS C 465 22.07 -46.21 -5.96
CA LYS C 465 23.42 -45.79 -6.32
C LYS C 465 23.43 -44.74 -7.46
N ASN C 466 24.61 -44.39 -7.97
CA ASN C 466 24.76 -43.27 -8.90
C ASN C 466 25.06 -43.67 -10.34
N VAL C 487 26.33 -46.34 -2.02
CA VAL C 487 25.26 -47.34 -2.03
C VAL C 487 24.43 -47.33 -0.76
N GLU C 488 23.11 -47.18 -0.91
CA GLU C 488 22.20 -47.17 0.23
C GLU C 488 21.30 -48.40 0.18
N GLN C 489 20.92 -48.91 1.35
CA GLN C 489 20.27 -50.22 1.44
C GLN C 489 18.86 -50.15 2.03
N SER C 490 17.91 -50.80 1.36
CA SER C 490 16.52 -50.84 1.82
C SER C 490 15.77 -52.12 1.43
N MET C 491 14.70 -52.43 2.16
CA MET C 491 13.72 -53.40 1.69
C MET C 491 12.35 -52.75 1.61
N PHE C 492 11.50 -53.25 0.73
CA PHE C 492 10.21 -52.61 0.49
C PHE C 492 9.08 -53.64 0.46
N LEU C 493 7.89 -53.20 0.87
CA LEU C 493 6.69 -53.99 0.73
C LEU C 493 5.53 -53.07 0.41
N GLN C 494 4.71 -53.48 -0.53
CA GLN C 494 3.51 -52.73 -0.85
C GLN C 494 2.46 -53.67 -1.39
N GLY C 495 1.21 -53.42 -1.00
CA GLY C 495 0.09 -54.24 -1.42
C GLY C 495 -1.16 -53.39 -1.44
N GLU C 496 -2.17 -53.85 -2.17
CA GLU C 496 -3.46 -53.18 -2.19
C GLU C 496 -4.41 -53.92 -1.28
N ARG C 497 -4.81 -53.28 -0.20
CA ARG C 497 -5.60 -53.94 0.82
C ARG C 497 -6.94 -54.45 0.25
N THR C 498 -7.43 -55.55 0.80
CA THR C 498 -8.73 -56.03 0.40
C THR C 498 -9.81 -55.15 1.03
N ASP C 499 -10.96 -55.02 0.38
CA ASP C 499 -12.02 -54.18 0.92
C ASP C 499 -12.40 -54.70 2.31
N GLU C 500 -12.59 -53.78 3.27
CA GLU C 500 -12.92 -54.15 4.64
C GLU C 500 -14.15 -55.04 4.67
N LYS C 501 -14.99 -54.93 3.64
CA LYS C 501 -16.24 -55.71 3.52
C LYS C 501 -16.02 -57.15 3.01
N GLU C 502 -14.98 -57.34 2.21
CA GLU C 502 -14.70 -58.60 1.54
C GLU C 502 -13.84 -59.55 2.40
N ILE C 503 -13.58 -59.16 3.64
CA ILE C 503 -12.73 -59.98 4.51
C ILE C 503 -13.40 -61.32 4.89
N PRO C 504 -12.67 -62.42 4.69
CA PRO C 504 -13.11 -63.78 5.05
C PRO C 504 -13.57 -63.91 6.51
N THR C 505 -14.55 -64.76 6.77
CA THR C 505 -14.81 -65.17 8.14
C THR C 505 -14.30 -66.56 8.53
N ASP C 506 -13.69 -67.28 7.59
CA ASP C 506 -13.22 -68.65 7.87
C ASP C 506 -12.29 -68.71 9.07
N GLN C 507 -12.54 -69.68 9.96
CA GLN C 507 -11.81 -69.75 11.22
C GLN C 507 -10.45 -70.39 11.08
N ASN C 508 -10.24 -71.20 10.04
CA ASN C 508 -8.90 -71.72 9.79
C ASN C 508 -8.45 -71.55 8.35
N VAL C 509 -7.51 -70.65 8.12
CA VAL C 509 -7.07 -70.34 6.76
C VAL C 509 -5.54 -70.28 6.72
N VAL C 510 -4.93 -71.09 5.86
CA VAL C 510 -3.47 -71.19 5.84
C VAL C 510 -2.82 -70.38 4.70
N TYR C 511 -1.84 -69.55 5.06
CA TYR C 511 -1.05 -68.81 4.06
C TYR C 511 0.40 -69.31 4.03
N ARG C 512 0.95 -69.43 2.83
CA ARG C 512 2.34 -69.83 2.67
C ARG C 512 3.07 -68.91 1.71
N GLY C 513 4.33 -68.65 2.03
CA GLY C 513 5.10 -67.63 1.34
C GLY C 513 6.54 -67.59 1.81
N SER C 514 7.16 -66.44 1.60
CA SER C 514 8.58 -66.27 1.91
C SER C 514 8.84 -64.90 2.55
N TRP C 515 10.10 -64.57 2.75
CA TRP C 515 10.47 -63.29 3.33
C TRP C 515 11.87 -62.91 2.91
N TYR C 516 12.18 -61.62 3.04
CA TYR C 516 13.56 -61.14 3.00
C TYR C 516 13.86 -60.66 4.42
N GLY C 517 15.08 -60.87 4.88
CA GLY C 517 15.46 -60.38 6.20
C GLY C 517 16.94 -60.13 6.38
N HIS C 518 17.22 -59.20 7.28
CA HIS C 518 18.58 -58.80 7.62
C HIS C 518 18.60 -58.68 9.14
N ILE C 519 19.45 -59.47 9.80
CA ILE C 519 19.43 -59.57 11.24
C ILE C 519 20.85 -59.65 11.85
N ALA C 520 21.09 -58.87 12.91
CA ALA C 520 22.41 -58.87 13.54
C ALA C 520 22.46 -58.57 15.06
N ASN C 521 23.31 -59.33 15.76
CA ASN C 521 23.95 -58.87 16.99
C ASN C 521 25.44 -59.18 16.83
N GLY C 522 26.25 -58.13 16.62
CA GLY C 522 27.68 -58.28 16.48
C GLY C 522 28.14 -58.81 15.13
N THR C 523 27.25 -59.48 14.41
CA THR C 523 27.57 -60.09 13.11
C THR C 523 26.31 -60.20 12.25
N SER C 524 26.46 -60.14 10.93
CA SER C 524 25.27 -60.06 10.05
C SER C 524 24.88 -61.35 9.30
N TRP C 525 23.62 -61.74 9.47
CA TRP C 525 23.00 -62.75 8.63
C TRP C 525 22.01 -62.06 7.73
N SER C 526 22.02 -62.42 6.45
CA SER C 526 21.03 -61.90 5.50
C SER C 526 20.64 -62.98 4.51
N GLY C 527 19.34 -63.10 4.25
CA GLY C 527 18.81 -64.11 3.36
C GLY C 527 17.58 -63.62 2.63
N ASN C 528 17.28 -64.24 1.50
CA ASN C 528 16.33 -63.70 0.55
C ASN C 528 15.18 -64.63 0.21
N ALA C 529 14.15 -64.07 -0.41
CA ALA C 529 12.93 -64.82 -0.71
C ALA C 529 13.14 -65.91 -1.76
N SER C 530 12.73 -67.12 -1.41
CA SER C 530 12.89 -68.27 -2.28
C SER C 530 11.63 -69.12 -2.25
N ASP C 531 11.32 -69.77 -3.37
CA ASP C 531 10.18 -70.69 -3.39
C ASP C 531 10.67 -72.13 -3.33
N LYS C 532 10.95 -72.60 -2.14
CA LYS C 532 11.86 -73.66 -1.70
C LYS C 532 13.38 -73.36 -1.69
N GLU C 533 14.20 -74.37 -1.46
CA GLU C 533 13.82 -75.60 -0.75
C GLU C 533 14.13 -75.50 0.76
N GLY C 534 15.42 -75.34 1.06
CA GLY C 534 15.82 -74.93 2.39
C GLY C 534 15.91 -73.41 2.43
N GLY C 535 15.20 -72.76 1.52
CA GLY C 535 15.21 -71.31 1.44
C GLY C 535 14.33 -70.66 2.49
N ASN C 536 14.29 -69.33 2.47
CA ASN C 536 13.40 -68.58 3.36
C ASN C 536 11.95 -69.03 3.22
N ARG C 537 11.32 -69.33 4.33
CA ARG C 537 9.98 -69.90 4.30
C ARG C 537 9.04 -69.27 5.32
N ALA C 538 7.84 -68.91 4.86
CA ALA C 538 6.85 -68.26 5.72
C ALA C 538 5.53 -69.02 5.80
N GLU C 539 5.06 -69.24 7.02
CA GLU C 539 3.88 -70.05 7.25
C GLU C 539 2.90 -69.26 8.12
N PHE C 540 1.63 -69.21 7.71
CA PHE C 540 0.60 -68.51 8.49
C PHE C 540 -0.71 -69.28 8.63
N THR C 541 -1.30 -69.20 9.82
CA THR C 541 -2.67 -69.66 10.01
C THR C 541 -3.47 -68.47 10.47
N VAL C 542 -4.61 -68.25 9.86
CA VAL C 542 -5.46 -67.12 10.19
C VAL C 542 -6.85 -67.56 10.59
N ASN C 543 -7.28 -67.20 11.81
CA ASN C 543 -8.68 -67.37 12.18
C ASN C 543 -9.32 -66.01 12.09
N PHE C 544 -10.13 -65.81 11.05
CA PHE C 544 -10.70 -64.50 10.79
C PHE C 544 -11.83 -64.18 11.77
N ALA C 545 -12.65 -65.19 12.07
CA ALA C 545 -13.69 -65.04 13.07
C ALA C 545 -13.10 -64.57 14.40
N ASP C 546 -12.11 -65.30 14.91
CA ASP C 546 -11.40 -64.93 16.14
C ASP C 546 -10.53 -63.68 16.05
N LYS C 547 -10.30 -63.21 14.84
CA LYS C 547 -9.47 -62.04 14.59
C LYS C 547 -8.02 -62.27 15.02
N LYS C 548 -7.60 -63.53 14.97
CA LYS C 548 -6.23 -63.92 15.34
C LYS C 548 -5.39 -64.43 14.16
N ILE C 549 -4.11 -64.06 14.16
CA ILE C 549 -3.17 -64.56 13.16
C ILE C 549 -1.87 -65.03 13.82
N THR C 550 -1.43 -66.23 13.48
CA THR C 550 -0.12 -66.71 13.93
C THR C 550 0.71 -67.16 12.73
N GLY C 551 2.03 -67.15 12.91
CA GLY C 551 2.93 -67.51 11.83
C GLY C 551 4.35 -67.79 12.28
N LYS C 552 5.11 -68.42 11.41
CA LYS C 552 6.53 -68.65 11.65
C LYS C 552 7.34 -68.44 10.37
N LEU C 553 8.41 -67.67 10.48
CA LEU C 553 9.37 -67.55 9.38
C LEU C 553 10.55 -68.47 9.66
N THR C 554 10.80 -69.41 8.75
CA THR C 554 11.95 -70.29 8.88
C THR C 554 13.00 -69.93 7.83
N ALA C 555 14.25 -69.88 8.26
CA ALA C 555 15.37 -69.56 7.38
C ALA C 555 15.98 -70.82 6.76
N GLU C 556 17.16 -70.66 6.16
CA GLU C 556 17.85 -71.76 5.46
C GLU C 556 17.93 -73.12 6.21
N ASN C 557 18.69 -73.17 7.29
CA ASN C 557 18.72 -74.38 8.12
C ASN C 557 17.63 -74.23 9.16
N ARG C 558 16.58 -75.04 9.04
CA ARG C 558 15.34 -74.76 9.74
C ARG C 558 14.78 -75.97 10.48
N GLN C 559 14.25 -75.74 11.68
CA GLN C 559 14.48 -74.49 12.41
C GLN C 559 14.54 -74.89 13.86
N ALA C 560 15.54 -74.47 14.62
CA ALA C 560 16.84 -73.81 14.31
C ALA C 560 16.90 -72.37 13.78
N GLN C 561 16.27 -72.03 12.67
CA GLN C 561 16.36 -70.65 12.21
C GLN C 561 14.92 -70.25 11.95
N THR C 562 14.42 -69.37 12.80
CA THR C 562 13.00 -69.31 12.99
C THR C 562 12.55 -68.01 13.60
N PHE C 563 11.28 -67.70 13.37
CA PHE C 563 10.66 -66.51 13.91
C PHE C 563 9.22 -66.86 14.23
N THR C 564 8.71 -66.34 15.34
CA THR C 564 7.34 -66.64 15.73
C THR C 564 6.49 -65.38 15.81
N ILE C 565 5.33 -65.42 15.17
CA ILE C 565 4.48 -64.25 15.07
C ILE C 565 3.05 -64.52 15.57
N GLU C 566 2.58 -63.64 16.44
CA GLU C 566 1.23 -63.69 16.94
C GLU C 566 0.71 -62.28 16.78
N GLY C 567 -0.53 -62.13 16.35
CA GLY C 567 -1.11 -60.81 16.17
C GLY C 567 -2.62 -60.81 16.25
N MET C 568 -3.19 -59.61 16.33
CA MET C 568 -4.63 -59.44 16.26
C MET C 568 -4.97 -58.68 14.96
N ILE C 569 -6.13 -59.02 14.41
CA ILE C 569 -6.59 -58.43 13.17
C ILE C 569 -7.64 -57.37 13.47
N GLN C 570 -7.54 -56.22 12.80
CA GLN C 570 -8.63 -55.28 12.80
C GLN C 570 -8.91 -54.97 11.37
N GLY C 571 -10.15 -55.15 10.96
CA GLY C 571 -10.54 -54.74 9.62
C GLY C 571 -9.66 -55.42 8.58
N ASN C 572 -9.00 -54.64 7.72
CA ASN C 572 -8.21 -55.20 6.63
C ASN C 572 -6.73 -55.38 6.92
N GLY C 573 -6.32 -55.24 8.17
CA GLY C 573 -4.90 -55.36 8.50
C GLY C 573 -4.69 -55.99 9.85
N PHE C 574 -3.44 -56.25 10.20
CA PHE C 574 -3.14 -56.82 11.51
C PHE C 574 -1.91 -56.22 12.14
N GLU C 575 -1.86 -56.26 13.47
CA GLU C 575 -0.67 -55.88 14.22
C GLU C 575 -0.29 -57.06 15.12
N GLY C 576 0.96 -57.09 15.55
CA GLY C 576 1.43 -58.18 16.38
C GLY C 576 2.89 -58.02 16.75
N THR C 577 3.48 -59.13 17.16
CA THR C 577 4.87 -59.15 17.58
C THR C 577 5.61 -60.29 16.87
N ALA C 578 6.94 -60.20 16.84
CA ALA C 578 7.75 -61.29 16.33
C ALA C 578 8.89 -61.56 17.30
N LYS C 579 9.14 -62.84 17.59
CA LYS C 579 10.21 -63.24 18.51
C LYS C 579 11.12 -64.35 17.94
N THR C 580 12.35 -64.36 18.42
CA THR C 580 13.43 -65.18 17.85
C THR C 580 13.44 -66.60 18.42
N ALA C 581 12.41 -66.90 19.20
CA ALA C 581 12.42 -68.03 20.11
C ALA C 581 13.58 -67.92 21.10
N GLU C 582 14.17 -69.05 21.44
CA GLU C 582 15.14 -69.07 22.53
C GLU C 582 16.22 -70.15 22.37
N SER C 583 17.47 -69.79 22.66
CA SER C 583 17.87 -68.39 22.78
C SER C 583 18.59 -68.02 21.49
N GLY C 584 18.07 -67.04 20.76
CA GLY C 584 18.78 -66.50 19.62
C GLY C 584 18.60 -67.21 18.30
N PHE C 585 18.90 -66.48 17.22
CA PHE C 585 18.71 -66.97 15.86
C PHE C 585 19.81 -67.91 15.37
N ASP C 586 21.05 -67.56 15.74
CA ASP C 586 22.28 -68.18 15.24
C ASP C 586 22.89 -67.34 14.12
N ARG C 594 26.43 -70.08 11.06
CA ARG C 594 25.68 -70.44 12.26
C ARG C 594 26.10 -69.61 13.49
N THR C 595 26.37 -70.28 14.61
CA THR C 595 26.68 -69.63 15.91
C THR C 595 27.76 -68.55 15.77
N PRO C 596 27.60 -67.35 16.40
CA PRO C 596 26.87 -66.50 17.36
C PRO C 596 25.36 -66.39 17.15
N LYS C 597 24.61 -65.97 18.17
CA LYS C 597 23.16 -65.83 18.06
C LYS C 597 22.68 -64.37 18.01
N ALA C 598 21.37 -64.17 17.89
CA ALA C 598 20.78 -62.83 17.92
C ALA C 598 19.46 -62.85 18.69
N TYR C 599 19.30 -61.92 19.64
CA TYR C 599 18.14 -61.94 20.52
C TYR C 599 17.11 -60.87 20.17
N ILE C 600 15.98 -61.27 19.60
CA ILE C 600 14.85 -60.36 19.46
C ILE C 600 13.61 -60.92 20.12
N THR C 601 13.16 -60.20 21.13
CA THR C 601 11.88 -60.46 21.75
C THR C 601 11.05 -59.20 21.52
N ASP C 602 9.78 -59.40 21.21
CA ASP C 602 8.82 -58.30 21.14
C ASP C 602 9.00 -57.26 20.00
N ALA C 603 9.52 -57.68 18.85
CA ALA C 603 9.53 -56.82 17.67
C ALA C 603 8.09 -56.48 17.25
N LYS C 604 7.81 -55.22 16.99
CA LYS C 604 6.48 -54.87 16.53
C LYS C 604 6.25 -55.23 15.06
N VAL C 605 5.20 -56.02 14.80
CA VAL C 605 4.86 -56.46 13.45
C VAL C 605 3.58 -55.81 12.99
N LYS C 606 3.59 -55.29 11.77
CA LYS C 606 2.41 -54.69 11.18
C LYS C 606 2.23 -55.31 9.79
N GLY C 607 0.99 -55.42 9.34
CA GLY C 607 0.74 -56.01 8.04
C GLY C 607 -0.70 -55.89 7.58
N GLY C 608 -0.99 -56.39 6.39
CA GLY C 608 -2.34 -56.30 5.87
C GLY C 608 -2.76 -57.49 5.04
N PHE C 609 -4.03 -57.51 4.67
CA PHE C 609 -4.54 -58.50 3.73
C PHE C 609 -4.72 -57.85 2.35
N TYR C 610 -4.35 -58.58 1.31
CA TYR C 610 -4.25 -57.97 0.00
C TYR C 610 -5.07 -58.69 -1.06
N GLY C 611 -5.65 -57.90 -1.96
CA GLY C 611 -6.44 -58.43 -3.06
C GLY C 611 -7.76 -58.97 -2.60
N PRO C 612 -8.62 -59.36 -3.56
CA PRO C 612 -9.99 -59.79 -3.25
C PRO C 612 -10.01 -60.97 -2.30
N LYS C 613 -10.94 -60.92 -1.35
CA LYS C 613 -11.12 -62.01 -0.41
C LYS C 613 -9.82 -62.44 0.31
N ALA C 614 -8.93 -61.49 0.52
CA ALA C 614 -7.70 -61.73 1.25
C ALA C 614 -6.89 -62.85 0.61
N GLU C 615 -6.77 -62.83 -0.71
CA GLU C 615 -6.03 -63.86 -1.40
C GLU C 615 -4.57 -63.88 -0.97
N GLU C 616 -4.08 -62.73 -0.51
CA GLU C 616 -2.68 -62.59 -0.13
C GLU C 616 -2.53 -61.89 1.22
N LEU C 617 -1.43 -62.14 1.92
CA LEU C 617 -1.08 -61.32 3.09
C LEU C 617 0.42 -60.94 3.09
N GLY C 618 0.75 -59.84 3.73
CA GLY C 618 2.13 -59.41 3.82
C GLY C 618 2.32 -58.63 5.09
N GLY C 619 3.57 -58.32 5.45
CA GLY C 619 3.86 -57.60 6.67
C GLY C 619 5.35 -57.36 6.87
N TRP C 620 5.69 -56.65 7.94
CA TRP C 620 7.06 -56.28 8.20
C TRP C 620 7.26 -55.84 9.65
N PHE C 621 8.53 -55.85 10.07
CA PHE C 621 8.93 -55.23 11.33
C PHE C 621 10.40 -54.82 11.26
N ALA C 622 10.74 -53.78 12.03
CA ALA C 622 12.13 -53.36 12.22
C ALA C 622 12.37 -53.38 13.72
N TYR C 623 13.63 -53.37 14.15
CA TYR C 623 13.93 -53.57 15.57
C TYR C 623 15.42 -53.37 15.81
N PRO C 624 15.76 -52.69 16.93
CA PRO C 624 14.80 -52.19 17.92
C PRO C 624 14.09 -50.89 17.52
N GLY C 625 12.92 -50.67 18.11
CA GLY C 625 12.24 -49.38 18.06
C GLY C 625 12.17 -48.78 19.46
N ALA C 642 22.00 -55.04 22.90
CA ALA C 642 20.89 -55.75 22.27
C ALA C 642 21.14 -56.01 20.79
N SER C 643 20.18 -56.67 20.14
CA SER C 643 20.28 -57.12 18.75
C SER C 643 19.49 -56.20 17.83
N SER C 644 19.42 -56.53 16.54
CA SER C 644 18.58 -55.78 15.60
C SER C 644 18.14 -56.61 14.39
N ALA C 645 17.00 -56.25 13.79
CA ALA C 645 16.55 -56.93 12.58
C ALA C 645 15.62 -56.09 11.70
N THR C 646 15.61 -56.39 10.40
CA THR C 646 14.55 -55.90 9.53
C THR C 646 14.05 -57.03 8.64
N VAL C 647 12.74 -57.18 8.56
CA VAL C 647 12.13 -58.22 7.75
C VAL C 647 10.84 -57.74 7.06
N VAL C 648 10.68 -58.10 5.78
CA VAL C 648 9.39 -58.00 5.10
C VAL C 648 9.03 -59.37 4.56
N PHE C 649 7.76 -59.74 4.68
CA PHE C 649 7.29 -61.04 4.21
C PHE C 649 5.96 -60.95 3.46
N GLY C 650 5.68 -61.93 2.62
CA GLY C 650 4.37 -62.01 1.98
C GLY C 650 4.04 -63.44 1.63
N ALA C 651 2.75 -63.74 1.59
CA ALA C 651 2.31 -65.13 1.48
C ALA C 651 0.98 -65.22 0.74
N LYS C 652 0.71 -66.40 0.19
CA LYS C 652 -0.51 -66.60 -0.57
C LYS C 652 -1.46 -67.58 0.15
N ARG C 653 -2.75 -67.46 -0.13
CA ARG C 653 -3.74 -68.28 0.54
C ARG C 653 -3.83 -69.65 -0.11
N GLN C 654 -3.54 -70.68 0.69
CA GLN C 654 -3.55 -72.09 0.26
C GLN C 654 -4.94 -72.68 0.16
N GLN C 655 -5.06 -73.77 -0.58
CA GLN C 655 -6.30 -74.55 -0.56
C GLN C 655 -6.27 -75.54 0.60
N PRO C 656 -7.46 -75.99 1.03
CA PRO C 656 -7.54 -76.98 2.11
C PRO C 656 -7.41 -78.43 1.61
N VAL C 657 -6.21 -78.91 1.22
CA VAL C 657 -6.12 -80.14 0.41
C VAL C 657 -6.99 -81.34 0.87
N GLN C 658 -7.58 -81.97 -0.13
CA GLN C 658 -8.77 -82.82 -0.07
C GLN C 658 -9.96 -81.98 -0.53
N ASP D 3 16.82 13.49 2.10
CA ASP D 3 17.78 14.48 1.63
C ASP D 3 17.82 14.48 0.11
N LYS D 4 17.07 15.39 -0.50
CA LYS D 4 16.95 15.42 -1.96
C LYS D 4 18.03 16.34 -2.53
N THR D 5 18.96 15.69 -3.20
CA THR D 5 20.22 16.31 -3.55
C THR D 5 20.60 15.91 -4.96
N VAL D 6 20.90 16.89 -5.79
CA VAL D 6 21.30 16.61 -7.15
C VAL D 6 22.81 16.62 -7.18
N ARG D 7 23.42 15.51 -7.56
CA ARG D 7 24.86 15.48 -7.61
C ARG D 7 25.23 15.83 -9.04
N TRP D 8 25.79 17.00 -9.22
CA TRP D 8 26.18 17.46 -10.54
C TRP D 8 27.60 17.03 -10.87
N CYS D 9 27.85 16.72 -12.13
CA CYS D 9 29.16 16.21 -12.46
C CYS D 9 30.02 17.29 -13.13
N ALA D 10 31.24 17.47 -12.65
CA ALA D 10 32.09 18.50 -13.21
C ALA D 10 33.28 17.90 -13.92
N VAL D 11 33.66 18.48 -15.04
CA VAL D 11 34.70 17.92 -15.87
C VAL D 11 36.08 18.54 -15.68
N SER D 12 36.14 19.57 -14.85
CA SER D 12 37.41 20.27 -14.60
C SER D 12 37.37 21.05 -13.29
N GLU D 13 38.54 21.41 -12.76
CA GLU D 13 38.53 22.13 -11.50
C GLU D 13 37.79 23.47 -11.61
N HIS D 14 37.95 24.11 -12.77
CA HIS D 14 37.24 25.32 -13.04
C HIS D 14 35.74 25.09 -12.96
N GLU D 15 35.28 24.01 -13.59
CA GLU D 15 33.88 23.65 -13.47
C GLU D 15 33.52 23.41 -12.00
N ALA D 16 34.38 22.67 -11.30
CA ALA D 16 34.07 22.26 -9.95
C ALA D 16 33.85 23.49 -9.09
N THR D 17 34.68 24.49 -9.27
CA THR D 17 34.50 25.68 -8.46
C THR D 17 33.24 26.50 -8.86
N LYS D 18 32.90 26.54 -10.14
CA LYS D 18 31.62 27.12 -10.53
C LYS D 18 30.44 26.35 -9.90
N CYS D 19 30.55 25.04 -9.85
CA CYS D 19 29.50 24.22 -9.28
C CYS D 19 29.35 24.60 -7.80
N GLN D 20 30.46 24.77 -7.11
CA GLN D 20 30.39 25.05 -5.68
C GLN D 20 29.76 26.42 -5.38
N SER D 21 30.01 27.36 -6.26
CA SER D 21 29.41 28.66 -6.19
C SER D 21 27.92 28.52 -6.38
N PHE D 22 27.57 27.64 -7.33
CA PHE D 22 26.21 27.29 -7.65
C PHE D 22 25.57 26.74 -6.40
N ARG D 23 26.18 25.70 -5.83
CA ARG D 23 25.65 25.10 -4.62
C ARG D 23 25.37 26.11 -3.53
N ASP D 24 26.37 26.92 -3.21
CA ASP D 24 26.26 27.87 -2.11
C ASP D 24 25.20 28.95 -2.35
N HIS D 25 25.05 29.36 -3.60
CA HIS D 25 24.06 30.36 -3.87
C HIS D 25 22.64 29.81 -3.84
N MET D 26 22.45 28.59 -4.33
CA MET D 26 21.14 27.95 -4.23
C MET D 26 20.67 27.86 -2.77
N LYS D 27 21.60 27.55 -1.86
CA LYS D 27 21.25 27.36 -0.45
C LYS D 27 20.60 28.59 0.17
N SER D 28 20.93 29.75 -0.40
CA SER D 28 20.44 31.03 0.09
C SER D 28 19.01 31.33 -0.40
N VAL D 29 18.55 30.51 -1.33
CA VAL D 29 17.29 30.71 -2.02
C VAL D 29 16.30 29.55 -1.75
N ILE D 30 16.66 28.35 -2.17
CA ILE D 30 15.90 27.14 -1.83
C ILE D 30 15.78 26.97 -0.33
N PRO D 31 14.58 26.58 0.15
CA PRO D 31 14.42 26.32 1.58
C PRO D 31 15.25 25.12 2.01
N SER D 32 15.66 25.05 3.28
CA SER D 32 16.55 23.99 3.74
C SER D 32 16.06 22.61 3.28
N ASP D 33 14.77 22.38 3.47
CA ASP D 33 14.12 21.11 3.20
C ASP D 33 14.14 20.68 1.73
N GLY D 34 14.44 21.62 0.84
CA GLY D 34 14.34 21.35 -0.59
C GLY D 34 15.63 20.99 -1.33
N PRO D 35 15.57 20.97 -2.67
CA PRO D 35 16.67 20.49 -3.52
C PRO D 35 17.97 21.26 -3.29
N SER D 36 19.07 20.54 -3.14
CA SER D 36 20.39 21.17 -3.00
C SER D 36 21.41 20.60 -3.98
N VAL D 37 22.49 21.32 -4.22
CA VAL D 37 23.53 20.81 -5.10
C VAL D 37 24.69 20.11 -4.36
N ALA D 38 25.19 19.03 -4.94
CA ALA D 38 26.43 18.41 -4.50
C ALA D 38 27.33 18.38 -5.73
N CYS D 39 28.57 18.82 -5.59
CA CYS D 39 29.45 18.84 -6.74
C CYS D 39 30.42 17.64 -6.76
N VAL D 40 30.36 16.84 -7.82
CA VAL D 40 31.30 15.72 -7.92
C VAL D 40 32.16 15.87 -9.18
N LYS D 41 33.47 15.86 -8.98
CA LYS D 41 34.41 16.12 -10.05
C LYS D 41 35.04 14.89 -10.69
N LYS D 42 35.05 14.86 -12.00
CA LYS D 42 35.51 13.69 -12.72
C LYS D 42 36.49 14.18 -13.77
N ALA D 43 37.19 13.24 -14.40
CA ALA D 43 38.25 13.56 -15.36
C ALA D 43 37.79 14.00 -16.77
N SER D 44 36.55 13.73 -17.17
CA SER D 44 36.11 13.84 -18.56
C SER D 44 34.62 13.53 -18.67
N TYR D 45 34.00 13.88 -19.79
CA TYR D 45 32.56 13.64 -19.92
C TYR D 45 32.20 12.16 -19.81
N LEU D 46 33.05 11.31 -20.39
CA LEU D 46 32.90 9.87 -20.31
C LEU D 46 32.81 9.45 -18.87
N ASP D 47 33.81 9.83 -18.09
CA ASP D 47 33.81 9.55 -16.65
C ASP D 47 32.53 10.00 -15.95
N CYS D 48 32.02 11.17 -16.32
CA CYS D 48 30.78 11.68 -15.77
C CYS D 48 29.64 10.77 -16.15
N ILE D 49 29.58 10.40 -17.43
CA ILE D 49 28.51 9.54 -17.88
C ILE D 49 28.53 8.24 -17.08
N ARG D 50 29.70 7.67 -16.92
CA ARG D 50 29.82 6.45 -16.18
C ARG D 50 29.41 6.62 -14.72
N ALA D 51 29.83 7.73 -14.13
CA ALA D 51 29.44 8.04 -12.75
C ALA D 51 27.92 8.10 -12.59
N ILE D 52 27.24 8.82 -13.49
CA ILE D 52 25.80 8.85 -13.45
C ILE D 52 25.21 7.45 -13.56
N ALA D 53 25.78 6.63 -14.44
CA ALA D 53 25.26 5.29 -14.63
C ALA D 53 25.51 4.44 -13.40
N ALA D 54 26.58 4.77 -12.68
CA ALA D 54 26.97 4.04 -11.47
C ALA D 54 26.29 4.55 -10.22
N ASN D 55 25.39 5.51 -10.39
CA ASN D 55 24.70 6.12 -9.27
C ASN D 55 25.70 6.68 -8.28
N GLU D 56 26.85 7.10 -8.82
CA GLU D 56 27.77 7.98 -8.08
C GLU D 56 27.57 9.47 -8.32
N ALA D 57 26.74 9.81 -9.31
CA ALA D 57 26.36 11.19 -9.56
C ALA D 57 25.03 11.22 -10.30
N ASP D 58 24.54 12.42 -10.58
CA ASP D 58 23.17 12.56 -11.02
C ASP D 58 23.02 13.16 -12.39
N ALA D 59 23.51 14.37 -12.58
CA ALA D 59 23.34 15.05 -13.86
C ALA D 59 24.66 15.54 -14.48
N VAL D 60 24.67 15.76 -15.80
CA VAL D 60 25.77 16.43 -16.53
C VAL D 60 25.22 17.03 -17.84
N THR D 61 25.82 18.07 -18.38
CA THR D 61 25.31 18.63 -19.64
C THR D 61 26.22 18.31 -20.80
N LEU D 62 25.62 17.74 -21.85
CA LEU D 62 26.37 17.16 -22.97
C LEU D 62 26.07 17.83 -24.30
N ASP D 63 27.03 17.77 -25.22
CA ASP D 63 26.73 18.11 -26.60
C ASP D 63 25.97 16.90 -27.20
N ALA D 64 25.52 17.00 -28.45
CA ALA D 64 24.72 15.92 -29.05
C ALA D 64 25.43 14.58 -29.08
N GLY D 65 26.63 14.55 -29.65
CA GLY D 65 27.38 13.32 -29.78
C GLY D 65 27.52 12.59 -28.46
N LEU D 66 27.65 13.32 -27.36
CA LEU D 66 27.80 12.62 -26.10
C LEU D 66 26.46 12.15 -25.56
N VAL D 67 25.39 12.84 -25.93
CA VAL D 67 24.06 12.37 -25.54
C VAL D 67 23.93 10.94 -26.10
N TYR D 68 24.33 10.77 -27.37
CA TYR D 68 24.20 9.47 -28.01
C TYR D 68 25.03 8.43 -27.24
N ASP D 69 26.27 8.79 -26.92
CA ASP D 69 27.11 7.87 -26.21
C ASP D 69 26.48 7.49 -24.88
N ALA D 70 25.91 8.49 -24.20
CA ALA D 70 25.30 8.31 -22.89
C ALA D 70 24.12 7.35 -22.96
N TYR D 71 23.44 7.33 -24.10
CA TYR D 71 22.26 6.50 -24.28
C TYR D 71 22.61 5.02 -24.42
N LEU D 72 23.83 4.74 -24.88
CA LEU D 72 24.19 3.35 -25.18
C LEU D 72 24.42 2.52 -23.93
N ALA D 73 24.19 1.23 -24.05
CA ALA D 73 24.55 0.34 -22.98
C ALA D 73 26.06 0.43 -22.74
N PRO D 74 26.50 0.18 -21.50
CA PRO D 74 25.73 0.03 -20.27
C PRO D 74 25.15 1.31 -19.70
N ASN D 75 25.48 2.46 -20.25
CA ASN D 75 25.08 3.68 -19.55
C ASN D 75 23.59 3.97 -19.45
N ASN D 76 22.87 3.79 -20.55
CA ASN D 76 21.43 4.01 -20.58
C ASN D 76 21.04 5.28 -19.82
N LEU D 77 21.44 6.41 -20.39
CA LEU D 77 21.13 7.71 -19.84
C LEU D 77 20.18 8.39 -20.82
N LYS D 78 19.39 9.35 -20.33
CA LYS D 78 18.40 10.01 -21.16
C LYS D 78 18.46 11.51 -21.00
N PRO D 79 18.10 12.24 -22.06
CA PRO D 79 17.89 13.69 -21.96
C PRO D 79 16.68 14.03 -21.06
N VAL D 80 16.89 15.00 -20.18
CA VAL D 80 15.90 15.45 -19.19
C VAL D 80 15.65 16.96 -19.24
N VAL D 81 16.70 17.76 -19.04
CA VAL D 81 16.58 19.20 -19.27
C VAL D 81 17.35 19.73 -20.52
N ALA D 82 16.79 20.76 -21.16
CA ALA D 82 17.41 21.37 -22.33
C ALA D 82 17.82 22.82 -22.06
N GLU D 83 19.02 23.20 -22.46
CA GLU D 83 19.36 24.61 -22.57
C GLU D 83 18.67 25.21 -23.78
N PHE D 84 18.12 26.41 -23.63
CA PHE D 84 17.59 27.12 -24.80
C PHE D 84 18.26 28.46 -24.99
N TYR D 85 18.15 28.98 -26.21
CA TYR D 85 18.98 30.09 -26.64
C TYR D 85 18.15 31.22 -27.19
N GLY D 86 18.65 32.44 -27.01
CA GLY D 86 18.31 33.53 -27.91
C GLY D 86 17.03 34.25 -27.57
N SER D 87 16.12 33.56 -26.88
CA SER D 87 14.86 34.20 -26.47
C SER D 87 13.92 33.28 -25.73
N LYS D 88 13.02 33.89 -24.95
CA LYS D 88 12.04 33.18 -24.13
C LYS D 88 10.80 32.77 -24.94
N GLU D 89 10.34 33.70 -25.78
CA GLU D 89 9.12 33.49 -26.56
C GLU D 89 9.35 32.54 -27.74
N ASP D 90 10.57 32.57 -28.29
CA ASP D 90 10.98 31.69 -29.38
C ASP D 90 12.36 31.10 -29.08
N PRO D 91 12.42 30.18 -28.09
CA PRO D 91 13.64 29.52 -27.61
C PRO D 91 14.22 28.58 -28.62
N GLN D 92 15.54 28.57 -28.80
CA GLN D 92 16.12 27.61 -29.73
C GLN D 92 16.73 26.51 -28.91
N THR D 93 16.08 25.37 -28.90
CA THR D 93 16.69 24.22 -28.26
C THR D 93 17.63 23.53 -29.25
N PHE D 94 17.22 23.57 -30.51
CA PHE D 94 17.88 22.83 -31.57
C PHE D 94 18.44 23.72 -32.64
N TYR D 95 19.41 23.21 -33.37
CA TYR D 95 19.77 23.84 -34.61
C TYR D 95 19.67 22.81 -35.69
N TYR D 96 19.65 23.28 -36.93
CA TYR D 96 19.54 22.39 -38.05
C TYR D 96 20.79 22.45 -38.88
N ALA D 97 21.38 21.28 -39.09
CA ALA D 97 22.48 21.13 -40.02
C ALA D 97 21.84 21.09 -41.40
N VAL D 98 22.30 21.96 -42.30
CA VAL D 98 21.76 22.00 -43.65
C VAL D 98 22.88 21.85 -44.66
N ALA D 99 22.48 21.50 -45.87
CA ALA D 99 23.40 21.52 -46.98
C ALA D 99 22.95 22.60 -47.97
N VAL D 100 23.70 23.71 -48.03
CA VAL D 100 23.26 24.82 -48.88
C VAL D 100 24.04 24.84 -50.21
N VAL D 101 23.30 25.13 -51.27
CA VAL D 101 23.86 25.13 -52.63
C VAL D 101 23.36 26.35 -53.40
N LYS D 102 23.98 26.60 -54.55
CA LYS D 102 23.53 27.71 -55.39
C LYS D 102 22.29 27.37 -56.20
N LYS D 103 21.54 28.39 -56.57
CA LYS D 103 20.29 28.18 -57.26
C LYS D 103 20.54 27.56 -58.64
N ASP D 104 19.67 26.66 -59.06
CA ASP D 104 19.73 26.10 -60.41
C ASP D 104 21.05 25.45 -60.75
N SER D 105 21.77 24.95 -59.75
CA SER D 105 23.02 24.24 -60.05
C SER D 105 22.76 22.76 -60.31
N GLY D 106 21.49 22.36 -60.24
CA GLY D 106 21.05 21.09 -60.78
C GLY D 106 21.74 19.82 -60.36
N PHE D 107 21.81 19.58 -59.06
CA PHE D 107 22.22 18.27 -58.55
C PHE D 107 21.55 18.07 -57.19
N GLN D 108 21.32 16.82 -56.83
CA GLN D 108 20.64 16.50 -55.58
C GLN D 108 21.62 15.81 -54.64
N MET D 109 21.15 15.38 -53.48
CA MET D 109 22.04 14.80 -52.47
C MET D 109 22.71 13.51 -52.95
N ASN D 110 21.99 12.70 -53.70
CA ASN D 110 22.54 11.46 -54.23
C ASN D 110 23.34 11.68 -55.50
N GLN D 111 23.43 12.93 -55.92
CA GLN D 111 24.30 13.34 -57.02
C GLN D 111 25.66 13.96 -56.56
N LEU D 112 25.91 13.96 -55.25
CA LEU D 112 27.11 14.60 -54.71
C LEU D 112 28.48 14.05 -55.12
N ARG D 113 28.56 12.79 -55.47
CA ARG D 113 29.85 12.28 -55.86
C ARG D 113 30.38 13.17 -56.97
N GLY D 114 31.65 13.57 -56.84
CA GLY D 114 32.33 14.35 -57.86
C GLY D 114 32.28 15.85 -57.69
N LYS D 115 31.43 16.32 -56.79
CA LYS D 115 31.27 17.76 -56.60
C LYS D 115 32.31 18.34 -55.64
N LYS D 116 32.32 19.65 -55.48
CA LYS D 116 33.28 20.33 -54.63
C LYS D 116 32.63 20.76 -53.34
N SER D 117 33.20 20.38 -52.19
CA SER D 117 32.53 20.64 -50.91
C SER D 117 33.24 21.66 -50.01
N CYS D 118 32.42 22.41 -49.28
CA CYS D 118 32.89 23.34 -48.24
C CYS D 118 32.40 22.93 -46.84
N HIS D 119 33.34 22.66 -45.91
CA HIS D 119 32.94 22.29 -44.55
C HIS D 119 33.42 23.30 -43.55
N THR D 120 32.75 23.35 -42.40
CA THR D 120 33.09 24.33 -41.40
C THR D 120 34.38 23.94 -40.78
N GLY D 121 34.55 22.63 -40.57
CA GLY D 121 35.82 22.08 -40.17
C GLY D 121 35.66 20.65 -39.77
N LEU D 122 36.78 19.96 -39.76
CA LEU D 122 36.73 18.54 -39.53
C LEU D 122 36.38 18.26 -38.07
N GLY D 123 35.53 17.27 -37.88
CA GLY D 123 35.06 16.90 -36.57
C GLY D 123 34.00 17.81 -36.01
N ARG D 124 33.58 18.80 -36.78
CA ARG D 124 32.45 19.64 -36.42
C ARG D 124 31.18 18.85 -36.76
N SER D 125 30.07 19.17 -36.10
CA SER D 125 28.85 18.39 -36.31
C SER D 125 28.15 18.64 -37.65
N ALA D 126 27.57 19.80 -37.82
CA ALA D 126 26.98 20.14 -39.11
C ALA D 126 28.05 20.17 -40.20
N GLY D 127 29.25 20.64 -39.87
CA GLY D 127 30.28 20.80 -40.86
C GLY D 127 30.77 19.47 -41.40
N TRP D 128 30.86 18.48 -40.52
CA TRP D 128 31.54 17.26 -40.88
C TRP D 128 30.77 15.98 -40.53
N ASN D 129 30.61 15.72 -39.25
CA ASN D 129 30.08 14.44 -38.80
C ASN D 129 28.73 14.08 -39.42
N ILE D 130 27.81 15.05 -39.46
CA ILE D 130 26.51 14.80 -40.04
C ILE D 130 26.59 14.52 -41.55
N PRO D 131 27.15 15.47 -42.32
CA PRO D 131 27.08 15.20 -43.76
C PRO D 131 27.87 13.93 -44.15
N ILE D 132 29.02 13.68 -43.50
CA ILE D 132 29.84 12.55 -43.91
C ILE D 132 29.18 11.26 -43.46
N GLY D 133 28.64 11.27 -42.24
CA GLY D 133 27.89 10.13 -41.76
C GLY D 133 26.68 9.76 -42.61
N LEU D 134 25.94 10.74 -43.12
CA LEU D 134 24.81 10.44 -44.00
C LEU D 134 25.29 10.00 -45.39
N LEU D 135 26.51 10.38 -45.75
CA LEU D 135 27.06 10.01 -47.06
C LEU D 135 27.89 8.73 -46.99
N TYR D 136 28.03 8.21 -45.78
CA TYR D 136 29.06 7.23 -45.46
C TYR D 136 29.03 6.06 -46.41
N CYS D 137 27.83 5.61 -46.74
CA CYS D 137 27.73 4.44 -47.58
C CYS D 137 28.00 4.81 -49.03
N ASP D 138 27.93 6.08 -49.37
CA ASP D 138 28.16 6.52 -50.75
C ASP D 138 29.65 6.62 -51.02
N LEU D 139 30.44 6.65 -49.96
CA LEU D 139 31.91 6.73 -50.06
C LEU D 139 32.47 5.44 -50.59
N PRO D 140 33.50 5.53 -51.44
CA PRO D 140 34.17 4.38 -52.06
C PRO D 140 35.00 3.60 -51.05
N GLU D 141 35.15 2.29 -51.24
CA GLU D 141 35.93 1.53 -50.28
C GLU D 141 37.40 1.51 -50.70
N PRO D 142 38.33 1.43 -49.73
CA PRO D 142 38.09 1.32 -48.29
C PRO D 142 37.61 2.64 -47.68
N ARG D 143 36.65 2.54 -46.76
CA ARG D 143 36.11 3.71 -46.11
C ARG D 143 36.99 4.07 -44.90
N LYS D 144 37.96 3.22 -44.60
CA LYS D 144 38.93 3.48 -43.53
C LYS D 144 40.32 3.69 -44.12
N PRO D 145 40.99 4.82 -43.79
CA PRO D 145 40.55 5.94 -42.94
C PRO D 145 39.62 6.93 -43.65
N LEU D 146 38.76 7.54 -42.84
CA LEU D 146 37.63 8.28 -43.35
C LEU D 146 38.05 9.43 -44.27
N GLU D 147 39.01 10.25 -43.81
CA GLU D 147 39.46 11.40 -44.60
C GLU D 147 39.88 11.00 -46.03
N LYS D 148 40.56 9.85 -46.17
CA LYS D 148 40.96 9.36 -47.49
C LYS D 148 39.75 9.07 -48.37
N ALA D 149 38.75 8.42 -47.77
CA ALA D 149 37.52 8.07 -48.48
C ALA D 149 36.87 9.35 -48.93
N VAL D 150 36.70 10.31 -48.01
CA VAL D 150 36.03 11.54 -48.36
C VAL D 150 36.76 12.26 -49.48
N ALA D 151 38.08 12.23 -49.41
CA ALA D 151 38.91 12.85 -50.45
C ALA D 151 38.71 12.16 -51.79
N ASN D 152 38.28 10.91 -51.78
CA ASN D 152 37.99 10.29 -53.05
C ASN D 152 36.57 10.48 -53.56
N PHE D 153 35.71 10.94 -52.67
CA PHE D 153 34.29 11.12 -52.99
C PHE D 153 34.07 12.45 -53.69
N PHE D 154 34.41 13.54 -53.01
CA PHE D 154 34.40 14.84 -53.65
C PHE D 154 35.58 14.99 -54.61
N SER D 155 35.44 15.87 -55.60
CA SER D 155 36.52 16.19 -56.50
C SER D 155 37.55 17.11 -55.83
N GLY D 156 37.12 17.82 -54.80
CA GLY D 156 38.00 18.73 -54.08
C GLY D 156 37.20 19.43 -53.00
N SER D 157 37.88 19.95 -51.98
CA SER D 157 37.15 20.48 -50.84
C SER D 157 37.88 21.56 -50.12
N CYS D 158 37.20 22.07 -49.11
CA CYS D 158 37.84 22.77 -48.04
C CYS D 158 37.40 22.09 -46.76
N ALA D 159 38.34 21.45 -46.07
CA ALA D 159 38.00 20.72 -44.89
C ALA D 159 38.97 21.18 -43.86
N PRO D 160 38.70 22.33 -43.23
CA PRO D 160 39.64 22.89 -42.26
C PRO D 160 39.95 21.87 -41.18
N CYS D 161 41.21 21.80 -40.76
CA CYS D 161 41.63 20.87 -39.74
C CYS D 161 41.85 19.48 -40.27
N ALA D 162 41.51 19.24 -41.54
CA ALA D 162 41.77 17.94 -42.18
C ALA D 162 43.26 17.71 -42.36
N ASP D 163 43.69 16.48 -42.56
CA ASP D 163 45.12 16.33 -42.73
C ASP D 163 45.40 16.42 -44.24
N GLY D 164 45.92 17.57 -44.62
CA GLY D 164 46.11 17.90 -46.02
C GLY D 164 47.39 17.25 -46.53
N THR D 165 48.38 17.05 -45.65
CA THR D 165 49.59 16.40 -46.07
C THR D 165 49.21 15.03 -46.63
N ASP D 166 48.42 14.25 -45.90
CA ASP D 166 48.12 12.90 -46.38
C ASP D 166 47.05 12.90 -47.45
N PHE D 167 46.11 13.83 -47.36
CA PHE D 167 44.95 13.83 -48.26
C PHE D 167 44.74 15.21 -48.85
N PRO D 168 45.58 15.54 -49.84
CA PRO D 168 45.70 16.87 -50.44
C PRO D 168 44.38 17.46 -50.91
N GLN D 169 43.55 16.68 -51.59
CA GLN D 169 42.36 17.24 -52.22
C GLN D 169 41.35 17.78 -51.19
N LEU D 170 41.51 17.40 -49.92
CA LEU D 170 40.69 17.95 -48.83
C LEU D 170 40.95 19.43 -48.55
N CYS D 171 42.16 19.88 -48.87
CA CYS D 171 42.58 21.28 -48.73
C CYS D 171 42.51 22.04 -50.04
N GLN D 172 42.08 21.39 -51.11
CA GLN D 172 42.16 21.99 -52.45
C GLN D 172 41.56 23.37 -52.61
N LEU D 173 40.47 23.64 -51.90
CA LEU D 173 39.84 24.96 -51.93
C LEU D 173 40.32 25.93 -50.84
N CYS D 174 41.07 25.41 -49.87
CA CYS D 174 41.74 26.22 -48.87
C CYS D 174 43.07 25.60 -48.56
N PRO D 175 44.05 25.77 -49.46
CA PRO D 175 45.32 25.05 -49.29
C PRO D 175 45.92 25.19 -47.88
N GLY D 176 46.36 24.06 -47.32
CA GLY D 176 46.90 24.05 -45.98
C GLY D 176 45.84 23.65 -44.99
N CYS D 177 44.59 23.84 -45.38
CA CYS D 177 43.46 23.41 -44.55
C CYS D 177 43.48 24.12 -43.19
N GLY D 178 43.75 25.42 -43.18
CA GLY D 178 43.98 26.13 -41.93
C GLY D 178 42.87 26.03 -40.92
N CYS D 179 43.23 25.72 -39.67
CA CYS D 179 42.27 25.46 -38.61
C CYS D 179 41.81 26.69 -37.81
N SER D 180 42.19 27.86 -38.26
CA SER D 180 41.84 29.09 -37.57
C SER D 180 41.11 30.06 -38.51
N THR D 181 40.47 31.06 -37.94
CA THR D 181 39.83 32.12 -38.75
C THR D 181 40.79 32.85 -39.68
N LEU D 182 42.09 32.68 -39.51
CA LEU D 182 43.06 33.20 -40.49
C LEU D 182 42.76 32.61 -41.87
N ASN D 183 42.07 31.47 -41.88
CA ASN D 183 41.70 30.78 -43.10
C ASN D 183 40.35 31.33 -43.48
N GLN D 184 40.27 32.02 -44.59
CA GLN D 184 39.05 32.75 -44.95
C GLN D 184 37.83 31.84 -45.08
N TYR D 185 38.07 30.54 -45.27
CA TYR D 185 37.04 29.54 -45.44
C TYR D 185 36.70 28.72 -44.19
N PHE D 186 37.34 29.04 -43.08
CA PHE D 186 37.18 28.27 -41.86
C PHE D 186 35.89 28.64 -41.16
N GLY D 187 35.31 27.68 -40.43
CA GLY D 187 34.10 27.94 -39.66
C GLY D 187 32.82 28.03 -40.48
N TYR D 188 31.75 28.52 -39.86
CA TYR D 188 30.45 28.60 -40.54
C TYR D 188 30.41 29.59 -41.68
N SER D 189 30.70 30.84 -41.36
CA SER D 189 30.84 31.87 -42.35
C SER D 189 31.83 31.42 -43.42
N GLY D 190 32.96 30.84 -42.99
CA GLY D 190 34.02 30.46 -43.87
C GLY D 190 33.47 29.60 -44.98
N ALA D 191 32.69 28.60 -44.56
CA ALA D 191 32.17 27.60 -45.49
C ALA D 191 31.20 28.25 -46.44
N PHE D 192 30.33 29.08 -45.89
CA PHE D 192 29.40 29.82 -46.73
C PHE D 192 30.08 30.76 -47.75
N LYS D 193 31.11 31.47 -47.31
CA LYS D 193 31.89 32.30 -48.20
C LYS D 193 32.59 31.44 -49.27
N CYS D 194 32.90 30.20 -48.92
CA CYS D 194 33.47 29.27 -49.89
C CYS D 194 32.45 28.96 -51.00
N LEU D 195 31.17 28.88 -50.63
CA LEU D 195 30.14 28.59 -51.61
C LEU D 195 29.82 29.84 -52.44
N LYS D 196 29.76 30.98 -51.76
CA LYS D 196 29.49 32.26 -52.42
C LYS D 196 30.62 32.67 -53.37
N ASP D 197 31.86 32.46 -52.95
CA ASP D 197 33.03 32.75 -53.77
C ASP D 197 33.01 31.93 -55.06
N GLY D 198 32.19 30.89 -55.07
CA GLY D 198 32.21 29.93 -56.16
C GLY D 198 33.34 28.91 -56.06
N ALA D 199 33.99 28.83 -54.90
CA ALA D 199 35.03 27.85 -54.69
C ALA D 199 34.43 26.45 -54.77
N GLY D 200 33.45 26.18 -53.91
CA GLY D 200 32.73 24.92 -53.92
C GLY D 200 31.30 24.91 -54.48
N ASP D 201 30.78 23.71 -54.71
CA ASP D 201 29.40 23.48 -55.10
C ASP D 201 28.37 23.43 -53.95
N VAL D 202 28.82 23.05 -52.77
CA VAL D 202 27.93 22.82 -51.64
C VAL D 202 28.65 23.19 -50.32
N ALA D 203 27.88 23.75 -49.38
CA ALA D 203 28.40 24.17 -48.09
C ALA D 203 27.64 23.47 -46.98
N PHE D 204 28.33 22.85 -46.04
CA PHE D 204 27.63 22.18 -44.93
C PHE D 204 27.71 23.03 -43.68
N VAL D 205 26.58 23.65 -43.34
CA VAL D 205 26.56 24.71 -42.34
C VAL D 205 25.25 24.55 -41.59
N LYS D 206 24.87 25.53 -40.79
CA LYS D 206 23.60 25.41 -40.10
C LYS D 206 22.66 26.48 -40.62
N HIS D 207 21.37 26.29 -40.41
CA HIS D 207 20.37 27.20 -40.97
C HIS D 207 20.68 28.68 -40.73
N SER D 208 21.14 29.04 -39.54
CA SER D 208 21.35 30.44 -39.25
C SER D 208 22.49 31.05 -40.09
N THR D 209 23.39 30.22 -40.61
CA THR D 209 24.58 30.72 -41.30
C THR D 209 24.18 31.65 -42.44
N ILE D 210 23.18 31.23 -43.20
N ILE D 210 23.18 31.19 -43.18
CA ILE D 210 22.78 31.93 -44.43
CA ILE D 210 22.73 31.83 -44.39
C ILE D 210 21.98 33.19 -44.15
C ILE D 210 22.12 33.20 -44.09
N PHE D 211 21.42 33.29 -42.96
CA PHE D 211 20.84 34.55 -42.53
C PHE D 211 21.87 35.53 -41.92
N GLU D 212 22.84 34.99 -41.21
CA GLU D 212 23.84 35.85 -40.58
C GLU D 212 24.63 36.54 -41.71
N ASN D 213 24.36 36.10 -42.93
CA ASN D 213 24.96 36.69 -44.10
CA ASN D 213 24.96 36.71 -44.12
C ASN D 213 23.96 37.40 -45.05
N LEU D 214 22.98 36.67 -45.58
CA LEU D 214 21.98 37.38 -46.39
C LEU D 214 20.69 37.66 -45.60
N ALA D 215 20.46 38.92 -45.27
CA ALA D 215 19.34 39.26 -44.37
C ALA D 215 18.03 39.49 -45.11
N ASN D 216 18.08 39.47 -46.43
CA ASN D 216 16.89 39.69 -47.25
C ASN D 216 16.56 38.47 -48.13
N LYS D 217 15.31 38.03 -48.07
CA LYS D 217 14.87 37.04 -49.02
C LYS D 217 15.14 37.66 -50.38
N ALA D 218 15.82 36.91 -51.24
CA ALA D 218 16.39 37.42 -52.50
C ALA D 218 17.84 37.96 -52.72
N ASP D 219 18.73 38.14 -51.75
CA ASP D 219 20.04 37.61 -52.12
C ASP D 219 20.08 36.15 -51.65
N ARG D 220 19.13 35.84 -50.76
CA ARG D 220 18.93 34.49 -50.22
C ARG D 220 18.22 33.69 -51.29
N ASP D 221 17.69 34.38 -52.26
CA ASP D 221 16.97 33.69 -53.31
C ASP D 221 17.94 33.17 -54.37
N GLN D 222 19.21 33.46 -54.16
CA GLN D 222 20.27 32.99 -55.03
C GLN D 222 20.70 31.58 -54.63
N TYR D 223 20.06 31.04 -53.59
CA TYR D 223 20.53 29.82 -52.93
C TYR D 223 19.37 28.92 -52.54
N GLU D 224 19.64 27.63 -52.46
CA GLU D 224 18.65 26.66 -52.00
C GLU D 224 19.28 25.66 -51.06
N LEU D 225 18.45 24.76 -50.56
CA LEU D 225 18.92 23.72 -49.64
C LEU D 225 18.69 22.32 -50.22
N LEU D 226 19.66 21.43 -50.06
CA LEU D 226 19.51 20.03 -50.48
C LEU D 226 18.72 19.27 -49.43
N CYS D 227 17.71 18.53 -49.86
CA CYS D 227 16.84 17.75 -48.96
C CYS D 227 17.21 16.27 -49.10
N LEU D 228 17.02 15.51 -48.02
CA LEU D 228 17.36 14.09 -48.04
C LEU D 228 16.50 13.21 -48.95
N ASP D 229 15.40 13.76 -49.46
CA ASP D 229 14.54 13.07 -50.44
C ASP D 229 15.01 13.37 -51.86
N ASN D 230 16.13 14.06 -51.98
CA ASN D 230 16.70 14.42 -53.28
C ASN D 230 15.91 15.44 -54.10
N THR D 231 15.34 16.41 -53.38
CA THR D 231 14.87 17.64 -54.00
C THR D 231 15.52 18.80 -53.30
N ARG D 232 15.25 20.01 -53.76
CA ARG D 232 15.78 21.21 -53.13
C ARG D 232 14.64 22.12 -52.69
N LYS D 233 14.82 22.78 -51.54
CA LYS D 233 13.86 23.77 -51.10
C LYS D 233 14.58 25.09 -50.87
N PRO D 234 13.80 26.20 -50.80
CA PRO D 234 14.37 27.52 -50.51
C PRO D 234 15.03 27.52 -49.13
N VAL D 235 15.97 28.43 -48.90
CA VAL D 235 16.67 28.41 -47.63
C VAL D 235 15.73 28.63 -46.45
N ASP D 236 14.68 29.42 -46.63
CA ASP D 236 13.73 29.65 -45.52
C ASP D 236 12.97 28.39 -45.08
N GLU D 237 13.06 27.33 -45.86
CA GLU D 237 12.29 26.10 -45.62
C GLU D 237 13.02 25.07 -44.77
N TYR D 238 14.17 25.46 -44.21
CA TYR D 238 15.08 24.52 -43.58
C TYR D 238 14.46 23.52 -42.58
N LYS D 239 13.45 23.96 -41.83
CA LYS D 239 12.74 23.06 -40.91
C LYS D 239 12.26 21.82 -41.65
N ASP D 240 11.79 22.03 -42.88
CA ASP D 240 11.36 20.96 -43.78
C ASP D 240 12.44 20.37 -44.68
N CYS D 241 13.54 21.07 -44.85
CA CYS D 241 14.62 20.50 -45.65
C CYS D 241 15.92 20.66 -44.87
N HIS D 242 16.45 19.56 -44.33
CA HIS D 242 17.67 19.61 -43.51
C HIS D 242 18.38 18.29 -43.41
N LEU D 243 19.65 18.32 -43.05
CA LEU D 243 20.41 17.06 -42.91
C LEU D 243 20.15 16.40 -41.57
N ALA D 244 20.13 17.17 -40.49
CA ALA D 244 19.78 16.63 -39.18
C ALA D 244 19.30 17.72 -38.27
N GLN D 245 18.50 17.37 -37.28
CA GLN D 245 18.09 18.34 -36.28
C GLN D 245 18.82 18.02 -34.96
N VAL D 246 19.63 18.93 -34.45
CA VAL D 246 20.42 18.58 -33.29
C VAL D 246 20.18 19.52 -32.10
N PRO D 247 20.05 18.93 -30.91
CA PRO D 247 19.93 19.65 -29.66
C PRO D 247 21.28 20.26 -29.20
N SER D 248 21.30 21.53 -28.80
CA SER D 248 22.57 22.21 -28.52
C SER D 248 23.28 21.72 -27.29
N HIS D 249 22.61 21.81 -26.15
CA HIS D 249 23.21 21.36 -24.94
C HIS D 249 22.16 20.70 -24.08
N THR D 250 22.40 19.47 -23.66
CA THR D 250 21.35 18.71 -22.99
C THR D 250 21.81 18.14 -21.66
N VAL D 251 21.05 18.37 -20.61
CA VAL D 251 21.39 17.70 -19.37
C VAL D 251 20.75 16.30 -19.34
N VAL D 252 21.56 15.30 -19.00
CA VAL D 252 21.09 13.92 -19.02
C VAL D 252 21.18 13.31 -17.62
N ALA D 253 20.30 12.32 -17.37
CA ALA D 253 20.28 11.57 -16.12
C ALA D 253 20.07 10.07 -16.41
N ARG D 254 20.04 9.26 -15.38
CA ARG D 254 19.67 7.86 -15.53
C ARG D 254 18.24 7.70 -16.04
N SER D 255 17.98 6.61 -16.77
CA SER D 255 16.64 6.38 -17.31
C SER D 255 15.74 5.97 -16.20
N MET D 256 16.20 5.02 -15.40
CA MET D 256 15.44 4.57 -14.23
C MET D 256 16.07 5.14 -12.97
N GLY D 257 15.25 5.68 -12.07
CA GLY D 257 15.74 6.28 -10.84
C GLY D 257 16.69 7.46 -11.09
N GLY D 258 16.48 8.18 -12.18
CA GLY D 258 17.38 9.24 -12.57
C GLY D 258 17.26 10.55 -11.82
N LYS D 259 16.17 10.73 -11.07
CA LYS D 259 15.84 12.00 -10.39
C LYS D 259 15.46 13.18 -11.31
N GLU D 260 14.79 12.91 -12.43
CA GLU D 260 14.51 13.99 -13.39
C GLU D 260 13.72 15.14 -12.75
N ASP D 261 12.83 14.79 -11.83
CA ASP D 261 12.01 15.75 -11.12
C ASP D 261 12.86 16.73 -10.33
N LEU D 262 13.68 16.18 -9.44
CA LEU D 262 14.61 16.95 -8.63
C LEU D 262 15.51 17.86 -9.47
N ILE D 263 16.09 17.31 -10.53
CA ILE D 263 16.90 18.11 -11.43
C ILE D 263 16.10 19.25 -12.03
N TRP D 264 14.92 18.96 -12.58
CA TRP D 264 14.14 20.03 -13.14
C TRP D 264 13.72 21.04 -12.08
N GLU D 265 13.41 20.60 -10.87
CA GLU D 265 13.02 21.58 -9.86
C GLU D 265 14.19 22.49 -9.58
N LEU D 266 15.35 21.89 -9.47
CA LEU D 266 16.58 22.59 -9.18
C LEU D 266 16.95 23.57 -10.30
N LEU D 267 16.95 23.12 -11.54
CA LEU D 267 17.32 24.01 -12.61
C LEU D 267 16.30 25.12 -12.76
N ASN D 268 15.02 24.78 -12.65
CA ASN D 268 13.99 25.80 -12.84
C ASN D 268 14.12 26.92 -11.81
N GLN D 269 14.34 26.55 -10.56
CA GLN D 269 14.52 27.56 -9.51
C GLN D 269 15.79 28.37 -9.74
N ALA D 270 16.82 27.71 -10.27
CA ALA D 270 18.11 28.35 -10.48
C ALA D 270 18.01 29.40 -11.59
N GLN D 271 17.34 29.06 -12.68
CA GLN D 271 17.18 30.05 -13.74
C GLN D 271 16.35 31.24 -13.25
N GLU D 272 15.40 30.98 -12.37
CA GLU D 272 14.54 32.05 -11.88
C GLU D 272 15.34 33.13 -11.17
N HIS D 273 16.18 32.70 -10.22
CA HIS D 273 17.09 33.58 -9.49
C HIS D 273 18.43 33.96 -10.13
N PHE D 274 19.13 32.96 -10.65
CA PHE D 274 20.43 33.19 -11.27
C PHE D 274 20.57 33.21 -12.81
N GLY D 275 19.45 33.07 -13.53
CA GLY D 275 19.49 32.94 -14.98
C GLY D 275 19.81 34.26 -15.67
N LYS D 276 19.52 34.37 -16.97
CA LYS D 276 19.97 35.53 -17.70
C LYS D 276 19.48 36.82 -17.03
N ASP D 277 20.43 37.68 -16.68
CA ASP D 277 20.11 39.02 -16.15
C ASP D 277 19.42 39.04 -14.80
N LYS D 278 19.10 37.88 -14.26
CA LYS D 278 18.37 37.79 -13.00
C LYS D 278 19.10 38.29 -11.75
N SER D 279 20.41 38.07 -11.65
CA SER D 279 21.13 38.47 -10.43
C SER D 279 22.56 38.97 -10.62
N LYS D 280 22.95 39.97 -9.84
CA LYS D 280 24.32 40.45 -9.81
C LYS D 280 25.23 39.54 -8.96
N GLU D 281 24.63 38.86 -7.98
CA GLU D 281 25.36 38.02 -7.06
C GLU D 281 25.94 36.79 -7.75
N PHE D 282 25.15 36.12 -8.57
CA PHE D 282 25.60 34.92 -9.25
C PHE D 282 24.99 34.77 -10.65
N GLN D 283 25.82 34.41 -11.62
CA GLN D 283 25.29 34.14 -12.96
C GLN D 283 25.50 32.67 -13.24
N LEU D 284 24.42 31.96 -13.50
CA LEU D 284 24.47 30.58 -13.88
C LEU D 284 25.13 30.45 -15.26
N PHE D 285 24.86 31.41 -16.11
CA PHE D 285 25.28 31.37 -17.50
C PHE D 285 26.57 32.08 -17.86
N SER D 286 27.31 32.55 -16.88
CA SER D 286 28.69 32.93 -17.15
C SER D 286 29.60 32.45 -16.02
N SER D 287 30.91 32.48 -16.21
CA SER D 287 31.78 32.59 -15.03
C SER D 287 33.06 33.33 -15.32
N PRO D 288 33.63 33.91 -14.28
CA PRO D 288 34.98 34.47 -14.34
C PRO D 288 36.02 33.41 -14.69
N HIS D 289 35.85 32.21 -14.14
CA HIS D 289 36.90 31.21 -14.17
C HIS D 289 37.26 30.75 -15.60
N GLY D 290 36.27 30.70 -16.50
CA GLY D 290 36.51 30.28 -17.86
C GLY D 290 35.27 30.47 -18.73
N LYS D 291 35.28 29.78 -19.88
CA LYS D 291 34.14 29.81 -20.81
C LYS D 291 33.28 28.54 -20.69
N ASP D 292 31.97 28.71 -20.83
CA ASP D 292 31.02 27.60 -20.90
C ASP D 292 31.16 26.54 -19.81
N LEU D 293 31.18 26.97 -18.55
CA LEU D 293 31.32 26.05 -17.45
C LEU D 293 29.95 25.56 -16.94
N LEU D 294 29.75 24.24 -17.03
CA LEU D 294 28.51 23.54 -16.72
C LEU D 294 27.32 23.79 -17.66
N PHE D 295 27.34 24.89 -18.41
CA PHE D 295 26.29 25.23 -19.36
C PHE D 295 26.92 26.17 -20.35
N LYS D 296 26.34 26.33 -21.53
CA LYS D 296 26.90 27.29 -22.47
C LYS D 296 26.59 28.71 -22.00
N ASP D 297 27.56 29.61 -22.18
CA ASP D 297 27.45 30.97 -21.71
C ASP D 297 26.31 31.71 -22.41
N SER D 298 25.89 31.18 -23.55
CA SER D 298 24.88 31.82 -24.38
C SER D 298 23.49 31.29 -24.05
N ALA D 299 23.42 30.36 -23.11
CA ALA D 299 22.12 29.88 -22.62
C ALA D 299 21.27 31.02 -22.10
N HIS D 300 20.02 31.08 -22.57
CA HIS D 300 19.05 32.00 -21.97
C HIS D 300 18.15 31.38 -20.92
N GLY D 301 18.18 30.06 -20.83
CA GLY D 301 17.34 29.39 -19.86
C GLY D 301 17.29 27.89 -20.04
N PHE D 302 16.36 27.25 -19.32
CA PHE D 302 16.17 25.80 -19.35
C PHE D 302 14.73 25.43 -19.72
N LEU D 303 14.56 24.40 -20.55
CA LEU D 303 13.24 23.79 -20.76
C LEU D 303 13.23 22.37 -20.23
N LYS D 304 12.09 21.91 -19.73
CA LYS D 304 11.99 20.50 -19.35
C LYS D 304 11.72 19.62 -20.58
N VAL D 305 12.44 18.51 -20.67
CA VAL D 305 12.27 17.57 -21.77
C VAL D 305 11.17 16.62 -21.39
N PRO D 306 10.15 16.48 -22.26
CA PRO D 306 8.97 15.64 -21.97
C PRO D 306 9.38 14.20 -21.67
N PRO D 307 8.66 13.56 -20.73
CA PRO D 307 8.96 12.21 -20.24
C PRO D 307 9.07 11.18 -21.37
N ARG D 308 8.15 11.20 -22.32
CA ARG D 308 8.16 10.20 -23.39
C ARG D 308 9.50 10.12 -24.13
N MET D 309 10.23 11.22 -24.17
CA MET D 309 11.46 11.23 -24.95
C MET D 309 12.52 10.27 -24.42
N ASP D 310 13.32 9.74 -25.35
CA ASP D 310 14.50 8.96 -25.07
C ASP D 310 15.57 9.46 -26.04
N ALA D 311 16.82 9.05 -25.83
CA ALA D 311 17.90 9.65 -26.60
C ALA D 311 17.71 9.55 -28.13
N LYS D 312 17.28 8.39 -28.61
CA LYS D 312 17.07 8.21 -30.05
C LYS D 312 16.02 9.17 -30.61
N MET D 313 14.91 9.31 -29.87
CA MET D 313 13.82 10.16 -30.29
C MET D 313 14.15 11.64 -30.28
N TYR D 314 14.97 12.02 -29.30
CA TYR D 314 15.40 13.39 -29.09
C TYR D 314 16.41 13.84 -30.15
N LEU D 315 17.38 12.98 -30.46
CA LEU D 315 18.37 13.33 -31.47
C LEU D 315 17.73 13.27 -32.85
N GLY D 316 16.77 12.37 -33.03
CA GLY D 316 16.11 12.25 -34.31
C GLY D 316 16.68 11.21 -35.27
N TYR D 317 15.85 10.72 -36.19
CA TYR D 317 16.25 9.69 -37.14
C TYR D 317 17.57 10.02 -37.87
N GLU D 318 17.62 11.19 -38.52
CA GLU D 318 18.76 11.53 -39.36
C GLU D 318 20.05 11.60 -38.57
N TYR D 319 20.01 12.28 -37.44
CA TYR D 319 21.21 12.36 -36.61
C TYR D 319 21.73 10.99 -36.24
N VAL D 320 20.86 10.16 -35.69
CA VAL D 320 21.25 8.81 -35.31
C VAL D 320 21.76 7.97 -36.50
N THR D 321 21.16 8.15 -37.66
CA THR D 321 21.65 7.44 -38.83
C THR D 321 23.09 7.82 -39.13
N ALA D 322 23.36 9.12 -39.10
CA ALA D 322 24.70 9.62 -39.45
C ALA D 322 25.71 9.17 -38.43
N ILE D 323 25.37 9.30 -37.16
CA ILE D 323 26.32 8.91 -36.14
C ILE D 323 26.56 7.39 -36.04
N ARG D 324 25.52 6.59 -36.14
CA ARG D 324 25.70 5.13 -36.21
C ARG D 324 26.52 4.71 -37.41
N ASN D 325 26.33 5.35 -38.55
CA ASN D 325 27.12 5.02 -39.72
C ASN D 325 28.56 5.21 -39.34
N LEU D 326 28.84 6.31 -38.66
CA LEU D 326 30.22 6.63 -38.30
C LEU D 326 30.82 5.73 -37.23
N ARG D 327 30.06 5.39 -36.18
CA ARG D 327 30.56 4.51 -35.13
C ARG D 327 30.62 3.03 -35.54
N GLU D 328 29.53 2.51 -36.10
CA GLU D 328 29.44 1.10 -36.47
C GLU D 328 30.18 0.82 -37.76
N GLY D 329 29.75 1.47 -38.83
CA GLY D 329 30.48 1.43 -40.08
C GLY D 329 29.99 0.33 -40.98
N THR D 330 28.79 -0.15 -40.72
CA THR D 330 28.24 -1.19 -41.55
C THR D 330 27.46 -0.58 -42.71
N CYS D 331 27.79 -1.02 -43.92
CA CYS D 331 27.05 -0.61 -45.11
C CYS D 331 26.40 -1.82 -45.79
N PRO D 332 25.21 -1.64 -46.36
CA PRO D 332 24.54 -2.72 -47.11
C PRO D 332 25.30 -3.06 -48.39
N GLU D 333 25.48 -4.35 -48.70
CA GLU D 333 26.29 -4.74 -49.86
C GLU D 333 25.73 -4.37 -51.24
N ALA D 334 24.42 -4.55 -51.47
CA ALA D 334 23.58 -5.54 -50.85
C ALA D 334 22.76 -5.87 -52.06
N PRO D 335 23.41 -6.46 -53.08
CA PRO D 335 22.96 -6.31 -54.47
C PRO D 335 21.53 -6.79 -54.79
N THR D 336 20.76 -5.89 -55.40
CA THR D 336 21.21 -4.50 -55.58
C THR D 336 20.13 -3.44 -55.35
N ASP D 337 20.36 -2.46 -54.48
CA ASP D 337 19.96 -1.09 -54.82
C ASP D 337 18.49 -0.86 -55.28
N GLU D 338 17.57 -1.74 -54.85
CA GLU D 338 16.13 -1.52 -55.02
C GLU D 338 15.38 -1.86 -53.74
N CYS D 339 14.06 -1.80 -53.80
CA CYS D 339 13.25 -1.69 -52.59
C CYS D 339 13.49 -2.81 -51.57
N LYS D 340 13.80 -2.40 -50.36
CA LYS D 340 14.06 -3.33 -49.27
C LYS D 340 12.74 -3.72 -48.62
N PRO D 341 12.75 -4.82 -47.85
CA PRO D 341 11.56 -5.30 -47.13
C PRO D 341 10.93 -4.18 -46.31
N VAL D 342 9.61 -4.01 -46.40
CA VAL D 342 8.91 -3.03 -45.59
C VAL D 342 8.62 -3.67 -44.24
N LYS D 343 9.07 -3.05 -43.15
CA LYS D 343 8.80 -3.61 -41.85
C LYS D 343 7.51 -3.00 -41.33
N TRP D 344 6.48 -3.83 -41.28
CA TRP D 344 5.16 -3.42 -40.82
C TRP D 344 5.10 -3.49 -39.29
N CYS D 345 4.42 -2.54 -38.67
CA CYS D 345 4.32 -2.55 -37.22
C CYS D 345 2.95 -3.03 -36.76
N ALA D 346 2.93 -4.13 -36.01
CA ALA D 346 1.68 -4.78 -35.55
C ALA D 346 1.35 -4.42 -34.11
N LEU D 347 0.03 -4.34 -33.80
CA LEU D 347 -0.46 -4.07 -32.45
C LEU D 347 -0.69 -5.37 -31.66
N SER D 348 0.16 -5.61 -30.68
CA SER D 348 0.17 -6.84 -29.86
C SER D 348 0.10 -8.21 -30.64
N HIS D 349 -0.51 -9.23 -30.04
N HIS D 349 -0.51 -9.25 -30.04
CA HIS D 349 -0.38 -10.58 -30.60
CA HIS D 349 -0.38 -10.61 -30.59
C HIS D 349 -1.37 -10.84 -31.71
C HIS D 349 -1.39 -10.88 -31.68
N HIS D 350 -2.53 -10.20 -31.60
CA HIS D 350 -3.58 -10.38 -32.58
C HIS D 350 -3.06 -9.87 -33.92
N GLU D 351 -2.61 -8.63 -33.96
CA GLU D 351 -2.08 -8.10 -35.20
C GLU D 351 -0.79 -8.78 -35.65
N ARG D 352 0.01 -9.22 -34.69
CA ARG D 352 1.30 -9.82 -35.02
C ARG D 352 1.11 -11.13 -35.76
N LEU D 353 0.07 -11.86 -35.39
CA LEU D 353 -0.17 -13.18 -35.99
C LEU D 353 -0.56 -13.08 -37.45
N LYS D 354 -1.38 -12.08 -37.77
CA LYS D 354 -1.81 -11.83 -39.14
C LYS D 354 -0.67 -11.26 -39.97
N CYS D 355 0.10 -10.39 -39.32
CA CYS D 355 1.24 -9.77 -39.98
C CYS D 355 2.23 -10.88 -40.40
N ASP D 356 2.40 -11.90 -39.57
CA ASP D 356 3.33 -12.98 -39.88
C ASP D 356 2.88 -13.72 -41.12
N GLU D 357 1.57 -13.98 -41.19
CA GLU D 357 0.95 -14.64 -42.34
C GLU D 357 1.12 -13.81 -43.62
N TRP D 358 0.95 -12.48 -43.48
CA TRP D 358 1.19 -11.54 -44.58
C TRP D 358 2.63 -11.62 -45.09
N SER D 359 3.57 -11.59 -44.16
CA SER D 359 4.97 -11.70 -44.50
C SER D 359 5.24 -12.97 -45.30
N VAL D 360 4.84 -14.13 -44.77
CA VAL D 360 5.10 -15.38 -45.48
C VAL D 360 4.55 -15.36 -46.92
N ASN D 361 3.38 -14.74 -47.08
CA ASN D 361 2.67 -14.74 -48.35
C ASN D 361 3.24 -13.74 -49.35
N SER D 362 3.85 -12.68 -48.83
CA SER D 362 4.48 -11.67 -49.67
C SER D 362 5.89 -12.09 -50.12
N VAL D 363 6.30 -13.28 -49.67
CA VAL D 363 7.65 -13.83 -49.88
C VAL D 363 8.75 -12.85 -49.50
N GLY D 364 8.60 -12.26 -48.32
CA GLY D 364 9.65 -11.42 -47.78
C GLY D 364 9.58 -9.94 -48.09
N LYS D 365 8.70 -9.55 -49.01
CA LYS D 365 8.52 -8.13 -49.29
C LYS D 365 7.89 -7.40 -48.11
N ILE D 366 7.43 -8.15 -47.12
CA ILE D 366 6.88 -7.57 -45.89
C ILE D 366 7.45 -8.25 -44.64
N GLU D 367 7.83 -7.46 -43.64
CA GLU D 367 8.34 -8.01 -42.39
C GLU D 367 7.61 -7.44 -41.19
N CYS D 368 7.78 -8.09 -40.04
CA CYS D 368 6.92 -7.80 -38.90
C CYS D 368 7.62 -7.31 -37.62
N VAL D 369 7.04 -6.26 -37.03
CA VAL D 369 7.44 -5.76 -35.72
C VAL D 369 6.18 -5.51 -34.89
N SER D 370 6.20 -5.93 -33.62
CA SER D 370 5.08 -5.65 -32.70
C SER D 370 5.43 -4.57 -31.66
N ALA D 371 4.40 -3.82 -31.30
CA ALA D 371 4.45 -2.94 -30.13
C ALA D 371 3.12 -3.14 -29.38
N GLU D 372 3.05 -2.72 -28.13
CA GLU D 372 1.82 -2.93 -27.38
C GLU D 372 0.82 -1.80 -27.53
N THR D 373 1.25 -0.65 -28.03
CA THR D 373 0.33 0.47 -28.28
C THR D 373 0.64 1.15 -29.58
N THR D 374 -0.33 1.88 -30.13
CA THR D 374 -0.14 2.67 -31.34
C THR D 374 0.98 3.73 -31.20
N GLU D 375 0.98 4.47 -30.11
CA GLU D 375 2.03 5.45 -29.95
C GLU D 375 3.38 4.74 -30.01
N ASP D 376 3.49 3.61 -29.31
CA ASP D 376 4.73 2.83 -29.30
C ASP D 376 5.19 2.46 -30.70
N CYS D 377 4.24 2.04 -31.52
CA CYS D 377 4.52 1.66 -32.89
C CYS D 377 4.99 2.88 -33.68
N ILE D 378 4.25 3.98 -33.57
CA ILE D 378 4.59 5.16 -34.31
C ILE D 378 6.04 5.51 -34.03
N ALA D 379 6.40 5.46 -32.75
CA ALA D 379 7.76 5.76 -32.30
C ALA D 379 8.82 4.86 -32.93
N LYS D 380 8.44 3.59 -33.17
CA LYS D 380 9.35 2.66 -33.84
C LYS D 380 9.51 3.02 -35.31
N ILE D 381 8.44 3.53 -35.93
CA ILE D 381 8.54 4.01 -37.29
C ILE D 381 9.50 5.20 -37.35
N MET D 382 9.33 6.14 -36.41
CA MET D 382 10.29 7.24 -36.25
C MET D 382 11.74 6.77 -36.17
N ASN D 383 12.00 5.76 -35.32
CA ASN D 383 13.32 5.12 -35.11
C ASN D 383 14.01 4.57 -36.29
N GLY D 384 13.25 3.93 -37.17
CA GLY D 384 13.81 3.03 -38.15
C GLY D 384 13.52 1.58 -37.82
N GLU D 385 13.15 1.33 -36.56
CA GLU D 385 12.80 -0.02 -36.10
C GLU D 385 11.63 -0.64 -36.88
N ALA D 386 10.72 0.21 -37.32
CA ALA D 386 9.63 -0.19 -38.14
C ALA D 386 9.52 0.80 -39.31
N ASP D 387 8.78 0.41 -40.34
CA ASP D 387 8.62 1.25 -41.53
C ASP D 387 7.23 1.88 -41.63
N ALA D 388 6.18 1.07 -41.68
CA ALA D 388 4.85 1.60 -41.84
C ALA D 388 3.76 0.89 -41.03
N MET D 389 2.62 1.57 -40.88
CA MET D 389 1.42 0.99 -40.32
C MET D 389 0.21 1.82 -40.81
N SER D 390 -1.00 1.27 -40.70
CA SER D 390 -2.20 2.05 -40.95
C SER D 390 -2.75 2.66 -39.65
N LEU D 391 -3.26 3.90 -39.77
CA LEU D 391 -3.65 4.69 -38.61
C LEU D 391 -5.01 5.35 -38.75
N ASP D 392 -5.75 5.35 -37.64
CA ASP D 392 -6.97 6.15 -37.52
C ASP D 392 -6.56 7.61 -37.68
N GLY D 393 -7.40 8.39 -38.34
CA GLY D 393 -7.09 9.77 -38.65
C GLY D 393 -6.53 10.54 -37.46
N GLY D 394 -7.03 10.25 -36.26
CA GLY D 394 -6.52 10.87 -35.05
C GLY D 394 -5.03 10.60 -34.87
N PHE D 395 -4.66 9.37 -35.21
CA PHE D 395 -3.23 9.03 -35.20
C PHE D 395 -2.40 9.46 -36.44
N VAL D 396 -2.98 9.45 -37.65
CA VAL D 396 -2.25 10.11 -38.73
C VAL D 396 -1.99 11.56 -38.34
N TYR D 397 -2.85 12.15 -37.51
CA TYR D 397 -2.58 13.51 -37.01
C TYR D 397 -1.33 13.54 -36.10
N ILE D 398 -1.26 12.64 -35.12
CA ILE D 398 -0.10 12.57 -34.24
C ILE D 398 1.20 12.21 -34.99
N ALA D 399 1.16 11.14 -35.77
CA ALA D 399 2.27 10.77 -36.63
C ALA D 399 2.74 11.97 -37.48
N GLY D 400 1.79 12.80 -37.94
CA GLY D 400 2.14 13.95 -38.74
C GLY D 400 3.03 14.88 -37.94
N LYS D 401 2.62 15.12 -36.70
CA LYS D 401 3.33 16.06 -35.85
C LYS D 401 4.67 15.47 -35.49
N CYS D 402 4.77 14.16 -35.65
CA CYS D 402 6.00 13.44 -35.36
C CYS D 402 6.88 13.27 -36.58
N GLY D 403 6.43 13.81 -37.72
CA GLY D 403 7.25 13.83 -38.93
C GLY D 403 6.98 12.73 -39.93
N LEU D 404 6.09 11.79 -39.59
CA LEU D 404 5.69 10.78 -40.56
C LEU D 404 4.75 11.35 -41.63
N VAL D 405 4.72 10.73 -42.81
CA VAL D 405 3.81 11.18 -43.86
C VAL D 405 2.83 10.10 -44.29
N PRO D 406 1.61 10.52 -44.69
CA PRO D 406 0.64 9.58 -45.25
C PRO D 406 1.04 9.23 -46.69
N VAL D 407 0.81 7.98 -47.06
CA VAL D 407 1.22 7.47 -48.35
C VAL D 407 0.03 6.92 -49.18
N LEU D 408 -0.66 5.91 -48.65
CA LEU D 408 -1.93 5.43 -49.20
C LEU D 408 -3.07 5.57 -48.18
N ALA D 409 -4.30 5.68 -48.68
CA ALA D 409 -5.50 5.81 -47.82
C ALA D 409 -6.41 4.60 -47.92
N GLU D 410 -7.02 4.21 -46.79
CA GLU D 410 -8.04 3.17 -46.81
C GLU D 410 -9.31 3.71 -47.49
N ASN D 411 -9.82 2.98 -48.49
CA ASN D 411 -11.10 3.31 -49.12
C ASN D 411 -12.22 2.33 -48.78
N TYR D 412 -13.28 2.83 -48.17
CA TYR D 412 -14.36 1.97 -47.73
C TYR D 412 -15.52 1.92 -48.74
N ASP D 413 -15.34 2.61 -49.85
CA ASP D 413 -16.40 2.71 -50.83
C ASP D 413 -16.21 1.77 -51.99
N LYS D 414 -17.29 1.05 -52.31
CA LYS D 414 -17.19 -0.03 -53.27
C LYS D 414 -17.41 0.49 -54.69
N SER D 415 -16.36 0.35 -55.49
CA SER D 415 -16.41 0.65 -56.92
C SER D 415 -15.28 -0.05 -57.67
N ASP D 416 -15.28 0.11 -58.99
CA ASP D 416 -14.20 -0.44 -59.80
C ASP D 416 -13.15 0.62 -60.11
N ASN D 417 -13.41 1.83 -59.65
CA ASN D 417 -12.46 2.96 -59.74
C ASN D 417 -11.65 3.16 -58.46
N CYS D 418 -11.78 2.23 -57.53
CA CYS D 418 -11.43 2.45 -56.12
C CYS D 418 -10.10 3.18 -55.86
N GLU D 419 -8.97 2.62 -56.28
CA GLU D 419 -7.67 3.26 -56.04
C GLU D 419 -7.53 4.72 -56.50
N ASP D 420 -8.24 5.08 -57.56
CA ASP D 420 -8.16 6.43 -58.13
C ASP D 420 -9.24 7.42 -57.64
N THR D 421 -10.05 6.99 -56.67
CA THR D 421 -11.25 7.72 -56.24
C THR D 421 -11.15 8.17 -54.77
N PRO D 422 -10.65 9.39 -54.54
CA PRO D 422 -10.61 9.98 -53.20
C PRO D 422 -11.97 9.93 -52.52
N GLU D 423 -11.98 9.69 -51.22
CA GLU D 423 -13.21 9.63 -50.44
C GLU D 423 -13.29 10.83 -49.47
N ALA D 424 -14.50 11.26 -49.14
CA ALA D 424 -14.67 12.39 -48.23
C ALA D 424 -14.48 11.95 -46.78
N GLY D 425 -14.53 10.64 -46.54
CA GLY D 425 -14.43 10.09 -45.21
C GLY D 425 -15.75 9.54 -44.68
N TYR D 426 -15.67 8.78 -43.59
CA TYR D 426 -16.86 8.16 -43.00
C TYR D 426 -17.48 9.10 -41.96
N PHE D 427 -18.48 8.61 -41.23
CA PHE D 427 -19.16 9.46 -40.26
C PHE D 427 -18.97 8.99 -38.84
N ALA D 428 -18.74 9.96 -37.96
CA ALA D 428 -18.74 9.71 -36.53
C ALA D 428 -20.16 9.85 -36.02
N VAL D 429 -20.69 8.78 -35.43
CA VAL D 429 -22.05 8.80 -34.93
C VAL D 429 -22.10 8.47 -33.43
N ALA D 430 -23.17 8.95 -32.79
CA ALA D 430 -23.46 8.59 -31.41
C ALA D 430 -24.58 7.55 -31.42
N VAL D 431 -24.31 6.36 -30.87
CA VAL D 431 -25.28 5.25 -30.92
C VAL D 431 -25.87 4.93 -29.54
N VAL D 432 -27.20 4.88 -29.48
CA VAL D 432 -27.91 4.52 -28.26
C VAL D 432 -28.95 3.44 -28.51
N LYS D 433 -29.37 2.74 -27.44
CA LYS D 433 -30.41 1.74 -27.55
C LYS D 433 -31.74 2.43 -27.80
N LYS D 434 -32.57 1.87 -28.68
CA LYS D 434 -33.92 2.37 -28.90
C LYS D 434 -34.72 2.27 -27.59
N SER D 435 -34.54 1.17 -26.85
CA SER D 435 -35.23 0.96 -25.57
C SER D 435 -35.06 2.13 -24.57
N ALA D 436 -33.86 2.71 -24.54
CA ALA D 436 -33.57 3.87 -23.70
C ALA D 436 -33.86 5.13 -24.49
N SER D 437 -34.85 5.90 -24.05
CA SER D 437 -35.31 7.04 -24.80
C SER D 437 -35.16 8.27 -23.91
N ASP D 438 -35.27 9.44 -24.53
CA ASP D 438 -35.24 10.67 -23.74
C ASP D 438 -33.79 10.99 -23.35
N LEU D 439 -32.91 10.05 -23.64
CA LEU D 439 -31.48 10.36 -23.59
C LEU D 439 -31.07 10.94 -24.96
N THR D 440 -30.56 12.17 -24.92
CA THR D 440 -30.31 12.95 -26.12
C THR D 440 -28.91 13.53 -26.12
N TRP D 441 -28.47 14.05 -27.26
CA TRP D 441 -27.18 14.73 -27.32
C TRP D 441 -27.15 15.92 -26.38
N ASP D 442 -28.33 16.45 -26.09
CA ASP D 442 -28.43 17.64 -25.26
C ASP D 442 -27.91 17.43 -23.82
N ASN D 443 -28.38 16.40 -23.10
CA ASN D 443 -27.65 16.00 -21.91
C ASN D 443 -27.35 14.50 -21.86
N LEU D 444 -26.07 14.19 -22.01
CA LEU D 444 -25.53 12.86 -21.80
C LEU D 444 -24.88 12.78 -20.44
N LYS D 445 -24.89 13.90 -19.73
CA LYS D 445 -24.19 14.00 -18.46
C LYS D 445 -24.70 12.98 -17.45
N GLY D 446 -23.77 12.33 -16.77
CA GLY D 446 -24.10 11.27 -15.83
C GLY D 446 -24.36 9.92 -16.48
N LYS D 447 -24.46 9.89 -17.81
CA LYS D 447 -24.66 8.61 -18.49
C LYS D 447 -23.33 7.88 -18.73
N LYS D 448 -23.41 6.67 -19.29
CA LYS D 448 -22.25 5.76 -19.38
C LYS D 448 -21.80 5.63 -20.84
N SER D 449 -20.51 5.84 -21.08
CA SER D 449 -20.03 5.98 -22.47
C SER D 449 -19.08 4.89 -22.94
N CYS D 450 -19.09 4.68 -24.25
CA CYS D 450 -18.25 3.67 -24.90
C CYS D 450 -17.48 4.30 -26.05
N HIS D 451 -16.15 4.23 -26.02
CA HIS D 451 -15.37 4.84 -27.09
C HIS D 451 -14.51 3.77 -27.76
N THR D 452 -14.16 3.97 -29.02
CA THR D 452 -13.28 3.02 -29.71
C THR D 452 -11.94 2.89 -28.98
N ALA D 453 -11.33 4.04 -28.69
CA ALA D 453 -10.13 4.14 -27.88
C ALA D 453 -9.81 5.62 -27.79
N VAL D 454 -9.01 6.01 -26.82
CA VAL D 454 -8.73 7.42 -26.67
C VAL D 454 -7.90 7.93 -27.87
N GLY D 455 -8.30 9.08 -28.41
CA GLY D 455 -7.49 9.77 -29.39
C GLY D 455 -7.84 9.43 -30.82
N ARG D 456 -8.78 8.50 -30.97
CA ARG D 456 -9.34 8.12 -32.27
C ARG D 456 -10.48 9.04 -32.74
N THR D 457 -10.60 9.20 -34.06
CA THR D 457 -11.62 10.06 -34.66
C THR D 457 -13.07 9.95 -34.13
N ALA D 458 -13.74 8.85 -34.41
CA ALA D 458 -15.14 8.71 -33.99
C ALA D 458 -15.27 8.44 -32.50
N GLY D 459 -14.36 7.65 -31.97
CA GLY D 459 -14.48 7.20 -30.61
C GLY D 459 -14.16 8.29 -29.62
N TRP D 460 -13.29 9.20 -30.05
CA TRP D 460 -12.77 10.21 -29.13
C TRP D 460 -12.82 11.64 -29.66
N ASN D 461 -12.00 11.92 -30.66
CA ASN D 461 -11.75 13.30 -31.08
C ASN D 461 -12.99 14.10 -31.40
N ILE D 462 -13.82 13.58 -32.30
CA ILE D 462 -15.05 14.26 -32.72
C ILE D 462 -15.99 14.51 -31.54
N PRO D 463 -16.45 13.43 -30.90
CA PRO D 463 -17.45 13.60 -29.83
C PRO D 463 -16.91 14.36 -28.62
N MET D 464 -15.65 14.18 -28.26
CA MET D 464 -15.12 14.81 -27.07
C MET D 464 -14.80 16.27 -27.32
N GLY D 465 -14.38 16.58 -28.54
CA GLY D 465 -14.09 17.95 -28.92
C GLY D 465 -15.35 18.78 -28.89
N LEU D 466 -16.43 18.20 -29.39
CA LEU D 466 -17.74 18.82 -29.34
C LEU D 466 -18.17 19.01 -27.90
N LEU D 467 -18.12 17.93 -27.12
CA LEU D 467 -18.45 18.02 -25.70
C LEU D 467 -17.61 19.09 -25.01
N TYR D 468 -16.33 19.16 -25.40
CA TYR D 468 -15.40 20.15 -24.84
C TYR D 468 -15.91 21.57 -25.08
N ASN D 469 -16.34 21.84 -26.30
CA ASN D 469 -16.89 23.14 -26.66
C ASN D 469 -18.13 23.48 -25.86
N LYS D 470 -18.95 22.47 -25.59
CA LYS D 470 -20.12 22.66 -24.74
C LYS D 470 -19.71 22.97 -23.30
N ILE D 471 -18.94 22.07 -22.69
CA ILE D 471 -18.62 22.18 -21.26
C ILE D 471 -17.37 23.02 -20.91
N ASN D 472 -16.55 23.33 -21.91
CA ASN D 472 -15.40 24.23 -21.72
C ASN D 472 -14.39 23.75 -20.67
N HIS D 473 -14.36 22.44 -20.42
CA HIS D 473 -13.39 21.87 -19.48
C HIS D 473 -13.02 20.43 -19.81
N CYS D 474 -11.82 20.03 -19.40
CA CYS D 474 -11.21 18.80 -19.91
C CYS D 474 -11.58 17.47 -19.28
N ARG D 475 -12.19 17.45 -18.10
CA ARG D 475 -12.31 16.16 -17.42
C ARG D 475 -13.63 15.56 -17.83
N PHE D 476 -13.56 14.55 -18.70
CA PHE D 476 -14.75 13.90 -19.20
C PHE D 476 -15.15 12.71 -18.35
N ASP D 477 -14.22 12.26 -17.50
CA ASP D 477 -14.49 11.16 -16.61
C ASP D 477 -15.38 11.68 -15.48
N GLU D 478 -15.32 12.98 -15.24
CA GLU D 478 -16.23 13.63 -14.31
C GLU D 478 -17.60 13.86 -14.93
N PHE D 479 -17.60 14.15 -16.24
CA PHE D 479 -18.84 14.35 -16.99
C PHE D 479 -19.71 13.09 -17.15
N PHE D 480 -19.12 12.01 -17.66
CA PHE D 480 -19.78 10.73 -17.66
C PHE D 480 -19.61 10.06 -16.30
N SER D 481 -20.60 9.28 -15.88
CA SER D 481 -20.47 8.52 -14.64
C SER D 481 -19.36 7.47 -14.76
N GLU D 482 -19.40 6.73 -15.86
CA GLU D 482 -18.50 5.63 -16.11
C GLU D 482 -18.42 5.44 -17.61
N GLY D 483 -17.42 4.69 -18.07
CA GLY D 483 -17.38 4.29 -19.46
C GLY D 483 -16.23 3.38 -19.74
N CYS D 484 -16.07 3.02 -21.00
CA CYS D 484 -14.85 2.38 -21.47
C CYS D 484 -14.21 3.22 -22.58
N ALA D 485 -13.04 3.78 -22.28
CA ALA D 485 -12.27 4.53 -23.25
C ALA D 485 -10.85 3.98 -23.19
N PRO D 486 -10.59 2.95 -23.99
CA PRO D 486 -9.31 2.27 -23.93
C PRO D 486 -8.17 3.26 -24.17
N GLY D 487 -7.09 3.14 -23.39
CA GLY D 487 -6.02 4.10 -23.47
C GLY D 487 -6.16 5.16 -22.39
N SER D 488 -7.24 5.08 -21.60
CA SER D 488 -7.43 5.97 -20.47
C SER D 488 -6.57 5.55 -19.30
N LYS D 489 -6.29 6.49 -18.39
CA LYS D 489 -5.55 6.16 -17.17
C LYS D 489 -6.34 5.05 -16.47
N LYS D 490 -5.66 3.97 -16.09
CA LYS D 490 -6.33 2.76 -15.62
C LYS D 490 -7.24 2.94 -14.39
N ASP D 491 -6.92 3.93 -13.55
CA ASP D 491 -7.73 4.21 -12.34
C ASP D 491 -8.85 5.21 -12.63
N SER D 492 -8.98 5.60 -13.90
CA SER D 492 -10.05 6.49 -14.36
C SER D 492 -11.41 5.79 -14.32
N SER D 493 -12.47 6.60 -14.32
CA SER D 493 -13.83 6.08 -14.39
C SER D 493 -14.13 5.64 -15.81
N LEU D 494 -13.32 6.10 -16.75
CA LEU D 494 -13.52 5.73 -18.13
C LEU D 494 -12.89 4.38 -18.45
N CYS D 495 -12.21 3.80 -17.46
CA CYS D 495 -11.74 2.42 -17.58
C CYS D 495 -12.64 1.39 -16.91
N LYS D 496 -13.68 1.85 -16.21
CA LYS D 496 -14.49 0.97 -15.34
C LYS D 496 -15.41 -0.03 -16.04
N LEU D 497 -15.89 0.31 -17.23
CA LEU D 497 -16.76 -0.61 -17.98
C LEU D 497 -16.00 -1.58 -18.88
N CYS D 498 -14.70 -1.35 -19.04
CA CYS D 498 -13.88 -2.17 -19.92
C CYS D 498 -13.89 -3.66 -19.55
N MET D 499 -13.82 -4.53 -20.56
CA MET D 499 -13.88 -5.96 -20.32
C MET D 499 -12.51 -6.66 -20.20
N GLY D 500 -11.44 -5.88 -20.34
CA GLY D 500 -10.09 -6.41 -20.29
C GLY D 500 -9.83 -7.16 -19.01
N SER D 501 -9.00 -8.20 -19.12
CA SER D 501 -8.73 -9.08 -17.99
C SER D 501 -7.46 -8.64 -17.25
N GLY D 502 -7.58 -8.46 -15.94
CA GLY D 502 -6.45 -8.05 -15.12
C GLY D 502 -5.83 -6.76 -15.62
N LEU D 503 -4.52 -6.79 -15.86
CA LEU D 503 -3.83 -5.61 -16.34
C LEU D 503 -4.23 -5.24 -17.79
N ASN D 504 -4.93 -6.14 -18.48
CA ASN D 504 -5.29 -5.89 -19.87
C ASN D 504 -6.38 -4.84 -19.94
N LEU D 505 -7.08 -4.64 -18.83
CA LEU D 505 -8.24 -3.75 -18.80
C LEU D 505 -7.95 -2.34 -19.30
N CYS D 506 -8.72 -1.92 -20.29
CA CYS D 506 -8.61 -0.57 -20.79
C CYS D 506 -7.36 -0.36 -21.65
N GLU D 507 -6.55 -1.42 -21.79
CA GLU D 507 -5.41 -1.35 -22.70
C GLU D 507 -5.95 -1.05 -24.11
N PRO D 508 -5.27 -0.14 -24.82
CA PRO D 508 -5.74 0.27 -26.16
C PRO D 508 -5.23 -0.67 -27.26
N ASN D 509 -5.47 -1.97 -27.11
CA ASN D 509 -5.22 -2.99 -28.13
C ASN D 509 -6.22 -4.13 -27.99
N ASN D 510 -6.09 -5.17 -28.80
CA ASN D 510 -7.11 -6.19 -28.76
C ASN D 510 -7.17 -7.11 -27.52
N LYS D 511 -6.21 -6.98 -26.61
CA LYS D 511 -6.29 -7.64 -25.33
C LYS D 511 -7.51 -7.13 -24.56
N GLU D 512 -8.06 -6.00 -24.99
CA GLU D 512 -9.27 -5.47 -24.37
C GLU D 512 -10.42 -5.57 -25.35
N GLY D 513 -11.43 -6.36 -25.00
CA GLY D 513 -12.52 -6.64 -25.92
C GLY D 513 -13.45 -5.50 -26.30
N TYR D 514 -13.36 -4.38 -25.57
CA TYR D 514 -14.15 -3.21 -25.91
C TYR D 514 -13.38 -2.20 -26.75
N TYR D 515 -12.15 -2.57 -27.10
CA TYR D 515 -11.29 -1.75 -27.93
C TYR D 515 -11.76 -1.79 -29.37
N GLY D 516 -11.69 -0.66 -30.06
CA GLY D 516 -12.12 -0.59 -31.45
C GLY D 516 -13.61 -0.39 -31.73
N TYR D 517 -13.97 -0.23 -33.00
CA TYR D 517 -15.38 0.06 -33.35
C TYR D 517 -16.33 -1.00 -32.82
N THR D 518 -16.11 -2.25 -33.21
CA THR D 518 -16.95 -3.31 -32.70
C THR D 518 -16.84 -3.42 -31.18
N GLY D 519 -15.63 -3.32 -30.66
CA GLY D 519 -15.42 -3.35 -29.23
C GLY D 519 -16.39 -2.39 -28.56
N ALA D 520 -16.43 -1.16 -29.07
CA ALA D 520 -17.26 -0.09 -28.51
C ALA D 520 -18.75 -0.41 -28.53
N PHE D 521 -19.23 -0.88 -29.68
CA PHE D 521 -20.63 -1.26 -29.82
C PHE D 521 -21.03 -2.40 -28.88
N ARG D 522 -20.17 -3.40 -28.72
CA ARG D 522 -20.43 -4.47 -27.78
C ARG D 522 -20.55 -3.89 -26.38
N CYS D 523 -19.78 -2.84 -26.09
CA CYS D 523 -19.82 -2.15 -24.81
C CYS D 523 -21.21 -1.52 -24.57
N LEU D 524 -21.77 -0.90 -25.60
CA LEU D 524 -23.11 -0.31 -25.51
C LEU D 524 -24.18 -1.39 -25.28
N VAL D 525 -24.15 -2.42 -26.11
CA VAL D 525 -24.96 -3.59 -25.87
C VAL D 525 -24.85 -4.07 -24.41
N GLU D 526 -23.65 -4.50 -24.00
CA GLU D 526 -23.48 -5.16 -22.71
C GLU D 526 -23.46 -4.25 -21.46
N LYS D 527 -22.97 -3.02 -21.59
CA LYS D 527 -22.84 -2.13 -20.42
C LYS D 527 -23.39 -0.70 -20.59
N GLY D 528 -22.84 0.05 -21.53
CA GLY D 528 -23.08 1.49 -21.65
C GLY D 528 -24.38 2.06 -22.20
N ASP D 529 -24.55 3.36 -21.97
CA ASP D 529 -25.66 4.14 -22.53
C ASP D 529 -25.47 4.63 -23.97
N VAL D 530 -24.27 5.06 -24.31
CA VAL D 530 -23.98 5.58 -25.65
C VAL D 530 -22.59 5.15 -26.18
N ALA D 531 -22.53 4.69 -27.42
CA ALA D 531 -21.25 4.30 -28.03
C ALA D 531 -20.84 5.23 -29.16
N PHE D 532 -19.56 5.62 -29.18
CA PHE D 532 -19.03 6.51 -30.23
C PHE D 532 -18.25 5.69 -31.25
N VAL D 533 -18.77 5.58 -32.46
CA VAL D 533 -18.25 4.66 -33.48
C VAL D 533 -18.51 5.21 -34.87
N LYS D 534 -18.04 4.48 -35.88
CA LYS D 534 -18.23 4.85 -37.29
C LYS D 534 -19.64 4.47 -37.73
N HIS D 535 -20.17 5.15 -38.73
CA HIS D 535 -21.54 4.90 -39.09
C HIS D 535 -21.84 3.47 -39.54
N GLN D 536 -20.81 2.74 -39.97
CA GLN D 536 -21.02 1.38 -40.49
C GLN D 536 -21.16 0.31 -39.41
N THR D 537 -20.75 0.64 -38.19
CA THR D 537 -20.59 -0.37 -37.14
C THR D 537 -21.88 -1.15 -36.83
N VAL D 538 -23.00 -0.45 -36.65
CA VAL D 538 -24.22 -1.15 -36.28
C VAL D 538 -24.71 -2.10 -37.39
N PRO D 539 -24.65 -1.67 -38.66
CA PRO D 539 -25.07 -2.61 -39.71
C PRO D 539 -24.07 -3.75 -39.91
N GLN D 540 -22.82 -3.54 -39.55
CA GLN D 540 -21.85 -4.62 -39.68
C GLN D 540 -22.08 -5.68 -38.60
N ASN D 541 -22.47 -5.23 -37.41
CA ASN D 541 -22.65 -6.11 -36.27
C ASN D 541 -24.05 -6.65 -35.93
N THR D 542 -25.03 -6.36 -36.78
CA THR D 542 -26.38 -6.85 -36.55
C THR D 542 -26.80 -7.77 -37.68
N GLY D 543 -28.04 -8.25 -37.63
CA GLY D 543 -28.57 -9.16 -38.63
C GLY D 543 -27.78 -10.43 -38.88
N GLY D 544 -27.09 -10.94 -37.86
CA GLY D 544 -26.29 -12.15 -38.01
C GLY D 544 -24.96 -11.98 -38.76
N LYS D 545 -24.77 -10.80 -39.33
CA LYS D 545 -23.51 -10.51 -40.00
C LYS D 545 -22.30 -10.81 -39.10
N ASN D 546 -22.43 -10.53 -37.81
CA ASN D 546 -21.46 -10.96 -36.80
C ASN D 546 -21.94 -12.26 -36.09
N PRO D 547 -21.22 -13.38 -36.33
CA PRO D 547 -21.56 -14.74 -35.85
C PRO D 547 -21.37 -14.97 -34.32
N ASP D 548 -20.51 -14.17 -33.67
CA ASP D 548 -20.15 -14.40 -32.27
C ASP D 548 -21.35 -14.28 -31.37
N PRO D 549 -21.41 -15.12 -30.32
CA PRO D 549 -22.60 -15.25 -29.47
C PRO D 549 -23.17 -13.89 -29.02
N TRP D 550 -22.34 -12.90 -28.76
CA TRP D 550 -22.86 -11.65 -28.23
C TRP D 550 -23.69 -10.85 -29.24
N ALA D 551 -23.23 -10.79 -30.48
CA ALA D 551 -23.92 -10.06 -31.55
C ALA D 551 -24.79 -10.93 -32.48
N LYS D 552 -24.79 -12.24 -32.25
CA LYS D 552 -25.40 -13.20 -33.16
C LYS D 552 -26.87 -12.87 -33.42
N ASN D 553 -27.60 -12.56 -32.35
CA ASN D 553 -29.03 -12.25 -32.43
C ASN D 553 -29.41 -10.76 -32.47
N LEU D 554 -28.41 -9.88 -32.50
CA LEU D 554 -28.64 -8.43 -32.50
C LEU D 554 -29.39 -7.93 -33.72
N ASN D 555 -30.33 -7.03 -33.50
CA ASN D 555 -31.10 -6.47 -34.61
C ASN D 555 -30.91 -4.96 -34.78
N GLU D 556 -30.79 -4.55 -36.03
CA GLU D 556 -30.45 -3.18 -36.39
C GLU D 556 -31.50 -2.15 -35.95
N LYS D 557 -32.76 -2.55 -36.02
CA LYS D 557 -33.86 -1.66 -35.71
C LYS D 557 -33.90 -1.28 -34.22
N ASP D 558 -33.05 -1.91 -33.43
CA ASP D 558 -33.09 -1.72 -31.99
C ASP D 558 -32.20 -0.56 -31.56
N TYR D 559 -31.59 0.12 -32.53
CA TYR D 559 -30.64 1.18 -32.22
C TYR D 559 -30.96 2.45 -33.00
N GLU D 560 -30.53 3.58 -32.45
CA GLU D 560 -30.76 4.89 -33.04
C GLU D 560 -29.53 5.78 -32.88
N LEU D 561 -29.42 6.79 -33.76
CA LEU D 561 -28.30 7.72 -33.74
C LEU D 561 -28.67 9.06 -33.11
N LEU D 562 -27.76 9.64 -32.32
CA LEU D 562 -28.01 10.93 -31.70
C LEU D 562 -27.64 12.02 -32.68
N CYS D 563 -28.62 12.85 -33.06
CA CYS D 563 -28.38 14.00 -33.93
C CYS D 563 -27.90 15.19 -33.14
N LEU D 564 -27.08 16.03 -33.77
CA LEU D 564 -26.63 17.26 -33.13
C LEU D 564 -27.77 18.18 -32.68
N ASP D 565 -28.88 18.14 -33.39
CA ASP D 565 -29.95 19.10 -33.16
C ASP D 565 -30.86 18.68 -32.01
N GLY D 566 -30.48 17.57 -31.37
CA GLY D 566 -31.19 17.08 -30.19
C GLY D 566 -32.18 15.99 -30.49
N THR D 567 -32.26 15.58 -31.76
CA THR D 567 -33.17 14.50 -32.14
C THR D 567 -32.44 13.17 -32.38
N ARG D 568 -33.23 12.14 -32.69
CA ARG D 568 -32.74 10.79 -32.89
C ARG D 568 -33.26 10.31 -34.25
N LYS D 569 -32.47 9.48 -34.93
CA LYS D 569 -32.89 8.87 -36.19
C LYS D 569 -32.32 7.44 -36.31
N PRO D 570 -33.01 6.55 -37.05
CA PRO D 570 -32.57 5.15 -37.25
C PRO D 570 -31.17 5.09 -37.86
N VAL D 571 -30.43 4.00 -37.64
CA VAL D 571 -28.99 4.00 -38.01
C VAL D 571 -28.71 4.17 -39.51
N GLU D 572 -29.71 3.89 -40.35
CA GLU D 572 -29.59 4.10 -41.80
C GLU D 572 -29.55 5.60 -42.17
N GLU D 573 -30.08 6.42 -41.27
CA GLU D 573 -30.32 7.85 -41.46
C GLU D 573 -29.02 8.62 -41.23
N TYR D 574 -27.94 7.89 -41.00
CA TYR D 574 -26.66 8.46 -40.57
C TYR D 574 -26.17 9.63 -41.43
N ALA D 575 -26.58 9.68 -42.69
CA ALA D 575 -26.24 10.81 -43.54
C ALA D 575 -26.81 12.11 -42.95
N ASN D 576 -28.04 12.07 -42.47
CA ASN D 576 -28.63 13.23 -41.81
C ASN D 576 -28.49 13.28 -40.29
N CYS D 577 -28.07 12.20 -39.65
CA CYS D 577 -27.76 12.26 -38.25
C CYS D 577 -26.34 11.84 -38.03
N HIS D 578 -25.47 12.79 -37.72
CA HIS D 578 -24.07 12.43 -37.42
C HIS D 578 -23.37 13.53 -36.62
N LEU D 579 -22.30 13.14 -35.92
CA LEU D 579 -21.53 14.08 -35.13
C LEU D 579 -20.56 14.89 -35.98
N ALA D 580 -19.90 14.20 -36.91
CA ALA D 580 -19.00 14.84 -37.85
C ALA D 580 -18.53 13.88 -38.94
N ARG D 581 -17.71 14.39 -39.85
CA ARG D 581 -17.14 13.59 -40.92
C ARG D 581 -15.71 13.24 -40.57
N ALA D 582 -15.35 11.97 -40.70
CA ALA D 582 -14.02 11.45 -40.33
C ALA D 582 -13.16 11.08 -41.54
N PRO D 583 -11.92 11.60 -41.62
CA PRO D 583 -11.03 11.25 -42.73
C PRO D 583 -10.64 9.77 -42.70
N ASN D 584 -10.64 9.11 -43.85
CA ASN D 584 -10.40 7.67 -43.90
C ASN D 584 -9.06 7.39 -43.23
N HIS D 585 -8.94 6.24 -42.56
CA HIS D 585 -7.67 5.75 -42.01
C HIS D 585 -6.65 5.65 -43.14
N ALA D 586 -5.37 5.89 -42.82
CA ALA D 586 -4.31 5.88 -43.83
C ALA D 586 -2.99 5.24 -43.34
N VAL D 587 -2.21 4.71 -44.27
CA VAL D 587 -0.93 4.14 -43.95
C VAL D 587 0.07 5.26 -43.91
N VAL D 588 0.93 5.26 -42.91
CA VAL D 588 1.96 6.30 -42.81
C VAL D 588 3.39 5.74 -42.72
N THR D 589 4.40 6.52 -43.14
CA THR D 589 5.81 6.11 -43.05
C THR D 589 6.73 7.29 -42.85
N ARG D 590 8.02 6.98 -42.89
CA ARG D 590 9.07 7.99 -42.96
C ARG D 590 9.27 8.47 -44.40
N LYS D 591 9.59 9.74 -44.56
CA LYS D 591 9.77 10.29 -45.90
C LYS D 591 10.67 9.37 -46.76
N ASP D 592 11.71 8.82 -46.13
CA ASP D 592 12.71 8.05 -46.88
C ASP D 592 12.19 6.69 -47.33
N LYS D 593 11.14 6.21 -46.67
CA LYS D 593 10.53 4.94 -47.06
C LYS D 593 9.30 5.07 -47.95
N GLU D 594 8.90 6.31 -48.23
CA GLU D 594 7.61 6.62 -48.85
C GLU D 594 7.44 6.04 -50.25
N ALA D 595 8.47 6.13 -51.09
CA ALA D 595 8.40 5.54 -52.43
C ALA D 595 8.27 4.02 -52.35
N CYS D 596 9.14 3.38 -51.58
CA CYS D 596 9.09 1.92 -51.38
C CYS D 596 7.73 1.41 -50.90
N VAL D 597 7.24 2.02 -49.82
CA VAL D 597 5.97 1.63 -49.26
C VAL D 597 4.79 1.79 -50.25
N HIS D 598 4.76 2.90 -50.98
CA HIS D 598 3.70 3.14 -51.96
C HIS D 598 3.66 2.02 -53.03
N LYS D 599 4.84 1.66 -53.54
CA LYS D 599 4.96 0.67 -54.60
C LYS D 599 4.69 -0.76 -54.13
N ILE D 600 5.19 -1.07 -52.93
CA ILE D 600 5.06 -2.42 -52.38
C ILE D 600 3.63 -2.74 -51.95
N LEU D 601 2.98 -1.77 -51.32
CA LEU D 601 1.59 -1.94 -50.94
C LEU D 601 0.64 -2.04 -52.15
N ARG D 602 0.89 -1.28 -53.21
CA ARG D 602 0.04 -1.37 -54.36
C ARG D 602 0.12 -2.79 -54.94
N GLN D 603 1.32 -3.38 -54.97
CA GLN D 603 1.48 -4.76 -55.44
C GLN D 603 0.81 -5.75 -54.49
N GLN D 604 1.00 -5.53 -53.20
CA GLN D 604 0.49 -6.45 -52.17
C GLN D 604 -1.04 -6.54 -52.16
N GLN D 605 -1.69 -5.39 -52.35
CA GLN D 605 -3.15 -5.36 -52.38
C GLN D 605 -3.70 -5.91 -53.69
N HIS D 606 -2.96 -5.80 -54.77
CA HIS D 606 -3.44 -6.45 -55.98
C HIS D 606 -3.46 -7.96 -55.75
N LEU D 607 -2.50 -8.46 -54.98
CA LEU D 607 -2.49 -9.88 -54.58
C LEU D 607 -3.51 -10.30 -53.52
N PHE D 608 -3.46 -9.65 -52.37
CA PHE D 608 -4.32 -10.03 -51.24
C PHE D 608 -5.58 -9.19 -50.97
N GLY D 609 -5.83 -8.21 -51.82
CA GLY D 609 -6.95 -7.28 -51.61
C GLY D 609 -8.34 -7.88 -51.81
N SER D 610 -9.35 -7.02 -51.73
CA SER D 610 -10.74 -7.49 -51.66
C SER D 610 -11.17 -8.25 -52.94
N ASP D 611 -10.30 -8.26 -53.94
CA ASP D 611 -10.50 -9.10 -55.12
C ASP D 611 -10.40 -10.58 -54.79
N VAL D 612 -9.95 -10.89 -53.58
CA VAL D 612 -9.81 -12.30 -53.19
C VAL D 612 -11.15 -12.83 -52.67
N THR D 613 -11.70 -13.78 -53.41
CA THR D 613 -13.05 -14.26 -53.15
C THR D 613 -13.14 -15.06 -51.86
N ASP D 614 -12.32 -16.10 -51.76
CA ASP D 614 -12.38 -17.06 -50.66
C ASP D 614 -11.29 -16.78 -49.64
N CYS D 615 -11.71 -16.31 -48.47
CA CYS D 615 -10.78 -15.81 -47.47
C CYS D 615 -10.33 -16.87 -46.47
N SER D 616 -10.77 -18.11 -46.68
CA SER D 616 -10.34 -19.22 -45.84
C SER D 616 -9.09 -19.93 -46.37
N GLY D 617 -9.23 -20.57 -47.53
CA GLY D 617 -8.10 -21.23 -48.18
C GLY D 617 -6.95 -20.27 -48.48
N ASN D 618 -7.28 -18.99 -48.62
CA ASN D 618 -6.26 -18.00 -48.97
C ASN D 618 -6.15 -16.89 -47.92
N PHE D 619 -5.19 -15.99 -48.11
CA PHE D 619 -4.97 -14.89 -47.18
C PHE D 619 -5.67 -13.62 -47.69
N CYS D 620 -6.54 -13.03 -46.88
CA CYS D 620 -7.18 -11.76 -47.25
C CYS D 620 -6.63 -10.65 -46.37
N LEU D 621 -5.86 -9.75 -46.97
CA LEU D 621 -5.24 -8.67 -46.22
C LEU D 621 -6.27 -7.82 -45.48
N PHE D 622 -7.47 -7.66 -46.04
CA PHE D 622 -8.45 -6.73 -45.50
C PHE D 622 -9.50 -7.31 -44.54
N ARG D 623 -9.35 -8.56 -44.16
CA ARG D 623 -10.32 -9.16 -43.26
C ARG D 623 -9.69 -9.69 -41.97
N SER D 624 -10.53 -9.75 -40.94
CA SER D 624 -10.20 -10.38 -39.66
C SER D 624 -11.53 -10.58 -38.97
N GLU D 625 -11.56 -11.09 -37.73
CA GLU D 625 -12.86 -11.41 -37.17
C GLU D 625 -13.21 -10.21 -36.34
N THR D 626 -14.05 -9.32 -36.87
CA THR D 626 -14.61 -8.20 -36.10
C THR D 626 -13.53 -7.22 -35.58
N LYS D 627 -12.25 -7.59 -35.70
CA LYS D 627 -11.18 -6.91 -34.95
C LYS D 627 -10.40 -5.82 -35.67
N ASP D 628 -10.69 -5.59 -36.94
CA ASP D 628 -9.94 -4.64 -37.76
C ASP D 628 -8.42 -4.83 -37.65
N LEU D 629 -7.93 -6.05 -37.80
CA LEU D 629 -6.49 -6.28 -37.74
C LEU D 629 -5.69 -5.74 -38.96
N LEU D 630 -4.73 -4.86 -38.64
CA LEU D 630 -3.81 -4.17 -39.55
C LEU D 630 -4.50 -3.17 -40.47
N PHE D 631 -5.82 -3.31 -40.65
CA PHE D 631 -6.62 -2.45 -41.53
C PHE D 631 -8.08 -2.55 -41.12
N ARG D 632 -8.88 -1.55 -41.48
CA ARG D 632 -10.30 -1.69 -41.20
C ARG D 632 -10.85 -2.82 -42.06
N ASP D 633 -11.73 -3.63 -41.47
CA ASP D 633 -12.25 -4.82 -42.12
C ASP D 633 -13.13 -4.49 -43.31
N ASP D 634 -13.59 -3.24 -43.36
CA ASP D 634 -14.38 -2.76 -44.46
C ASP D 634 -13.55 -2.15 -45.58
N THR D 635 -12.22 -2.24 -45.49
CA THR D 635 -11.39 -1.58 -46.50
C THR D 635 -11.53 -2.27 -47.84
N VAL D 636 -11.95 -1.50 -48.82
CA VAL D 636 -12.11 -2.01 -50.18
C VAL D 636 -10.75 -2.02 -50.90
N CYS D 637 -9.94 -0.98 -50.67
CA CYS D 637 -8.62 -0.86 -51.28
C CYS D 637 -7.77 0.21 -50.59
N LEU D 638 -6.53 0.33 -51.05
CA LEU D 638 -5.62 1.40 -50.62
C LEU D 638 -5.45 2.36 -51.78
N ALA D 639 -5.66 3.65 -51.54
CA ALA D 639 -5.81 4.59 -52.64
C ALA D 639 -4.71 5.60 -52.69
N LYS D 640 -4.47 6.09 -53.89
CA LYS D 640 -3.46 7.10 -54.13
C LYS D 640 -3.85 8.42 -53.46
N LEU D 641 -2.89 9.00 -52.75
CA LEU D 641 -3.04 10.31 -52.12
C LEU D 641 -2.79 11.49 -53.06
N HIS D 642 -1.81 11.34 -53.94
CA HIS D 642 -1.33 12.45 -54.74
C HIS D 642 -0.77 13.59 -53.89
N ASP D 643 -1.28 14.81 -54.05
CA ASP D 643 -0.70 16.01 -53.40
C ASP D 643 -0.93 16.03 -51.91
N ARG D 644 -1.72 15.06 -51.46
CA ARG D 644 -2.28 14.99 -50.12
C ARG D 644 -1.33 14.29 -49.14
N ASN D 645 -0.08 14.10 -49.59
CA ASN D 645 1.00 13.44 -48.83
C ASN D 645 1.51 14.03 -47.48
N THR D 646 1.08 15.21 -47.07
CA THR D 646 1.36 15.66 -45.70
C THR D 646 0.12 15.46 -44.83
N TYR D 647 0.29 15.18 -43.54
CA TYR D 647 -0.87 15.00 -42.67
C TYR D 647 -1.89 16.16 -42.70
N GLU D 648 -1.41 17.40 -42.81
CA GLU D 648 -2.30 18.54 -42.86
C GLU D 648 -3.14 18.57 -44.13
N LYS D 649 -2.49 18.25 -45.25
CA LYS D 649 -3.15 18.23 -46.54
C LYS D 649 -4.13 17.09 -46.63
N TYR D 650 -3.75 15.96 -46.02
CA TYR D 650 -4.53 14.74 -46.08
C TYR D 650 -5.82 14.82 -45.24
N LEU D 651 -5.69 15.29 -44.00
CA LEU D 651 -6.79 15.36 -43.06
C LEU D 651 -7.77 16.48 -43.36
N GLY D 652 -7.28 17.53 -44.01
CA GLY D 652 -8.09 18.68 -44.32
C GLY D 652 -7.99 19.72 -43.22
N GLU D 653 -8.32 20.97 -43.56
CA GLU D 653 -8.22 22.05 -42.59
C GLU D 653 -9.20 21.88 -41.45
N GLU D 654 -10.41 21.41 -41.76
CA GLU D 654 -11.47 21.28 -40.76
C GLU D 654 -11.12 20.33 -39.60
N TYR D 655 -10.73 19.10 -39.92
CA TYR D 655 -10.33 18.14 -38.88
C TYR D 655 -9.08 18.57 -38.11
N VAL D 656 -8.13 19.19 -38.78
CA VAL D 656 -6.93 19.59 -38.05
C VAL D 656 -7.24 20.72 -37.07
N LYS D 657 -8.26 21.53 -37.37
CA LYS D 657 -8.66 22.56 -36.41
C LYS D 657 -9.35 21.92 -35.21
N ALA D 658 -10.24 20.96 -35.47
CA ALA D 658 -10.94 20.26 -34.40
C ALA D 658 -9.97 19.55 -33.42
N VAL D 659 -9.05 18.76 -33.95
CA VAL D 659 -8.07 18.09 -33.11
C VAL D 659 -7.22 19.11 -32.32
N GLY D 660 -6.92 20.24 -32.95
CA GLY D 660 -6.15 21.30 -32.32
C GLY D 660 -6.92 21.98 -31.20
N ASN D 661 -8.23 22.14 -31.42
CA ASN D 661 -9.11 22.68 -30.41
C ASN D 661 -9.09 21.79 -29.15
N LEU D 662 -8.70 20.53 -29.33
CA LEU D 662 -8.65 19.57 -28.22
C LEU D 662 -7.26 19.45 -27.56
N ARG D 663 -6.31 20.24 -28.04
CA ARG D 663 -4.93 20.13 -27.59
C ARG D 663 -4.77 20.20 -26.08
N LYS D 664 -5.55 21.05 -25.45
CA LYS D 664 -5.45 21.24 -24.01
C LYS D 664 -5.87 19.99 -23.24
N CYS D 665 -6.61 19.12 -23.90
CA CYS D 665 -7.13 17.94 -23.22
C CYS D 665 -6.26 16.73 -23.47
N SER D 666 -5.22 16.89 -24.26
CA SER D 666 -4.47 15.74 -24.75
C SER D 666 -3.72 15.05 -23.61
N THR D 667 -3.86 13.73 -23.54
CA THR D 667 -3.05 12.91 -22.62
C THR D 667 -1.85 12.30 -23.35
N SER D 668 -1.69 12.62 -24.62
CA SER D 668 -0.70 11.93 -25.45
C SER D 668 0.75 12.31 -25.07
N SER D 669 1.56 11.32 -24.77
CA SER D 669 2.96 11.57 -24.42
C SER D 669 3.78 11.79 -25.66
N LEU D 670 3.48 11.00 -26.67
CA LEU D 670 4.21 11.08 -27.92
C LEU D 670 3.99 12.46 -28.58
N LEU D 671 2.75 12.97 -28.49
CA LEU D 671 2.41 14.24 -29.09
C LEU D 671 3.18 15.33 -28.38
N GLU D 672 3.23 15.23 -27.05
CA GLU D 672 4.04 16.12 -26.22
C GLU D 672 5.50 16.18 -26.66
N ALA D 673 6.11 15.00 -26.79
CA ALA D 673 7.52 14.91 -27.20
C ALA D 673 7.75 15.49 -28.59
N CYS D 674 6.85 15.17 -29.52
CA CYS D 674 7.06 15.59 -30.90
C CYS D 674 6.91 17.10 -31.08
N THR D 675 5.86 17.67 -30.49
CA THR D 675 5.62 19.09 -30.60
C THR D 675 6.74 19.86 -29.90
N PHE D 676 7.49 19.16 -29.04
CA PHE D 676 8.68 19.74 -28.41
C PHE D 676 9.88 19.86 -29.39
N ARG D 677 10.12 18.84 -30.20
CA ARG D 677 11.13 18.97 -31.22
C ARG D 677 10.66 19.98 -32.25
N ARG D 678 9.40 19.87 -32.62
CA ARG D 678 8.83 20.75 -33.64
C ARG D 678 7.45 21.31 -33.30
N PRO D 679 7.41 22.52 -32.71
CA PRO D 679 6.09 23.13 -32.46
C PRO D 679 5.30 23.38 -33.76
#